data_1QHE
# 
_entry.id   1QHE 
# 
_audit_conform.dict_name       mmcif_pdbx.dic 
_audit_conform.dict_version    5.376 
_audit_conform.dict_location   http://mmcif.pdb.org/dictionaries/ascii/mmcif_pdbx.dic 
# 
loop_
_database_2.database_id 
_database_2.database_code 
_database_2.pdbx_database_accession 
_database_2.pdbx_DOI 
PDB   1QHE         pdb_00001qhe 10.2210/pdb1qhe/pdb 
RCSB  RCSB001053   ?            ?                   
WWPDB D_1000001053 ?            ?                   
# 
_pdbx_database_related.db_name        PDB 
_pdbx_database_related.db_id          1FTG 
_pdbx_database_related.content_type   unspecified 
_pdbx_database_related.details        'STRUCTURE OF APOFLAVODOXIN AT PH 6.0' 
# 
_pdbx_database_status.status_code                     REL 
_pdbx_database_status.entry_id                        1QHE 
_pdbx_database_status.recvd_initial_deposition_date   1999-05-12 
_pdbx_database_status.deposit_site                    PDBE 
_pdbx_database_status.process_site                    RCSB 
_pdbx_database_status.SG_entry                        . 
_pdbx_database_status.status_code_sf                  ? 
_pdbx_database_status.status_code_mr                  ? 
_pdbx_database_status.pdb_format_compatible           Y 
_pdbx_database_status.status_code_cs                  ? 
_pdbx_database_status.status_code_nmr_data            ? 
_pdbx_database_status.methods_development_category    ? 
# 
loop_
_audit_author.name 
_audit_author.pdbx_ordinal 
'Romero, A.'          1 
'Fernandez-Recio, J.' 2 
'Sancho, J.'          3 
# 
loop_
_citation.id 
_citation.title 
_citation.journal_abbrev 
_citation.journal_volume 
_citation.page_first 
_citation.page_last 
_citation.year 
_citation.journal_id_ASTM 
_citation.country 
_citation.journal_id_ISSN 
_citation.journal_id_CSD 
_citation.book_publisher 
_citation.pdbx_database_id_PubMed 
_citation.pdbx_database_id_DOI 
primary 'Energetics of a hydrogen bond (charged and neutral) and of a cation-pi interaction in apoflavodoxin.' J.Mol.Biol.      
290 319  330 1999 JMOBAK UK 0022-2836 0070 ? 10388575 10.1006/jmbi.1999.2863 
1       'STRUCTURE OF APOFLAVODOXIN: CLOSURE OF A TYROSINE/TRYPTOPHAN AROMATIC GATE LEADS TO A COMPACT FOLD'   Nat.Struct.Biol. 3 
329  332 1996 NSBIEW US 1072-8368 2024 ? ?        ?                      
2       'STRUCTURE OF THE OXIDIZED LONG-CHAIN FLAVODOXIN FROM ANABAENA 7120 AT 2 A RESOLUTION'                 'Protein Sci.'   1 
1413 ?   1992 PRCIEI US 0961-8368 0795 ? ?        ?                      
# 
loop_
_citation_author.citation_id 
_citation_author.name 
_citation_author.ordinal 
_citation_author.identifier_ORCID 
primary 'Fernandez-Recio, J.' 1  ? 
primary 'Romero, A.'          2  ? 
primary 'Sancho, J.'          3  ? 
1       'GENZOR, C.G.'        4  ? 
1       'PERALES-ALCON, A.'   5  ? 
1       'SANCHO, J.'          6  ? 
1       'ROMERO, A.'          7  ? 
2       'RAO, S.T.'           8  ? 
2       'SHAFFIE, F.'         9  ? 
2       'YU, C.'              10 ? 
2       'SATYSHUR, K.A.'      11 ? 
2       'STOCKMAN, B.J.'      12 ? 
2       'MARKLEY, J.L.'       13 ? 
2       'SUNDARLINGAM, M.'    14 ? 
# 
_cell.entry_id           1QHE 
_cell.length_a           55.560 
_cell.length_b           38.600 
_cell.length_c           62.790 
_cell.angle_alpha        90.00 
_cell.angle_beta         90.00 
_cell.angle_gamma        90.00 
_cell.Z_PDB              4 
_cell.pdbx_unique_axis   ? 
_cell.length_a_esd       ? 
_cell.length_b_esd       ? 
_cell.length_c_esd       ? 
_cell.angle_alpha_esd    ? 
_cell.angle_beta_esd     ? 
_cell.angle_gamma_esd    ? 
# 
_symmetry.entry_id                         1QHE 
_symmetry.space_group_name_H-M             'P 21 21 21' 
_symmetry.pdbx_full_space_group_name_H-M   ? 
_symmetry.cell_setting                     ? 
_symmetry.Int_Tables_number                19 
_symmetry.space_group_name_Hall            ? 
# 
loop_
_entity.id 
_entity.type 
_entity.src_method 
_entity.pdbx_description 
_entity.formula_weight 
_entity.pdbx_number_of_molecules 
_entity.pdbx_ec 
_entity.pdbx_mutation 
_entity.pdbx_fragment 
_entity.details 
1 polymer     man 'PROTEIN (FLAVODOXIN)' 18760.449 1  ? ? ? ? 
2 non-polymer syn 'SULFATE ION'          96.063    1  ? ? ? ? 
3 water       nat water                  18.015    90 ? ? ? ? 
# 
_entity_poly.entity_id                      1 
_entity_poly.type                           'polypeptide(L)' 
_entity_poly.nstd_linkage                   no 
_entity_poly.nstd_monomer                   no 
_entity_poly.pdbx_seq_one_letter_code       
;KKIGLFYGTQTGKTESVAEIIRDEFGNDVVTLHDVSQAEVTDLNDYQYLIIGCPTWNIGELQSDWEGLYSELDDVDFNGK
LVAYFGTGDQIGYADNFQDAIGILEEKISQRGGKTVGYWSTDGYDFNDSKALRNGKFVGLALDEDNQSDLTDDRIKSWVA
QLKSEFGL
;
_entity_poly.pdbx_seq_one_letter_code_can   
;KKIGLFYGTQTGKTESVAEIIRDEFGNDVVTLHDVSQAEVTDLNDYQYLIIGCPTWNIGELQSDWEGLYSELDDVDFNGK
LVAYFGTGDQIGYADNFQDAIGILEEKISQRGGKTVGYWSTDGYDFNDSKALRNGKFVGLALDEDNQSDLTDDRIKSWVA
QLKSEFGL
;
_entity_poly.pdbx_strand_id                 A 
_entity_poly.pdbx_target_identifier         ? 
# 
loop_
_entity_poly_seq.entity_id 
_entity_poly_seq.num 
_entity_poly_seq.mon_id 
_entity_poly_seq.hetero 
1 1   LYS n 
1 2   LYS n 
1 3   ILE n 
1 4   GLY n 
1 5   LEU n 
1 6   PHE n 
1 7   TYR n 
1 8   GLY n 
1 9   THR n 
1 10  GLN n 
1 11  THR n 
1 12  GLY n 
1 13  LYS n 
1 14  THR n 
1 15  GLU n 
1 16  SER n 
1 17  VAL n 
1 18  ALA n 
1 19  GLU n 
1 20  ILE n 
1 21  ILE n 
1 22  ARG n 
1 23  ASP n 
1 24  GLU n 
1 25  PHE n 
1 26  GLY n 
1 27  ASN n 
1 28  ASP n 
1 29  VAL n 
1 30  VAL n 
1 31  THR n 
1 32  LEU n 
1 33  HIS n 
1 34  ASP n 
1 35  VAL n 
1 36  SER n 
1 37  GLN n 
1 38  ALA n 
1 39  GLU n 
1 40  VAL n 
1 41  THR n 
1 42  ASP n 
1 43  LEU n 
1 44  ASN n 
1 45  ASP n 
1 46  TYR n 
1 47  GLN n 
1 48  TYR n 
1 49  LEU n 
1 50  ILE n 
1 51  ILE n 
1 52  GLY n 
1 53  CYS n 
1 54  PRO n 
1 55  THR n 
1 56  TRP n 
1 57  ASN n 
1 58  ILE n 
1 59  GLY n 
1 60  GLU n 
1 61  LEU n 
1 62  GLN n 
1 63  SER n 
1 64  ASP n 
1 65  TRP n 
1 66  GLU n 
1 67  GLY n 
1 68  LEU n 
1 69  TYR n 
1 70  SER n 
1 71  GLU n 
1 72  LEU n 
1 73  ASP n 
1 74  ASP n 
1 75  VAL n 
1 76  ASP n 
1 77  PHE n 
1 78  ASN n 
1 79  GLY n 
1 80  LYS n 
1 81  LEU n 
1 82  VAL n 
1 83  ALA n 
1 84  TYR n 
1 85  PHE n 
1 86  GLY n 
1 87  THR n 
1 88  GLY n 
1 89  ASP n 
1 90  GLN n 
1 91  ILE n 
1 92  GLY n 
1 93  TYR n 
1 94  ALA n 
1 95  ASP n 
1 96  ASN n 
1 97  PHE n 
1 98  GLN n 
1 99  ASP n 
1 100 ALA n 
1 101 ILE n 
1 102 GLY n 
1 103 ILE n 
1 104 LEU n 
1 105 GLU n 
1 106 GLU n 
1 107 LYS n 
1 108 ILE n 
1 109 SER n 
1 110 GLN n 
1 111 ARG n 
1 112 GLY n 
1 113 GLY n 
1 114 LYS n 
1 115 THR n 
1 116 VAL n 
1 117 GLY n 
1 118 TYR n 
1 119 TRP n 
1 120 SER n 
1 121 THR n 
1 122 ASP n 
1 123 GLY n 
1 124 TYR n 
1 125 ASP n 
1 126 PHE n 
1 127 ASN n 
1 128 ASP n 
1 129 SER n 
1 130 LYS n 
1 131 ALA n 
1 132 LEU n 
1 133 ARG n 
1 134 ASN n 
1 135 GLY n 
1 136 LYS n 
1 137 PHE n 
1 138 VAL n 
1 139 GLY n 
1 140 LEU n 
1 141 ALA n 
1 142 LEU n 
1 143 ASP n 
1 144 GLU n 
1 145 ASP n 
1 146 ASN n 
1 147 GLN n 
1 148 SER n 
1 149 ASP n 
1 150 LEU n 
1 151 THR n 
1 152 ASP n 
1 153 ASP n 
1 154 ARG n 
1 155 ILE n 
1 156 LYS n 
1 157 SER n 
1 158 TRP n 
1 159 VAL n 
1 160 ALA n 
1 161 GLN n 
1 162 LEU n 
1 163 LYS n 
1 164 SER n 
1 165 GLU n 
1 166 PHE n 
1 167 GLY n 
1 168 LEU n 
# 
_entity_src_gen.entity_id                          1 
_entity_src_gen.pdbx_src_id                        1 
_entity_src_gen.pdbx_alt_source_flag               sample 
_entity_src_gen.pdbx_seq_type                      ? 
_entity_src_gen.pdbx_beg_seq_num                   ? 
_entity_src_gen.pdbx_end_seq_num                   ? 
_entity_src_gen.gene_src_common_name               ? 
_entity_src_gen.gene_src_genus                     Nostoc 
_entity_src_gen.pdbx_gene_src_gene                 ? 
_entity_src_gen.gene_src_species                   ? 
_entity_src_gen.gene_src_strain                    'PCC 7119' 
_entity_src_gen.gene_src_tissue                    ? 
_entity_src_gen.gene_src_tissue_fraction           ? 
_entity_src_gen.gene_src_details                   ? 
_entity_src_gen.pdbx_gene_src_fragment             ? 
_entity_src_gen.pdbx_gene_src_scientific_name      'Nostoc sp.' 
_entity_src_gen.pdbx_gene_src_ncbi_taxonomy_id     1168 
_entity_src_gen.pdbx_gene_src_variant              ? 
_entity_src_gen.pdbx_gene_src_cell_line            'E.COLI JM109' 
_entity_src_gen.pdbx_gene_src_atcc                 ? 
_entity_src_gen.pdbx_gene_src_organ                ? 
_entity_src_gen.pdbx_gene_src_organelle            ? 
_entity_src_gen.pdbx_gene_src_cell                 ? 
_entity_src_gen.pdbx_gene_src_cellular_location    ? 
_entity_src_gen.host_org_common_name               ? 
_entity_src_gen.pdbx_host_org_scientific_name      'Escherichia coli' 
_entity_src_gen.pdbx_host_org_ncbi_taxonomy_id     562 
_entity_src_gen.host_org_genus                     Escherichia 
_entity_src_gen.pdbx_host_org_gene                 ? 
_entity_src_gen.pdbx_host_org_organ                ? 
_entity_src_gen.host_org_species                   ? 
_entity_src_gen.pdbx_host_org_tissue               ? 
_entity_src_gen.pdbx_host_org_tissue_fraction      ? 
_entity_src_gen.pdbx_host_org_strain               TG1 
_entity_src_gen.pdbx_host_org_variant              ? 
_entity_src_gen.pdbx_host_org_cell_line            ? 
_entity_src_gen.pdbx_host_org_atcc                 ? 
_entity_src_gen.pdbx_host_org_culture_collection   ? 
_entity_src_gen.pdbx_host_org_cell                 ? 
_entity_src_gen.pdbx_host_org_organelle            ? 
_entity_src_gen.pdbx_host_org_cellular_location    ? 
_entity_src_gen.pdbx_host_org_vector_type          ? 
_entity_src_gen.pdbx_host_org_vector               ? 
_entity_src_gen.host_org_details                   ? 
_entity_src_gen.expression_system_id               ? 
_entity_src_gen.plasmid_name                       PTRC99A 
_entity_src_gen.plasmid_details                    ? 
_entity_src_gen.pdbx_description                   ? 
# 
_struct_ref.id                         1 
_struct_ref.db_name                    UNP 
_struct_ref.db_code                    FLAV_ANASO 
_struct_ref.entity_id                  1 
_struct_ref.pdbx_db_accession          P0A3E0 
_struct_ref.pdbx_align_begin           ? 
_struct_ref.pdbx_seq_one_letter_code   ? 
_struct_ref.pdbx_db_isoform            ? 
# 
_struct_ref_seq.align_id                      1 
_struct_ref_seq.ref_id                        1 
_struct_ref_seq.pdbx_PDB_id_code              1QHE 
_struct_ref_seq.pdbx_strand_id                A 
_struct_ref_seq.seq_align_beg                 1 
_struct_ref_seq.pdbx_seq_align_beg_ins_code   ? 
_struct_ref_seq.seq_align_end                 168 
_struct_ref_seq.pdbx_seq_align_end_ins_code   ? 
_struct_ref_seq.pdbx_db_accession             P0A3E0 
_struct_ref_seq.db_align_beg                  2 
_struct_ref_seq.pdbx_db_align_beg_ins_code    ? 
_struct_ref_seq.db_align_end                  169 
_struct_ref_seq.pdbx_db_align_end_ins_code    ? 
_struct_ref_seq.pdbx_auth_seq_align_beg       2 
_struct_ref_seq.pdbx_auth_seq_align_end       169 
# 
loop_
_chem_comp.id 
_chem_comp.type 
_chem_comp.mon_nstd_flag 
_chem_comp.name 
_chem_comp.pdbx_synonyms 
_chem_comp.formula 
_chem_comp.formula_weight 
ALA 'L-peptide linking' y ALANINE         ? 'C3 H7 N O2'     89.093  
ARG 'L-peptide linking' y ARGININE        ? 'C6 H15 N4 O2 1' 175.209 
ASN 'L-peptide linking' y ASPARAGINE      ? 'C4 H8 N2 O3'    132.118 
ASP 'L-peptide linking' y 'ASPARTIC ACID' ? 'C4 H7 N O4'     133.103 
CYS 'L-peptide linking' y CYSTEINE        ? 'C3 H7 N O2 S'   121.158 
GLN 'L-peptide linking' y GLUTAMINE       ? 'C5 H10 N2 O3'   146.144 
GLU 'L-peptide linking' y 'GLUTAMIC ACID' ? 'C5 H9 N O4'     147.129 
GLY 'peptide linking'   y GLYCINE         ? 'C2 H5 N O2'     75.067  
HIS 'L-peptide linking' y HISTIDINE       ? 'C6 H10 N3 O2 1' 156.162 
HOH non-polymer         . WATER           ? 'H2 O'           18.015  
ILE 'L-peptide linking' y ISOLEUCINE      ? 'C6 H13 N O2'    131.173 
LEU 'L-peptide linking' y LEUCINE         ? 'C6 H13 N O2'    131.173 
LYS 'L-peptide linking' y LYSINE          ? 'C6 H15 N2 O2 1' 147.195 
PHE 'L-peptide linking' y PHENYLALANINE   ? 'C9 H11 N O2'    165.189 
PRO 'L-peptide linking' y PROLINE         ? 'C5 H9 N O2'     115.130 
SER 'L-peptide linking' y SERINE          ? 'C3 H7 N O3'     105.093 
SO4 non-polymer         . 'SULFATE ION'   ? 'O4 S -2'        96.063  
THR 'L-peptide linking' y THREONINE       ? 'C4 H9 N O3'     119.119 
TRP 'L-peptide linking' y TRYPTOPHAN      ? 'C11 H12 N2 O2'  204.225 
TYR 'L-peptide linking' y TYROSINE        ? 'C9 H11 N O3'    181.189 
VAL 'L-peptide linking' y VALINE          ? 'C5 H11 N O2'    117.146 
# 
_exptl.entry_id          1QHE 
_exptl.method            'X-RAY DIFFRACTION' 
_exptl.crystals_number   1 
# 
_exptl_crystal.id                    1 
_exptl_crystal.density_meas          ? 
_exptl_crystal.density_Matthews      1.8 
_exptl_crystal.density_percent_sol   30.7 
_exptl_crystal.description           ? 
_exptl_crystal.F_000                 ? 
_exptl_crystal.preparation           ? 
# 
_exptl_crystal_grow.crystal_id      1 
_exptl_crystal_grow.method          ? 
_exptl_crystal_grow.temp            ? 
_exptl_crystal_grow.temp_details    ? 
_exptl_crystal_grow.pH              9.0 
_exptl_crystal_grow.pdbx_details    
;3.2 M AMMONIUM SULPHATE, 0.1 M NA-K PHOSPHATE PH = 9.0. CRYSTALS OF  
APOFLAVODOXIN APPEARED WITHIN 2 MONTHS.
;
_exptl_crystal_grow.pdbx_pH_range   . 
# 
_diffrn.id                     1 
_diffrn.ambient_temp           293 
_diffrn.ambient_temp_details   ? 
_diffrn.crystal_id             1 
# 
_diffrn_detector.diffrn_id              1 
_diffrn_detector.detector               'IMAGE PLATE' 
_diffrn_detector.type                   MARRESEARCH 
_diffrn_detector.pdbx_collection_date   ? 
_diffrn_detector.details                ? 
# 
_diffrn_radiation.diffrn_id                        1 
_diffrn_radiation.wavelength_id                    1 
_diffrn_radiation.pdbx_monochromatic_or_laue_m_l   M 
_diffrn_radiation.monochromator                    GRAPHITE 
_diffrn_radiation.pdbx_diffrn_protocol             'SINGLE WAVELENGTH' 
_diffrn_radiation.pdbx_scattering_type             x-ray 
# 
_diffrn_radiation_wavelength.id           1 
_diffrn_radiation_wavelength.wavelength   1.5418 
_diffrn_radiation_wavelength.wt           1.0 
# 
_diffrn_source.diffrn_id                   1 
_diffrn_source.source                      'ROTATING ANODE' 
_diffrn_source.type                        'RIGAKU RU200' 
_diffrn_source.pdbx_synchrotron_site       ? 
_diffrn_source.pdbx_synchrotron_beamline   ? 
_diffrn_source.pdbx_wavelength             1.5418 
_diffrn_source.pdbx_wavelength_list        ? 
# 
_reflns.entry_id                     1QHE 
_reflns.observed_criterion_sigma_I   2 
_reflns.observed_criterion_sigma_F   ? 
_reflns.d_resolution_low             20.0 
_reflns.d_resolution_high            2.0 
_reflns.number_obs                   8777 
_reflns.number_all                   ? 
_reflns.percent_possible_obs         91.8 
_reflns.pdbx_Rmerge_I_obs            0.051 
_reflns.pdbx_Rsym_value              0.095 
_reflns.pdbx_netI_over_sigmaI        6.1 
_reflns.B_iso_Wilson_estimate        ? 
_reflns.pdbx_redundancy              4.6 
_reflns.R_free_details               ? 
_reflns.limit_h_max                  ? 
_reflns.limit_h_min                  ? 
_reflns.limit_k_max                  ? 
_reflns.limit_k_min                  ? 
_reflns.limit_l_max                  ? 
_reflns.limit_l_min                  ? 
_reflns.observed_criterion_F_max     ? 
_reflns.observed_criterion_F_min     ? 
_reflns.pdbx_chi_squared             ? 
_reflns.pdbx_scaling_rejects         ? 
_reflns.pdbx_ordinal                 1 
_reflns.pdbx_diffrn_id               1 
# 
_reflns_shell.d_res_high             2.0 
_reflns_shell.d_res_low              2.11 
_reflns_shell.percent_possible_all   63.2 
_reflns_shell.Rmerge_I_obs           0.055 
_reflns_shell.pdbx_Rsym_value        0.197 
_reflns_shell.meanI_over_sigI_obs    3.1 
_reflns_shell.pdbx_redundancy        4.2 
_reflns_shell.percent_possible_obs   ? 
_reflns_shell.number_unique_all      ? 
_reflns_shell.number_measured_all    ? 
_reflns_shell.number_measured_obs    ? 
_reflns_shell.number_unique_obs      ? 
_reflns_shell.pdbx_chi_squared       ? 
_reflns_shell.pdbx_ordinal           1 
_reflns_shell.pdbx_diffrn_id         1 
# 
_refine.entry_id                                 1QHE 
_refine.ls_number_reflns_obs                     8242 
_refine.ls_number_reflns_all                     ? 
_refine.pdbx_ls_sigma_I                          ? 
_refine.pdbx_ls_sigma_F                          0.0 
_refine.pdbx_data_cutoff_high_absF               ? 
_refine.pdbx_data_cutoff_low_absF                ? 
_refine.pdbx_data_cutoff_high_rms_absF           ? 
_refine.ls_d_res_low                             8.0 
_refine.ls_d_res_high                            2.0 
_refine.ls_percent_reflns_obs                    91.0 
_refine.ls_R_factor_obs                          ? 
_refine.ls_R_factor_all                          ? 
_refine.ls_R_factor_R_work                       0.1810000 
_refine.ls_R_factor_R_free                       0.2570000 
_refine.ls_R_factor_R_free_error                 ? 
_refine.ls_R_factor_R_free_error_details         ? 
_refine.ls_percent_reflns_R_free                 ? 
_refine.ls_number_reflns_R_free                  499 
_refine.ls_number_parameters                     ? 
_refine.ls_number_restraints                     ? 
_refine.occupancy_min                            ? 
_refine.occupancy_max                            ? 
_refine.B_iso_mean                               14.52 
_refine.aniso_B[1][1]                            ? 
_refine.aniso_B[2][2]                            ? 
_refine.aniso_B[3][3]                            ? 
_refine.aniso_B[1][2]                            ? 
_refine.aniso_B[1][3]                            ? 
_refine.aniso_B[2][3]                            ? 
_refine.solvent_model_details                    ? 
_refine.solvent_model_param_ksol                 ? 
_refine.solvent_model_param_bsol                 ? 
_refine.pdbx_ls_cross_valid_method               THROUGHOUT 
_refine.details                                  ? 
_refine.pdbx_starting_model                      'PDB ENTRY 1FTG' 
_refine.pdbx_method_to_determine_struct          'MOLECULAR REPLACEMENT' 
_refine.pdbx_isotropic_thermal_model             ? 
_refine.pdbx_stereochemistry_target_values       ? 
_refine.pdbx_stereochem_target_val_spec_case     ? 
_refine.pdbx_R_Free_selection_details            RANDOM 
_refine.pdbx_overall_ESU_R                       ? 
_refine.pdbx_overall_ESU_R_Free                  ? 
_refine.overall_SU_ML                            ? 
_refine.overall_SU_B                             ? 
_refine.ls_redundancy_reflns_obs                 ? 
_refine.B_iso_min                                ? 
_refine.B_iso_max                                ? 
_refine.pdbx_refine_id                           'X-RAY DIFFRACTION' 
_refine.pdbx_overall_phase_error                 ? 
_refine.correlation_coeff_Fo_to_Fc               ? 
_refine.correlation_coeff_Fo_to_Fc_free          ? 
_refine.pdbx_solvent_vdw_probe_radii             ? 
_refine.pdbx_solvent_ion_probe_radii             ? 
_refine.pdbx_solvent_shrinkage_radii             ? 
_refine.overall_SU_R_Cruickshank_DPI             ? 
_refine.overall_SU_R_free                        ? 
_refine.ls_wR_factor_R_free                      ? 
_refine.ls_wR_factor_R_work                      ? 
_refine.overall_FOM_free_R_set                   ? 
_refine.overall_FOM_work_R_set                   ? 
_refine.pdbx_diffrn_id                           1 
_refine.pdbx_TLS_residual_ADP_flag               ? 
_refine.pdbx_overall_SU_R_free_Cruickshank_DPI   ? 
_refine.pdbx_overall_SU_R_Blow_DPI               ? 
_refine.pdbx_overall_SU_R_free_Blow_DPI          ? 
# 
_refine_hist.pdbx_refine_id                   'X-RAY DIFFRACTION' 
_refine_hist.cycle_id                         LAST 
_refine_hist.pdbx_number_atoms_protein        1326 
_refine_hist.pdbx_number_atoms_nucleic_acid   0 
_refine_hist.pdbx_number_atoms_ligand         5 
_refine_hist.number_atoms_solvent             90 
_refine_hist.number_atoms_total               1421 
_refine_hist.d_res_high                       2.0 
_refine_hist.d_res_low                        8.0 
# 
loop_
_refine_ls_restr.type 
_refine_ls_restr.dev_ideal 
_refine_ls_restr.dev_ideal_target 
_refine_ls_restr.weight 
_refine_ls_restr.number 
_refine_ls_restr.pdbx_refine_id 
_refine_ls_restr.pdbx_restraint_function 
x_bond_d                0.009 ?   ? ? 'X-RAY DIFFRACTION' ? 
x_bond_d_na             ?     ?   ? ? 'X-RAY DIFFRACTION' ? 
x_bond_d_prot           ?     ?   ? ? 'X-RAY DIFFRACTION' ? 
x_angle_d               ?     ?   ? ? 'X-RAY DIFFRACTION' ? 
x_angle_d_na            ?     ?   ? ? 'X-RAY DIFFRACTION' ? 
x_angle_d_prot          ?     ?   ? ? 'X-RAY DIFFRACTION' ? 
x_angle_deg             1.517 ?   ? ? 'X-RAY DIFFRACTION' ? 
x_angle_deg_na          ?     ?   ? ? 'X-RAY DIFFRACTION' ? 
x_angle_deg_prot        ?     ?   ? ? 'X-RAY DIFFRACTION' ? 
x_dihedral_angle_d      25.79 ?   ? ? 'X-RAY DIFFRACTION' ? 
x_dihedral_angle_d_na   ?     ?   ? ? 'X-RAY DIFFRACTION' ? 
x_dihedral_angle_d_prot ?     ?   ? ? 'X-RAY DIFFRACTION' ? 
x_improper_angle_d      1.343 ?   ? ? 'X-RAY DIFFRACTION' ? 
x_improper_angle_d_na   ?     ?   ? ? 'X-RAY DIFFRACTION' ? 
x_improper_angle_d_prot ?     ?   ? ? 'X-RAY DIFFRACTION' ? 
x_mcbond_it             1.5   1.7 ? ? 'X-RAY DIFFRACTION' ? 
x_mcangle_it            2.0   2.3 ? ? 'X-RAY DIFFRACTION' ? 
x_scbond_it             2.0   2.2 ? ? 'X-RAY DIFFRACTION' ? 
x_scangle_it            2.5   2.8 ? ? 'X-RAY DIFFRACTION' ? 
# 
_refine_ls_shell.pdbx_total_number_of_bins_used   8 
_refine_ls_shell.d_res_high                       2.0 
_refine_ls_shell.d_res_low                        2.09 
_refine_ls_shell.number_reflns_R_work             496 
_refine_ls_shell.R_factor_R_work                  0.2430000 
_refine_ls_shell.percent_reflns_obs               65.0 
_refine_ls_shell.R_factor_R_free                  0.3060000 
_refine_ls_shell.R_factor_R_free_error            ? 
_refine_ls_shell.percent_reflns_R_free            ? 
_refine_ls_shell.number_reflns_R_free             45 
_refine_ls_shell.redundancy_reflns_obs            ? 
_refine_ls_shell.number_reflns_all                ? 
_refine_ls_shell.number_reflns_obs                ? 
_refine_ls_shell.pdbx_refine_id                   'X-RAY DIFFRACTION' 
_refine_ls_shell.R_factor_all                     ? 
# 
loop_
_pdbx_xplor_file.serial_no 
_pdbx_xplor_file.param_file 
_pdbx_xplor_file.topol_file 
_pdbx_xplor_file.pdbx_refine_id 
1 PARAMCSDX.PRO TOPHCSD.PRO 'X-RAY DIFFRACTION' 
2 PARAM19.SOL   AMTOPH19.SO 'X-RAY DIFFRACTION' 
# 
_struct.entry_id                  1QHE 
_struct.title                     
'ENERGETICS OF A HYDROGEN BOND (CHARGED AND NEUTRAL) AND OF A CATION-PI INTERACTION IN APOFLAVODOXIN' 
_struct.pdbx_model_details        ? 
_struct.pdbx_CASP_flag            ? 
_struct.pdbx_model_type_details   ? 
# 
_struct_keywords.entry_id        1QHE 
_struct_keywords.pdbx_keywords   'ELECTRON TRANSPORT' 
_struct_keywords.text            'FLAVODOXIN, ELECTRON TRANSPORT' 
# 
loop_
_struct_asym.id 
_struct_asym.pdbx_blank_PDB_chainid_flag 
_struct_asym.pdbx_modified 
_struct_asym.entity_id 
_struct_asym.details 
A N N 1 ? 
B N N 2 ? 
C N N 3 ? 
# 
_struct_biol.id        1 
_struct_biol.details   ? 
# 
loop_
_struct_conf.conf_type_id 
_struct_conf.id 
_struct_conf.pdbx_PDB_helix_id 
_struct_conf.beg_label_comp_id 
_struct_conf.beg_label_asym_id 
_struct_conf.beg_label_seq_id 
_struct_conf.pdbx_beg_PDB_ins_code 
_struct_conf.end_label_comp_id 
_struct_conf.end_label_asym_id 
_struct_conf.end_label_seq_id 
_struct_conf.pdbx_end_PDB_ins_code 
_struct_conf.beg_auth_comp_id 
_struct_conf.beg_auth_asym_id 
_struct_conf.beg_auth_seq_id 
_struct_conf.end_auth_comp_id 
_struct_conf.end_auth_asym_id 
_struct_conf.end_auth_seq_id 
_struct_conf.pdbx_PDB_helix_class 
_struct_conf.details 
_struct_conf.pdbx_PDB_helix_length 
HELX_P HELX_P1 1 LYS A 13  ? PHE A 25  ? LYS A 14  PHE A 26  1 ? 13 
HELX_P HELX_P2 2 VAL A 35  ? GLN A 37  ? VAL A 36  GLN A 38  5 ? 3  
HELX_P HELX_P3 3 VAL A 40  ? ASP A 45  ? VAL A 41  ASP A 46  5 ? 6  
HELX_P HELX_P4 4 SER A 63  ? ASP A 74  ? SER A 64  ASP A 75  1 ? 12 
HELX_P HELX_P5 5 ASP A 99  ? GLN A 110 ? ASP A 100 GLN A 111 1 ? 12 
HELX_P HELX_P6 6 THR A 151 ? PHE A 166 ? THR A 152 PHE A 167 1 ? 16 
# 
_struct_conf_type.id          HELX_P 
_struct_conf_type.criteria    ? 
_struct_conf_type.reference   ? 
# 
_struct_sheet.id               A 
_struct_sheet.type             ? 
_struct_sheet.number_strands   5 
_struct_sheet.details          ? 
# 
loop_
_struct_sheet_order.sheet_id 
_struct_sheet_order.range_id_1 
_struct_sheet_order.range_id_2 
_struct_sheet_order.offset 
_struct_sheet_order.sense 
A 1 2 ? parallel 
A 2 3 ? parallel 
A 3 4 ? parallel 
A 4 5 ? parallel 
# 
loop_
_struct_sheet_range.sheet_id 
_struct_sheet_range.id 
_struct_sheet_range.beg_label_comp_id 
_struct_sheet_range.beg_label_asym_id 
_struct_sheet_range.beg_label_seq_id 
_struct_sheet_range.pdbx_beg_PDB_ins_code 
_struct_sheet_range.end_label_comp_id 
_struct_sheet_range.end_label_asym_id 
_struct_sheet_range.end_label_seq_id 
_struct_sheet_range.pdbx_end_PDB_ins_code 
_struct_sheet_range.beg_auth_comp_id 
_struct_sheet_range.beg_auth_asym_id 
_struct_sheet_range.beg_auth_seq_id 
_struct_sheet_range.end_auth_comp_id 
_struct_sheet_range.end_auth_asym_id 
_struct_sheet_range.end_auth_seq_id 
A 1 VAL A 30  ? ASP A 34  ? VAL A 31  ASP A 35  
A 2 ILE A 3   ? TYR A 7   ? ILE A 4   TYR A 8   
A 3 TYR A 48  ? GLY A 52  ? TYR A 49  GLY A 53  
A 4 LEU A 81  ? THR A 87  ? LEU A 82  THR A 88  
A 5 LEU A 140 ? LEU A 142 ? LEU A 141 LEU A 143 
# 
loop_
_pdbx_struct_sheet_hbond.sheet_id 
_pdbx_struct_sheet_hbond.range_id_1 
_pdbx_struct_sheet_hbond.range_id_2 
_pdbx_struct_sheet_hbond.range_1_label_atom_id 
_pdbx_struct_sheet_hbond.range_1_label_comp_id 
_pdbx_struct_sheet_hbond.range_1_label_asym_id 
_pdbx_struct_sheet_hbond.range_1_label_seq_id 
_pdbx_struct_sheet_hbond.range_1_PDB_ins_code 
_pdbx_struct_sheet_hbond.range_1_auth_atom_id 
_pdbx_struct_sheet_hbond.range_1_auth_comp_id 
_pdbx_struct_sheet_hbond.range_1_auth_asym_id 
_pdbx_struct_sheet_hbond.range_1_auth_seq_id 
_pdbx_struct_sheet_hbond.range_2_label_atom_id 
_pdbx_struct_sheet_hbond.range_2_label_comp_id 
_pdbx_struct_sheet_hbond.range_2_label_asym_id 
_pdbx_struct_sheet_hbond.range_2_label_seq_id 
_pdbx_struct_sheet_hbond.range_2_PDB_ins_code 
_pdbx_struct_sheet_hbond.range_2_auth_atom_id 
_pdbx_struct_sheet_hbond.range_2_auth_comp_id 
_pdbx_struct_sheet_hbond.range_2_auth_asym_id 
_pdbx_struct_sheet_hbond.range_2_auth_seq_id 
A 1 2 O THR A 31 ? O THR A 32 N ILE A 3   ? N ILE A 4   
A 2 3 O GLY A 4  ? O GLY A 5  N TYR A 48  ? N TYR A 49  
A 3 4 O LEU A 49 ? O LEU A 50 N LEU A 81  ? N LEU A 82  
A 4 5 O GLY A 86 ? O GLY A 87 N LEU A 140 ? N LEU A 141 
# 
_struct_site.id                   AC1 
_struct_site.pdbx_evidence_code   Software 
_struct_site.pdbx_auth_asym_id    A 
_struct_site.pdbx_auth_comp_id    SO4 
_struct_site.pdbx_auth_seq_id     700 
_struct_site.pdbx_auth_ins_code   ? 
_struct_site.pdbx_num_residues    10 
_struct_site.details              'BINDING SITE FOR RESIDUE SO4 A 700' 
# 
loop_
_struct_site_gen.id 
_struct_site_gen.site_id 
_struct_site_gen.pdbx_num_res 
_struct_site_gen.label_comp_id 
_struct_site_gen.label_asym_id 
_struct_site_gen.label_seq_id 
_struct_site_gen.pdbx_auth_ins_code 
_struct_site_gen.auth_comp_id 
_struct_site_gen.auth_asym_id 
_struct_site_gen.auth_seq_id 
_struct_site_gen.label_atom_id 
_struct_site_gen.label_alt_id 
_struct_site_gen.symmetry 
_struct_site_gen.details 
1  AC1 10 THR A 9  ? THR A 10  . ? 1_555 ? 
2  AC1 10 GLN A 10 ? GLN A 11  . ? 1_555 ? 
3  AC1 10 THR A 11 ? THR A 12  . ? 1_555 ? 
4  AC1 10 GLY A 12 ? GLY A 13  . ? 1_555 ? 
5  AC1 10 LYS A 13 ? LYS A 14  . ? 1_555 ? 
6  AC1 10 THR A 14 ? THR A 15  . ? 1_555 ? 
7  AC1 10 PRO A 54 ? PRO A 55  . ? 1_555 ? 
8  AC1 10 TRP A 56 ? TRP A 57  . ? 1_555 ? 
9  AC1 10 THR A 87 ? THR A 88  . ? 1_555 ? 
10 AC1 10 HOH C .  ? HOH A 556 . ? 1_555 ? 
# 
_atom_sites.entry_id                    1QHE 
_atom_sites.fract_transf_matrix[1][1]   0.00287986 
_atom_sites.fract_transf_matrix[1][2]   -0.00731579 
_atom_sites.fract_transf_matrix[1][3]   0.01618992 
_atom_sites.fract_transf_matrix[2][1]   -0.01195942 
_atom_sites.fract_transf_matrix[2][2]   0.02006960 
_atom_sites.fract_transf_matrix[2][3]   0.01119625 
_atom_sites.fract_transf_matrix[3][1]   -0.01389579 
_atom_sites.fract_transf_matrix[3][2]   -0.00771464 
_atom_sites.fract_transf_matrix[3][3]   -0.00101426 
_atom_sites.fract_transf_vector[1]      0.086895 
_atom_sites.fract_transf_vector[2]      0.412349 
_atom_sites.fract_transf_vector[3]      0.505306 
# 
loop_
_atom_type.symbol 
C 
N 
O 
S 
# 
loop_
_atom_site.group_PDB 
_atom_site.id 
_atom_site.type_symbol 
_atom_site.label_atom_id 
_atom_site.label_alt_id 
_atom_site.label_comp_id 
_atom_site.label_asym_id 
_atom_site.label_entity_id 
_atom_site.label_seq_id 
_atom_site.pdbx_PDB_ins_code 
_atom_site.Cartn_x 
_atom_site.Cartn_y 
_atom_site.Cartn_z 
_atom_site.occupancy 
_atom_site.B_iso_or_equiv 
_atom_site.pdbx_formal_charge 
_atom_site.auth_seq_id 
_atom_site.auth_comp_id 
_atom_site.auth_asym_id 
_atom_site.auth_atom_id 
_atom_site.pdbx_PDB_model_num 
ATOM   1    N N   . LYS A 1 1   ? 5.095   -16.889 3.157   1.00 33.33 ? 2   LYS A N   1 
ATOM   2    C CA  . LYS A 1 1   ? 6.213   -17.640 2.519   1.00 31.44 ? 2   LYS A CA  1 
ATOM   3    C C   . LYS A 1 1   ? 6.669   -17.043 1.190   1.00 28.23 ? 2   LYS A C   1 
ATOM   4    O O   . LYS A 1 1   ? 7.833   -17.169 0.835   1.00 29.20 ? 2   LYS A O   1 
ATOM   5    C CB  . LYS A 1 1   ? 5.813   -19.099 2.307   1.00 33.05 ? 2   LYS A CB  1 
ATOM   6    C CG  . LYS A 1 1   ? 6.683   -20.109 3.045   1.00 38.88 ? 2   LYS A CG  1 
ATOM   7    C CD  . LYS A 1 1   ? 8.048   -20.296 2.388   1.00 38.94 ? 2   LYS A CD  1 
ATOM   8    C CE  . LYS A 1 1   ? 8.801   -21.475 3.012   1.00 40.91 ? 2   LYS A CE  1 
ATOM   9    N NZ  . LYS A 1 1   ? 8.030   -22.763 2.973   1.00 37.85 ? 2   LYS A NZ  1 
ATOM   10   N N   . LYS A 1 2   ? 5.778   -16.346 0.485   1.00 23.93 ? 3   LYS A N   1 
ATOM   11   C CA  . LYS A 1 2   ? 6.128   -15.792 -0.817  1.00 16.35 ? 3   LYS A CA  1 
ATOM   12   C C   . LYS A 1 2   ? 5.793   -14.322 -1.074  1.00 12.56 ? 3   LYS A C   1 
ATOM   13   O O   . LYS A 1 2   ? 6.418   -13.702 -1.923  1.00 9.71  ? 3   LYS A O   1 
ATOM   14   C CB  . LYS A 1 2   ? 5.551   -16.682 -1.916  1.00 12.05 ? 3   LYS A CB  1 
ATOM   15   C CG  . LYS A 1 2   ? 4.566   -17.721 -1.390  1.00 10.59 ? 3   LYS A CG  1 
ATOM   16   C CD  . LYS A 1 2   ? 3.917   -18.488 -2.506  1.00 21.49 ? 3   LYS A CD  1 
ATOM   17   C CE  . LYS A 1 2   ? 4.937   -19.161 -3.401  1.00 23.89 ? 3   LYS A CE  1 
ATOM   18   N NZ  . LYS A 1 2   ? 4.210   -19.909 -4.456  1.00 28.77 ? 3   LYS A NZ  1 
ATOM   19   N N   . ILE A 1 3   ? 4.804   -13.770 -0.378  1.00 10.73 ? 4   ILE A N   1 
ATOM   20   C CA  . ILE A 1 3   ? 4.477   -12.364 -0.565  1.00 7.15  ? 4   ILE A CA  1 
ATOM   21   C C   . ILE A 1 3   ? 4.862   -11.590 0.680   1.00 7.23  ? 4   ILE A C   1 
ATOM   22   O O   . ILE A 1 3   ? 4.421   -11.924 1.783   1.00 7.53  ? 4   ILE A O   1 
ATOM   23   C CB  . ILE A 1 3   ? 2.987   -12.137 -0.848  1.00 10.95 ? 4   ILE A CB  1 
ATOM   24   C CG1 . ILE A 1 3   ? 2.557   -12.923 -2.084  1.00 11.55 ? 4   ILE A CG1 1 
ATOM   25   C CG2 . ILE A 1 3   ? 2.721   -10.643 -1.084  1.00 9.72  ? 4   ILE A CG2 1 
ATOM   26   C CD1 . ILE A 1 3   ? 1.078   -12.912 -2.305  1.00 14.84 ? 4   ILE A CD1 1 
ATOM   27   N N   . GLY A 1 4   ? 5.723   -10.589 0.515   1.00 5.36  ? 5   GLY A N   1 
ATOM   28   C CA  . GLY A 1 4   ? 6.139   -9.783  1.645   1.00 6.38  ? 5   GLY A CA  1 
ATOM   29   C C   . GLY A 1 4   ? 5.267   -8.546  1.806   1.00 5.86  ? 5   GLY A C   1 
ATOM   30   O O   . GLY A 1 4   ? 5.199   -7.720  0.904   1.00 6.48  ? 5   GLY A O   1 
ATOM   31   N N   . LEU A 1 5   ? 4.593   -8.415  2.942   1.00 6.23  ? 6   LEU A N   1 
ATOM   32   C CA  . LEU A 1 5   ? 3.740   -7.255  3.189   1.00 5.95  ? 6   LEU A CA  1 
ATOM   33   C C   . LEU A 1 5   ? 4.406   -6.377  4.235   1.00 5.97  ? 6   LEU A C   1 
ATOM   34   O O   . LEU A 1 5   ? 4.529   -6.755  5.403   1.00 7.27  ? 6   LEU A O   1 
ATOM   35   C CB  . LEU A 1 5   ? 2.329   -7.711  3.605   1.00 5.52  ? 6   LEU A CB  1 
ATOM   36   C CG  . LEU A 1 5   ? 1.220   -6.918  4.318   1.00 7.95  ? 6   LEU A CG  1 
ATOM   37   C CD1 . LEU A 1 5   ? 1.404   -5.417  4.394   1.00 2.00  ? 6   LEU A CD1 1 
ATOM   38   C CD2 . LEU A 1 5   ? -0.091  -7.306  3.685   1.00 2.00  ? 6   LEU A CD2 1 
ATOM   39   N N   . PHE A 1 6   ? 4.903   -5.234  3.776   1.00 2.99  ? 7   PHE A N   1 
ATOM   40   C CA  . PHE A 1 6   ? 5.576   -4.257  4.620   1.00 3.06  ? 7   PHE A CA  1 
ATOM   41   C C   . PHE A 1 6   ? 4.645   -3.089  4.880   1.00 2.46  ? 7   PHE A C   1 
ATOM   42   O O   . PHE A 1 6   ? 4.219   -2.404  3.952   1.00 4.37  ? 7   PHE A O   1 
ATOM   43   C CB  . PHE A 1 6   ? 6.857   -3.755  3.935   1.00 2.00  ? 7   PHE A CB  1 
ATOM   44   C CG  . PHE A 1 6   ? 7.904   -4.818  3.762   1.00 4.53  ? 7   PHE A CG  1 
ATOM   45   C CD1 . PHE A 1 6   ? 7.789   -5.774  2.756   1.00 3.31  ? 7   PHE A CD1 1 
ATOM   46   C CD2 . PHE A 1 6   ? 9.002   -4.868  4.614   1.00 4.84  ? 7   PHE A CD2 1 
ATOM   47   C CE1 . PHE A 1 6   ? 8.756   -6.765  2.600   1.00 3.66  ? 7   PHE A CE1 1 
ATOM   48   C CE2 . PHE A 1 6   ? 9.984   -5.864  4.467   1.00 6.47  ? 7   PHE A CE2 1 
ATOM   49   C CZ  . PHE A 1 6   ? 9.852   -6.810  3.455   1.00 2.99  ? 7   PHE A CZ  1 
ATOM   50   N N   . TYR A 1 7   ? 4.343   -2.848  6.145   1.00 4.83  ? 8   TYR A N   1 
ATOM   51   C CA  . TYR A 1 7   ? 3.452   -1.759  6.503   1.00 5.08  ? 8   TYR A CA  1 
ATOM   52   C C   . TYR A 1 7   ? 4.042   -0.924  7.609   1.00 6.81  ? 8   TYR A C   1 
ATOM   53   O O   . TYR A 1 7   ? 4.875   -1.395  8.384   1.00 6.06  ? 8   TYR A O   1 
ATOM   54   C CB  . TYR A 1 7   ? 2.100   -2.305  6.982   1.00 8.12  ? 8   TYR A CB  1 
ATOM   55   C CG  . TYR A 1 7   ? 2.178   -3.103  8.269   1.00 7.79  ? 8   TYR A CG  1 
ATOM   56   C CD1 . TYR A 1 7   ? 2.459   -4.466  8.249   1.00 6.35  ? 8   TYR A CD1 1 
ATOM   57   C CD2 . TYR A 1 7   ? 1.991   -2.484  9.510   1.00 10.31 ? 8   TYR A CD2 1 
ATOM   58   C CE1 . TYR A 1 7   ? 2.549   -5.199  9.430   1.00 6.61  ? 8   TYR A CE1 1 
ATOM   59   C CE2 . TYR A 1 7   ? 2.084   -3.207  10.694  1.00 9.27  ? 8   TYR A CE2 1 
ATOM   60   C CZ  . TYR A 1 7   ? 2.364   -4.565  10.649  1.00 10.36 ? 8   TYR A CZ  1 
ATOM   61   O OH  . TYR A 1 7   ? 2.457   -5.290  11.817  1.00 10.29 ? 8   TYR A OH  1 
ATOM   62   N N   . GLY A 1 8   ? 3.566   0.310   7.681   1.00 5.60  ? 9   GLY A N   1 
ATOM   63   C CA  . GLY A 1 8   ? 3.960   1.239   8.718   1.00 5.27  ? 9   GLY A CA  1 
ATOM   64   C C   . GLY A 1 8   ? 2.604   1.706   9.196   1.00 6.74  ? 9   GLY A C   1 
ATOM   65   O O   . GLY A 1 8   ? 1.680   1.759   8.396   1.00 8.67  ? 9   GLY A O   1 
ATOM   66   N N   . THR A 1 9   ? 2.459   2.053   10.466  1.00 7.31  ? 10  THR A N   1 
ATOM   67   C CA  . THR A 1 9   ? 1.158   2.480   10.961  1.00 7.34  ? 10  THR A CA  1 
ATOM   68   C C   . THR A 1 9   ? 1.296   3.501   12.087  1.00 8.41  ? 10  THR A C   1 
ATOM   69   O O   . THR A 1 9   ? 2.283   3.507   12.839  1.00 3.82  ? 10  THR A O   1 
ATOM   70   C CB  . THR A 1 9   ? 0.330   1.249   11.440  1.00 10.12 ? 10  THR A CB  1 
ATOM   71   O OG1 . THR A 1 9   ? -1.006  1.639   11.769  1.00 8.74  ? 10  THR A OG1 1 
ATOM   72   C CG2 . THR A 1 9   ? 0.970   0.616   12.661  1.00 5.74  ? 10  THR A CG2 1 
ATOM   73   N N   . GLN A 1 10  ? 0.320   4.391   12.169  1.00 11.27 ? 11  GLN A N   1 
ATOM   74   C CA  . GLN A 1 10  ? 0.307   5.415   13.194  1.00 13.42 ? 11  GLN A CA  1 
ATOM   75   C C   . GLN A 1 10  ? -0.713  5.099   14.282  1.00 12.02 ? 11  GLN A C   1 
ATOM   76   O O   . GLN A 1 10  ? -0.391  5.151   15.467  1.00 14.77 ? 11  GLN A O   1 
ATOM   77   C CB  . GLN A 1 10  ? 0.004   6.766   12.574  1.00 17.54 ? 11  GLN A CB  1 
ATOM   78   C CG  . GLN A 1 10  ? 0.077   7.890   13.549  1.00 25.41 ? 11  GLN A CG  1 
ATOM   79   C CD  . GLN A 1 10  ? -0.236  9.203   12.903  1.00 28.49 ? 11  GLN A CD  1 
ATOM   80   O OE1 . GLN A 1 10  ? 0.569   9.739   12.133  1.00 30.71 ? 11  GLN A OE1 1 
ATOM   81   N NE2 . GLN A 1 10  ? -1.418  9.733   13.196  1.00 31.64 ? 11  GLN A NE2 1 
ATOM   82   N N   . THR A 1 11  ? -1.943  4.781   13.903  1.00 11.73 ? 12  THR A N   1 
ATOM   83   C CA  . THR A 1 11  ? -2.928  4.469   14.923  1.00 10.50 ? 12  THR A CA  1 
ATOM   84   C C   . THR A 1 11  ? -3.367  3.010   14.901  1.00 9.38  ? 12  THR A C   1 
ATOM   85   O O   . THR A 1 11  ? -4.325  2.642   15.561  1.00 8.05  ? 12  THR A O   1 
ATOM   86   C CB  . THR A 1 11  ? -4.154  5.433   14.886  1.00 12.01 ? 12  THR A CB  1 
ATOM   87   O OG1 . THR A 1 11  ? -4.905  5.238   13.687  1.00 19.41 ? 12  THR A OG1 1 
ATOM   88   C CG2 . THR A 1 11  ? -3.691  6.871   14.942  1.00 8.40  ? 12  THR A CG2 1 
ATOM   89   N N   . GLY A 1 12  ? -2.643  2.180   14.157  1.00 9.77  ? 13  GLY A N   1 
ATOM   90   C CA  . GLY A 1 12  ? -2.954  0.761   14.088  1.00 10.51 ? 13  GLY A CA  1 
ATOM   91   C C   . GLY A 1 12  ? -3.920  0.226   13.034  1.00 10.64 ? 13  GLY A C   1 
ATOM   92   O O   . GLY A 1 12  ? -4.082  -0.989  12.932  1.00 10.68 ? 13  GLY A O   1 
ATOM   93   N N   . LYS A 1 13  ? -4.540  1.087   12.235  1.00 10.54 ? 14  LYS A N   1 
ATOM   94   C CA  . LYS A 1 13  ? -5.497  0.628   11.218  1.00 8.82  ? 14  LYS A CA  1 
ATOM   95   C C   . LYS A 1 13  ? -4.867  -0.112  10.043  1.00 6.53  ? 14  LYS A C   1 
ATOM   96   O O   . LYS A 1 13  ? -5.407  -1.102  9.585   1.00 4.77  ? 14  LYS A O   1 
ATOM   97   C CB  . LYS A 1 13  ? -6.352  1.792   10.692  1.00 13.83 ? 14  LYS A CB  1 
ATOM   98   C CG  . LYS A 1 13  ? -7.457  2.252   11.649  1.00 24.16 ? 14  LYS A CG  1 
ATOM   99   C CD  . LYS A 1 13  ? -8.311  1.069   12.150  1.00 33.06 ? 14  LYS A CD  1 
ATOM   100  C CE  . LYS A 1 13  ? -8.840  0.201   10.996  1.00 37.17 ? 14  LYS A CE  1 
ATOM   101  N NZ  . LYS A 1 13  ? -9.465  -1.087  11.440  1.00 41.07 ? 14  LYS A NZ  1 
ATOM   102  N N   . THR A 1 14  ? -3.743  0.386   9.547   1.00 5.63  ? 15  THR A N   1 
ATOM   103  C CA  . THR A 1 14  ? -3.046  -0.246  8.438   1.00 7.72  ? 15  THR A CA  1 
ATOM   104  C C   . THR A 1 14  ? -2.549  -1.633  8.861   1.00 7.12  ? 15  THR A C   1 
ATOM   105  O O   . THR A 1 14  ? -2.525  -2.561  8.070   1.00 7.40  ? 15  THR A O   1 
ATOM   106  C CB  . THR A 1 14  ? -1.896  0.659   7.951   1.00 7.63  ? 15  THR A CB  1 
ATOM   107  O OG1 . THR A 1 14  ? -2.457  1.787   7.265   1.00 16.48 ? 15  THR A OG1 1 
ATOM   108  C CG2 . THR A 1 14  ? -0.951  -0.071  7.019   1.00 6.94  ? 15  THR A CG2 1 
ATOM   109  N N   . GLU A 1 15  ? -2.199  -1.779  10.132  1.00 6.35  ? 16  GLU A N   1 
ATOM   110  C CA  . GLU A 1 15  ? -1.738  -3.060  10.651  1.00 6.91  ? 16  GLU A CA  1 
ATOM   111  C C   . GLU A 1 15  ? -2.897  -4.069  10.742  1.00 6.65  ? 16  GLU A C   1 
ATOM   112  O O   . GLU A 1 15  ? -2.743  -5.237  10.373  1.00 6.89  ? 16  GLU A O   1 
ATOM   113  C CB  . GLU A 1 15  ? -1.070  -2.852  12.008  1.00 6.09  ? 16  GLU A CB  1 
ATOM   114  C CG  . GLU A 1 15  ? -0.751  -4.111  12.776  1.00 7.02  ? 16  GLU A CG  1 
ATOM   115  C CD  . GLU A 1 15  ? 0.095   -3.797  13.964  1.00 10.38 ? 16  GLU A CD  1 
ATOM   116  O OE1 . GLU A 1 15  ? -0.398  -3.143  14.903  1.00 16.85 ? 16  GLU A OE1 1 
ATOM   117  O OE2 . GLU A 1 15  ? 1.284   -4.148  13.941  1.00 17.79 ? 16  GLU A OE2 1 
ATOM   118  N N   . SER A 1 16  ? -4.066  -3.623  11.188  1.00 8.05  ? 17  SER A N   1 
ATOM   119  C CA  . SER A 1 16  ? -5.208  -4.535  11.286  1.00 10.38 ? 17  SER A CA  1 
ATOM   120  C C   . SER A 1 16  ? -5.698  -4.975  9.891   1.00 8.84  ? 17  SER A C   1 
ATOM   121  O O   . SER A 1 16  ? -6.148  -6.110  9.704   1.00 8.20  ? 17  SER A O   1 
ATOM   122  C CB  . SER A 1 16  ? -6.341  -3.909  12.103  1.00 14.39 ? 17  SER A CB  1 
ATOM   123  O OG  . SER A 1 16  ? -6.855  -2.753  11.469  1.00 25.74 ? 17  SER A OG  1 
ATOM   124  N N   . VAL A 1 17  ? -5.618  -4.080  8.912   1.00 8.99  ? 18  VAL A N   1 
ATOM   125  C CA  . VAL A 1 17  ? -6.009  -4.441  7.561   1.00 7.40  ? 18  VAL A CA  1 
ATOM   126  C C   . VAL A 1 17  ? -4.966  -5.406  6.974   1.00 7.40  ? 18  VAL A C   1 
ATOM   127  O O   . VAL A 1 17  ? -5.335  -6.326  6.256   1.00 11.43 ? 18  VAL A O   1 
ATOM   128  C CB  . VAL A 1 17  ? -6.224  -3.215  6.633   1.00 8.52  ? 18  VAL A CB  1 
ATOM   129  C CG1 . VAL A 1 17  ? -7.459  -2.458  7.031   1.00 8.88  ? 18  VAL A CG1 1 
ATOM   130  C CG2 . VAL A 1 17  ? -5.053  -2.292  6.680   1.00 16.63 ? 18  VAL A CG2 1 
ATOM   131  N N   . ALA A 1 18  ? -3.689  -5.242  7.331   1.00 6.48  ? 19  ALA A N   1 
ATOM   132  C CA  . ALA A 1 18  ? -2.618  -6.125  6.857   1.00 5.65  ? 19  ALA A CA  1 
ATOM   133  C C   . ALA A 1 18  ? -2.867  -7.561  7.321   1.00 7.68  ? 19  ALA A C   1 
ATOM   134  O O   . ALA A 1 18  ? -2.558  -8.525  6.605   1.00 6.91  ? 19  ALA A O   1 
ATOM   135  C CB  . ALA A 1 18  ? -1.253  -5.644  7.357   1.00 2.37  ? 19  ALA A CB  1 
ATOM   136  N N   . GLU A 1 19  ? -3.393  -7.705  8.533   1.00 8.61  ? 20  GLU A N   1 
ATOM   137  C CA  . GLU A 1 19  ? -3.717  -9.024  9.081   1.00 7.84  ? 20  GLU A CA  1 
ATOM   138  C C   . GLU A 1 19  ? -4.916  -9.632  8.342   1.00 7.16  ? 20  GLU A C   1 
ATOM   139  O O   . GLU A 1 19  ? -4.969  -10.841 8.124   1.00 6.09  ? 20  GLU A O   1 
ATOM   140  C CB  . GLU A 1 19  ? -3.969  -8.918  10.588  1.00 11.43 ? 20  GLU A CB  1 
ATOM   141  C CG  . GLU A 1 19  ? -2.692  -8.508  11.364  1.00 15.46 ? 20  GLU A CG  1 
ATOM   142  C CD  . GLU A 1 19  ? -2.927  -8.178  12.843  1.00 18.30 ? 20  GLU A CD  1 
ATOM   143  O OE1 . GLU A 1 19  ? -4.095  -8.056  13.260  1.00 18.85 ? 20  GLU A OE1 1 
ATOM   144  O OE2 . GLU A 1 19  ? -1.930  -8.034  13.587  1.00 19.51 ? 20  GLU A OE2 1 
ATOM   145  N N   . ILE A 1 20  ? -5.851  -8.776  7.930   1.00 9.21  ? 21  ILE A N   1 
ATOM   146  C CA  . ILE A 1 20  ? -7.039  -9.190  7.167   1.00 9.30  ? 21  ILE A CA  1 
ATOM   147  C C   . ILE A 1 20  ? -6.594  -9.634  5.769   1.00 10.92 ? 21  ILE A C   1 
ATOM   148  O O   . ILE A 1 20  ? -7.032  -10.670 5.264   1.00 11.91 ? 21  ILE A O   1 
ATOM   149  C CB  . ILE A 1 20  ? -8.031  -8.027  7.010   1.00 10.43 ? 21  ILE A CB  1 
ATOM   150  C CG1 . ILE A 1 20  ? -8.603  -7.651  8.376   1.00 11.20 ? 21  ILE A CG1 1 
ATOM   151  C CG2 . ILE A 1 20  ? -9.141  -8.390  6.026   1.00 12.78 ? 21  ILE A CG2 1 
ATOM   152  C CD1 . ILE A 1 20  ? -9.517  -6.444  8.336   1.00 11.69 ? 21  ILE A CD1 1 
ATOM   153  N N   . ILE A 1 21  ? -5.726  -8.841  5.147   1.00 9.02  ? 22  ILE A N   1 
ATOM   154  C CA  . ILE A 1 21  ? -5.194  -9.162  3.830   1.00 8.44  ? 22  ILE A CA  1 
ATOM   155  C C   . ILE A 1 21  ? -4.502  -10.513 3.929   1.00 8.79  ? 22  ILE A C   1 
ATOM   156  O O   . ILE A 1 21  ? -4.738  -11.389 3.096   1.00 11.36 ? 22  ILE A O   1 
ATOM   157  C CB  . ILE A 1 21  ? -4.185  -8.090  3.373   1.00 11.23 ? 22  ILE A CB  1 
ATOM   158  C CG1 . ILE A 1 21  ? -4.922  -6.787  3.061   1.00 8.60  ? 22  ILE A CG1 1 
ATOM   159  C CG2 . ILE A 1 21  ? -3.386  -8.575  2.177   1.00 9.48  ? 22  ILE A CG2 1 
ATOM   160  C CD1 . ILE A 1 21  ? -4.014  -5.600  2.883   1.00 9.35  ? 22  ILE A CD1 1 
ATOM   161  N N   . ARG A 1 22  ? -3.689  -10.692 4.974   1.00 9.63  ? 23  ARG A N   1 
ATOM   162  C CA  . ARG A 1 22  ? -2.966  -11.940 5.211   1.00 10.06 ? 23  ARG A CA  1 
ATOM   163  C C   . ARG A 1 22  ? -3.933  -13.114 5.257   1.00 11.43 ? 23  ARG A C   1 
ATOM   164  O O   . ARG A 1 22  ? -3.734  -14.127 4.575   1.00 12.59 ? 23  ARG A O   1 
ATOM   165  C CB  . ARG A 1 22  ? -2.165  -11.856 6.518   1.00 12.45 ? 23  ARG A CB  1 
ATOM   166  C CG  . ARG A 1 22  ? -1.614  -13.197 7.026   1.00 15.83 ? 23  ARG A CG  1 
ATOM   167  C CD  . ARG A 1 22  ? -2.253  -13.604 8.370   1.00 22.93 ? 23  ARG A CD  1 
ATOM   168  N NE  . ARG A 1 22  ? -1.542  -13.063 9.534   1.00 24.53 ? 23  ARG A NE  1 
ATOM   169  C CZ  . ARG A 1 22  ? -2.100  -12.781 10.714  1.00 22.62 ? 23  ARG A CZ  1 
ATOM   170  N NH1 . ARG A 1 22  ? -3.402  -12.982 10.926  1.00 19.23 ? 23  ARG A NH1 1 
ATOM   171  N NH2 . ARG A 1 22  ? -1.350  -12.267 11.683  1.00 20.95 ? 23  ARG A NH2 1 
ATOM   172  N N   . ASP A 1 23  ? -5.008  -12.958 6.022   1.00 12.88 ? 24  ASP A N   1 
ATOM   173  C CA  . ASP A 1 23  ? -5.999  -14.013 6.147   1.00 14.74 ? 24  ASP A CA  1 
ATOM   174  C C   . ASP A 1 23  ? -6.742  -14.310 4.850   1.00 16.70 ? 24  ASP A C   1 
ATOM   175  O O   . ASP A 1 23  ? -6.984  -15.474 4.542   1.00 18.67 ? 24  ASP A O   1 
ATOM   176  C CB  . ASP A 1 23  ? -6.987  -13.709 7.277   1.00 17.47 ? 24  ASP A CB  1 
ATOM   177  C CG  . ASP A 1 23  ? -6.450  -14.099 8.664   1.00 22.56 ? 24  ASP A CG  1 
ATOM   178  O OD1 . ASP A 1 23  ? -5.303  -14.595 8.786   1.00 22.26 ? 24  ASP A OD1 1 
ATOM   179  O OD2 . ASP A 1 23  ? -7.196  -13.918 9.645   1.00 27.00 ? 24  ASP A OD2 1 
ATOM   180  N N   . GLU A 1 24  ? -7.077  -13.277 4.078   1.00 16.81 ? 25  GLU A N   1 
ATOM   181  C CA  . GLU A 1 24  ? -7.798  -13.470 2.814   1.00 17.73 ? 25  GLU A CA  1 
ATOM   182  C C   . GLU A 1 24  ? -6.957  -14.264 1.803   1.00 15.26 ? 25  GLU A C   1 
ATOM   183  O O   . GLU A 1 24  ? -7.492  -15.006 0.977   1.00 12.02 ? 25  GLU A O   1 
ATOM   184  C CB  . GLU A 1 24  ? -8.224  -12.122 2.230   1.00 21.30 ? 25  GLU A CB  1 
ATOM   185  C CG  . GLU A 1 24  ? -9.349  -12.212 1.195   1.00 26.94 ? 25  GLU A CG  1 
ATOM   186  C CD  . GLU A 1 24  ? -10.634 -12.790 1.766   1.00 26.19 ? 25  GLU A CD  1 
ATOM   187  O OE1 . GLU A 1 24  ? -11.125 -12.270 2.790   1.00 30.41 ? 25  GLU A OE1 1 
ATOM   188  O OE2 . GLU A 1 24  ? -11.158 -13.768 1.195   1.00 28.34 ? 25  GLU A OE2 1 
ATOM   189  N N   . PHE A 1 25  ? -5.640  -14.095 1.882   1.00 15.49 ? 26  PHE A N   1 
ATOM   190  C CA  . PHE A 1 25  ? -4.700  -14.810 1.017   1.00 20.33 ? 26  PHE A CA  1 
ATOM   191  C C   . PHE A 1 25  ? -4.498  -16.244 1.508   1.00 23.75 ? 26  PHE A C   1 
ATOM   192  O O   . PHE A 1 25  ? -4.336  -17.164 0.706   1.00 24.65 ? 26  PHE A O   1 
ATOM   193  C CB  . PHE A 1 25  ? -3.343  -14.106 0.996   1.00 17.89 ? 26  PHE A CB  1 
ATOM   194  C CG  . PHE A 1 25  ? -3.195  -13.098 -0.099  1.00 13.89 ? 26  PHE A CG  1 
ATOM   195  C CD1 . PHE A 1 25  ? -2.921  -13.504 -1.396  1.00 14.80 ? 26  PHE A CD1 1 
ATOM   196  C CD2 . PHE A 1 25  ? -3.283  -11.744 0.171   1.00 15.49 ? 26  PHE A CD2 1 
ATOM   197  C CE1 . PHE A 1 25  ? -2.729  -12.572 -2.404  1.00 15.19 ? 26  PHE A CE1 1 
ATOM   198  C CE2 . PHE A 1 25  ? -3.091  -10.800 -0.837  1.00 16.48 ? 26  PHE A CE2 1 
ATOM   199  C CZ  . PHE A 1 25  ? -2.812  -11.216 -2.123  1.00 16.59 ? 26  PHE A CZ  1 
ATOM   200  N N   . GLY A 1 26  ? -4.408  -16.395 2.829   1.00 28.40 ? 27  GLY A N   1 
ATOM   201  C CA  . GLY A 1 26  ? -4.237  -17.701 3.460   1.00 33.41 ? 27  GLY A CA  1 
ATOM   202  C C   . GLY A 1 26  ? -3.021  -18.531 3.085   1.00 35.21 ? 27  GLY A C   1 
ATOM   203  O O   . GLY A 1 26  ? -2.120  -18.042 2.399   1.00 36.54 ? 27  GLY A O   1 
ATOM   204  N N   . ASN A 1 27  ? -2.977  -19.761 3.609   1.00 36.87 ? 28  ASN A N   1 
ATOM   205  C CA  . ASN A 1 27  ? -1.907  -20.750 3.357   1.00 38.06 ? 28  ASN A CA  1 
ATOM   206  C C   . ASN A 1 27  ? -0.441  -20.358 3.612   1.00 36.95 ? 28  ASN A C   1 
ATOM   207  O O   . ASN A 1 27  ? 0.463   -20.895 2.964   1.00 38.75 ? 28  ASN A O   1 
ATOM   208  C CB  . ASN A 1 27  ? -2.029  -21.307 1.931   1.00 39.25 ? 28  ASN A CB  1 
ATOM   209  C CG  . ASN A 1 27  ? -3.315  -22.080 1.712   1.00 43.98 ? 28  ASN A CG  1 
ATOM   210  O OD1 . ASN A 1 27  ? -4.267  -21.580 1.100   1.00 43.98 ? 28  ASN A OD1 1 
ATOM   211  N ND2 . ASN A 1 27  ? -3.352  -23.309 2.214   1.00 44.85 ? 28  ASN A ND2 1 
ATOM   212  N N   . ASP A 1 28  ? -0.194  -19.467 4.565   1.00 34.34 ? 29  ASP A N   1 
ATOM   213  C CA  . ASP A 1 28  ? 1.173   -19.031 4.857   1.00 34.90 ? 29  ASP A CA  1 
ATOM   214  C C   . ASP A 1 28  ? 1.825   -18.337 3.650   1.00 30.71 ? 29  ASP A C   1 
ATOM   215  O O   . ASP A 1 28  ? 3.058   -18.293 3.518   1.00 31.49 ? 29  ASP A O   1 
ATOM   216  C CB  . ASP A 1 28  ? 2.037   -20.218 5.316   1.00 40.17 ? 29  ASP A CB  1 
ATOM   217  C CG  . ASP A 1 28  ? 3.368   -19.780 5.932   1.00 45.95 ? 29  ASP A CG  1 
ATOM   218  O OD1 . ASP A 1 28  ? 3.387   -18.762 6.671   1.00 47.97 ? 29  ASP A OD1 1 
ATOM   219  O OD2 . ASP A 1 28  ? 4.394   -20.456 5.676   1.00 47.62 ? 29  ASP A OD2 1 
ATOM   220  N N   . VAL A 1 29  ? 0.994   -17.762 2.786   1.00 26.02 ? 30  VAL A N   1 
ATOM   221  C CA  . VAL A 1 29  ? 1.475   -17.065 1.600   1.00 20.78 ? 30  VAL A CA  1 
ATOM   222  C C   . VAL A 1 29  ? 2.102   -15.712 1.942   1.00 17.72 ? 30  VAL A C   1 
ATOM   223  O O   . VAL A 1 29  ? 3.207   -15.409 1.478   1.00 16.59 ? 30  VAL A O   1 
ATOM   224  C CB  . VAL A 1 29  ? 0.342   -16.887 0.556   1.00 21.98 ? 30  VAL A CB  1 
ATOM   225  C CG1 . VAL A 1 29  ? 0.770   -15.928 -0.546  1.00 19.12 ? 30  VAL A CG1 1 
ATOM   226  C CG2 . VAL A 1 29  ? -0.016  -18.244 -0.046  1.00 22.61 ? 30  VAL A CG2 1 
ATOM   227  N N   . VAL A 1 30  ? 1.446   -14.914 2.780   1.00 13.11 ? 31  VAL A N   1 
ATOM   228  C CA  . VAL A 1 30  ? 2.014   -13.616 3.122   1.00 12.01 ? 31  VAL A CA  1 
ATOM   229  C C   . VAL A 1 30  ? 2.644   -13.505 4.508   1.00 11.92 ? 31  VAL A C   1 
ATOM   230  O O   . VAL A 1 30  ? 2.127   -14.034 5.502   1.00 10.05 ? 31  VAL A O   1 
ATOM   231  C CB  . VAL A 1 30  ? 1.032   -12.412 2.826   1.00 11.85 ? 31  VAL A CB  1 
ATOM   232  C CG1 . VAL A 1 30  ? -0.364  -12.893 2.483   1.00 11.32 ? 31  VAL A CG1 1 
ATOM   233  C CG2 . VAL A 1 30  ? 1.009   -11.424 3.978   1.00 5.46  ? 31  VAL A CG2 1 
ATOM   234  N N   . THR A 1 31  ? 3.828   -12.906 4.543   1.00 10.59 ? 32  THR A N   1 
ATOM   235  C CA  . THR A 1 31  ? 4.521   -12.699 5.793   1.00 7.10  ? 32  THR A CA  1 
ATOM   236  C C   . THR A 1 31  ? 4.500   -11.211 6.072   1.00 6.42  ? 32  THR A C   1 
ATOM   237  O O   . THR A 1 31  ? 4.830   -10.402 5.208   1.00 7.20  ? 32  THR A O   1 
ATOM   238  C CB  . THR A 1 31  ? 5.952   -13.303 5.799   1.00 8.44  ? 32  THR A CB  1 
ATOM   239  O OG1 . THR A 1 31  ? 6.928   -12.312 6.143   1.00 14.49 ? 32  THR A OG1 1 
ATOM   240  C CG2 . THR A 1 31  ? 6.281   -13.921 4.480   1.00 10.60 ? 32  THR A CG2 1 
ATOM   241  N N   . LEU A 1 32  ? 3.990   -10.858 7.248   1.00 6.08  ? 33  LEU A N   1 
ATOM   242  C CA  . LEU A 1 32  ? 3.878   -9.471  7.674   1.00 7.24  ? 33  LEU A CA  1 
ATOM   243  C C   . LEU A 1 32  ? 5.180   -8.916  8.220   1.00 5.66  ? 33  LEU A C   1 
ATOM   244  O O   . LEU A 1 32  ? 5.855   -9.569  9.004   1.00 8.51  ? 33  LEU A O   1 
ATOM   245  C CB  . LEU A 1 32  ? 2.771   -9.337  8.730   1.00 6.91  ? 33  LEU A CB  1 
ATOM   246  C CG  . LEU A 1 32  ? 1.328   -9.135  8.249   1.00 8.77  ? 33  LEU A CG  1 
ATOM   247  C CD1 . LEU A 1 32  ? 1.042   -9.896  7.005   1.00 12.89 ? 33  LEU A CD1 1 
ATOM   248  C CD2 . LEU A 1 32  ? 0.360   -9.545  9.328   1.00 13.45 ? 33  LEU A CD2 1 
ATOM   249  N N   . HIS A 1 33  ? 5.519   -7.703  7.794   1.00 6.16  ? 34  HIS A N   1 
ATOM   250  C CA  . HIS A 1 33  ? 6.717   -7.004  8.235   1.00 7.38  ? 34  HIS A CA  1 
ATOM   251  C C   . HIS A 1 33  ? 6.329   -5.594  8.644   1.00 8.55  ? 34  HIS A C   1 
ATOM   252  O O   . HIS A 1 33  ? 5.925   -4.796  7.800   1.00 8.93  ? 34  HIS A O   1 
ATOM   253  C CB  . HIS A 1 33  ? 7.752   -6.850  7.114   1.00 6.92  ? 34  HIS A CB  1 
ATOM   254  C CG  . HIS A 1 33  ? 8.418   -8.122  6.690   1.00 5.87  ? 34  HIS A CG  1 
ATOM   255  N ND1 . HIS A 1 33  ? 9.713   -8.436  7.053   1.00 8.55  ? 34  HIS A ND1 1 
ATOM   256  C CD2 . HIS A 1 33  ? 8.009   -9.113  5.866   1.00 8.53  ? 34  HIS A CD2 1 
ATOM   257  C CE1 . HIS A 1 33  ? 10.074  -9.562  6.461   1.00 7.70  ? 34  HIS A CE1 1 
ATOM   258  N NE2 . HIS A 1 33  ? 9.057   -9.993  5.735   1.00 7.90  ? 34  HIS A NE2 1 
ATOM   259  N N   . ASP A 1 34  ? 6.401   -5.303  9.938   1.00 9.27  ? 35  ASP A N   1 
ATOM   260  C CA  . ASP A 1 34  ? 6.135   -3.964  10.452  1.00 8.17  ? 35  ASP A CA  1 
ATOM   261  C C   . ASP A 1 34  ? 7.442   -3.260  10.105  1.00 6.28  ? 35  ASP A C   1 
ATOM   262  O O   . ASP A 1 34  ? 8.511   -3.741  10.488  1.00 6.47  ? 35  ASP A O   1 
ATOM   263  C CB  . ASP A 1 34  ? 5.952   -4.023  11.973  1.00 5.58  ? 35  ASP A CB  1 
ATOM   264  C CG  . ASP A 1 34  ? 5.757   -2.657  12.613  1.00 7.90  ? 35  ASP A CG  1 
ATOM   265  O OD1 . ASP A 1 34  ? 6.207   -1.611  12.081  1.00 9.17  ? 35  ASP A OD1 1 
ATOM   266  O OD2 . ASP A 1 34  ? 5.146   -2.629  13.693  1.00 13.06 ? 35  ASP A OD2 1 
ATOM   267  N N   . VAL A 1 35  ? 7.380   -2.147  9.379   1.00 8.03  ? 36  VAL A N   1 
ATOM   268  C CA  . VAL A 1 35  ? 8.607   -1.450  8.984   1.00 10.65 ? 36  VAL A CA  1 
ATOM   269  C C   . VAL A 1 35  ? 9.385   -0.780  10.104  1.00 9.94  ? 36  VAL A C   1 
ATOM   270  O O   . VAL A 1 35  ? 10.527  -0.391  9.903   1.00 11.40 ? 36  VAL A O   1 
ATOM   271  C CB  . VAL A 1 35  ? 8.432   -0.473  7.781   1.00 7.43  ? 36  VAL A CB  1 
ATOM   272  C CG1 . VAL A 1 35  ? 8.167   -1.257  6.503   1.00 9.31  ? 36  VAL A CG1 1 
ATOM   273  C CG2 . VAL A 1 35  ? 7.334   0.540   8.046   1.00 9.29  ? 36  VAL A CG2 1 
ATOM   274  N N   . SER A 1 36  ? 8.790   -0.647  11.283  1.00 13.23 ? 37  SER A N   1 
ATOM   275  C CA  . SER A 1 36  ? 9.529   -0.065  12.403  1.00 15.25 ? 37  SER A CA  1 
ATOM   276  C C   . SER A 1 36  ? 10.664  -1.044  12.788  1.00 18.84 ? 37  SER A C   1 
ATOM   277  O O   . SER A 1 36  ? 11.696  -0.640  13.333  1.00 18.30 ? 37  SER A O   1 
ATOM   278  C CB  . SER A 1 36  ? 8.612   0.183   13.611  1.00 14.63 ? 37  SER A CB  1 
ATOM   279  O OG  . SER A 1 36  ? 8.103   -1.026  14.156  1.00 10.40 ? 37  SER A OG  1 
ATOM   280  N N   . GLN A 1 37  ? 10.482  -2.322  12.460  1.00 19.66 ? 38  GLN A N   1 
ATOM   281  C CA  . GLN A 1 37  ? 11.468  -3.345  12.775  1.00 24.07 ? 38  GLN A CA  1 
ATOM   282  C C   . GLN A 1 37  ? 12.068  -4.016  11.531  1.00 24.59 ? 38  GLN A C   1 
ATOM   283  O O   . GLN A 1 37  ? 12.569  -5.138  11.607  1.00 27.86 ? 38  GLN A O   1 
ATOM   284  C CB  . GLN A 1 37  ? 10.852  -4.386  13.730  1.00 24.72 ? 38  GLN A CB  1 
ATOM   285  C CG  . GLN A 1 37  ? 9.512   -4.973  13.263  1.00 31.28 ? 38  GLN A CG  1 
ATOM   286  C CD  . GLN A 1 37  ? 8.711   -5.657  14.377  1.00 32.36 ? 38  GLN A CD  1 
ATOM   287  O OE1 . GLN A 1 37  ? 8.024   -6.658  14.140  1.00 32.02 ? 38  GLN A OE1 1 
ATOM   288  N NE2 . GLN A 1 37  ? 8.784   -5.110  15.587  1.00 35.44 ? 38  GLN A NE2 1 
ATOM   289  N N   . ALA A 1 38  ? 12.033  -3.329  10.393  1.00 22.14 ? 39  ALA A N   1 
ATOM   290  C CA  . ALA A 1 38  ? 12.574  -3.890  9.157   1.00 19.82 ? 39  ALA A CA  1 
ATOM   291  C C   . ALA A 1 38  ? 13.756  -3.087  8.645   1.00 20.49 ? 39  ALA A C   1 
ATOM   292  O O   . ALA A 1 38  ? 14.044  -1.999  9.137   1.00 22.55 ? 39  ALA A O   1 
ATOM   293  C CB  . ALA A 1 38  ? 11.494  -3.969  8.080   1.00 15.72 ? 39  ALA A CB  1 
ATOM   294  N N   . GLU A 1 39  ? 14.437  -3.654  7.659   1.00 20.02 ? 40  GLU A N   1 
ATOM   295  C CA  . GLU A 1 39  ? 15.599  -3.052  7.012   1.00 20.53 ? 40  GLU A CA  1 
ATOM   296  C C   . GLU A 1 39  ? 15.236  -3.027  5.535   1.00 18.47 ? 40  GLU A C   1 
ATOM   297  O O   . GLU A 1 39  ? 14.506  -3.898  5.068   1.00 16.54 ? 40  GLU A O   1 
ATOM   298  C CB  . GLU A 1 39  ? 16.830  -3.941  7.206   1.00 25.15 ? 40  GLU A CB  1 
ATOM   299  C CG  . GLU A 1 39  ? 17.428  -3.918  8.591   1.00 29.36 ? 40  GLU A CG  1 
ATOM   300  C CD  . GLU A 1 39  ? 18.404  -2.778  8.773   1.00 35.97 ? 40  GLU A CD  1 
ATOM   301  O OE1 . GLU A 1 39  ? 19.594  -2.970  8.439   1.00 36.55 ? 40  GLU A OE1 1 
ATOM   302  O OE2 . GLU A 1 39  ? 17.984  -1.695  9.249   1.00 41.47 ? 40  GLU A OE2 1 
ATOM   303  N N   . VAL A 1 40  ? 15.765  -2.064  4.791   1.00 17.93 ? 41  VAL A N   1 
ATOM   304  C CA  . VAL A 1 40  ? 15.448  -1.960  3.369   1.00 15.93 ? 41  VAL A CA  1 
ATOM   305  C C   . VAL A 1 40  ? 15.836  -3.242  2.626   1.00 15.57 ? 41  VAL A C   1 
ATOM   306  O O   . VAL A 1 40  ? 15.115  -3.705  1.737   1.00 13.06 ? 41  VAL A O   1 
ATOM   307  C CB  . VAL A 1 40  ? 16.108  -0.697  2.731   1.00 17.99 ? 41  VAL A CB  1 
ATOM   308  C CG1 . VAL A 1 40  ? 17.554  -0.966  2.325   1.00 15.79 ? 41  VAL A CG1 1 
ATOM   309  C CG2 . VAL A 1 40  ? 15.275  -0.190  1.569   1.00 16.62 ? 41  VAL A CG2 1 
ATOM   310  N N   . THR A 1 41  ? 16.924  -3.870  3.061   1.00 15.47 ? 42  THR A N   1 
ATOM   311  C CA  . THR A 1 41  ? 17.389  -5.105  2.443   1.00 16.23 ? 42  THR A CA  1 
ATOM   312  C C   . THR A 1 41  ? 16.414  -6.275  2.566   1.00 12.71 ? 42  THR A C   1 
ATOM   313  O O   . THR A 1 41  ? 16.550  -7.275  1.866   1.00 12.33 ? 42  THR A O   1 
ATOM   314  C CB  . THR A 1 41  ? 18.755  -5.515  2.998   1.00 18.31 ? 42  THR A CB  1 
ATOM   315  O OG1 . THR A 1 41  ? 18.724  -5.460  4.430   1.00 25.05 ? 42  THR A OG1 1 
ATOM   316  C CG2 . THR A 1 41  ? 19.826  -4.570  2.489   1.00 24.28 ? 42  THR A CG2 1 
ATOM   317  N N   . ASP A 1 42  ? 15.419  -6.145  3.434   1.00 13.00 ? 43  ASP A N   1 
ATOM   318  C CA  . ASP A 1 42  ? 14.421  -7.201  3.610   1.00 12.10 ? 43  ASP A CA  1 
ATOM   319  C C   . ASP A 1 42  ? 13.475  -7.284  2.418   1.00 9.81  ? 43  ASP A C   1 
ATOM   320  O O   . ASP A 1 42  ? 12.870  -8.329  2.185   1.00 8.14  ? 43  ASP A O   1 
ATOM   321  C CB  . ASP A 1 42  ? 13.601  -6.981  4.885   1.00 13.87 ? 43  ASP A CB  1 
ATOM   322  C CG  . ASP A 1 42  ? 14.439  -7.042  6.140   1.00 12.48 ? 43  ASP A CG  1 
ATOM   323  O OD1 . ASP A 1 42  ? 15.504  -7.681  6.139   1.00 14.48 ? 43  ASP A OD1 1 
ATOM   324  O OD2 . ASP A 1 42  ? 14.025  -6.449  7.144   1.00 16.13 ? 43  ASP A OD2 1 
ATOM   325  N N   . LEU A 1 43  ? 13.347  -6.178  1.683   1.00 11.91 ? 44  LEU A N   1 
ATOM   326  C CA  . LEU A 1 43  ? 12.474  -6.076  0.501   1.00 12.15 ? 44  LEU A CA  1 
ATOM   327  C C   . LEU A 1 43  ? 13.012  -6.889  -0.673  1.00 13.74 ? 44  LEU A C   1 
ATOM   328  O O   . LEU A 1 43  ? 12.259  -7.399  -1.508  1.00 14.05 ? 44  LEU A O   1 
ATOM   329  C CB  . LEU A 1 43  ? 12.359  -4.608  0.062   1.00 10.59 ? 44  LEU A CB  1 
ATOM   330  C CG  . LEU A 1 43  ? 11.683  -3.635  1.027   1.00 9.71  ? 44  LEU A CG  1 
ATOM   331  C CD1 . LEU A 1 43  ? 11.980  -2.211  0.605   1.00 14.53 ? 44  LEU A CD1 1 
ATOM   332  C CD2 . LEU A 1 43  ? 10.206  -3.876  1.035   1.00 9.35  ? 44  LEU A CD2 1 
ATOM   333  N N   . ASN A 1 44  ? 14.331  -6.993  -0.714  1.00 14.06 ? 45  ASN A N   1 
ATOM   334  C CA  . ASN A 1 44  ? 15.044  -7.712  -1.751  1.00 16.94 ? 45  ASN A CA  1 
ATOM   335  C C   . ASN A 1 44  ? 14.739  -9.202  -1.779  1.00 14.95 ? 45  ASN A C   1 
ATOM   336  O O   . ASN A 1 44  ? 14.954  -9.870  -2.789  1.00 13.18 ? 45  ASN A O   1 
ATOM   337  C CB  . ASN A 1 44  ? 16.536  -7.533  -1.502  1.00 25.32 ? 45  ASN A CB  1 
ATOM   338  C CG  . ASN A 1 44  ? 17.282  -7.112  -2.736  1.00 31.97 ? 45  ASN A CG  1 
ATOM   339  O OD1 . ASN A 1 44  ? 17.204  -5.957  -3.154  1.00 35.03 ? 45  ASN A OD1 1 
ATOM   340  N ND2 . ASN A 1 44  ? 18.029  -8.037  -3.321  1.00 35.81 ? 45  ASN A ND2 1 
ATOM   341  N N   . ASP A 1 45  ? 14.244  -9.717  -0.659  1.00 14.47 ? 46  ASP A N   1 
ATOM   342  C CA  . ASP A 1 45  ? 13.968  -11.135 -0.518  1.00 12.64 ? 46  ASP A CA  1 
ATOM   343  C C   . ASP A 1 45  ? 12.694  -11.658 -1.151  1.00 12.89 ? 46  ASP A C   1 
ATOM   344  O O   . ASP A 1 45  ? 12.509  -12.879 -1.257  1.00 12.52 ? 46  ASP A O   1 
ATOM   345  C CB  . ASP A 1 45  ? 14.012  -11.520 0.956   1.00 13.90 ? 46  ASP A CB  1 
ATOM   346  C CG  . ASP A 1 45  ? 15.380  -11.314 1.564   1.00 15.55 ? 46  ASP A CG  1 
ATOM   347  O OD1 . ASP A 1 45  ? 16.375  -11.359 0.815   1.00 19.88 ? 46  ASP A OD1 1 
ATOM   348  O OD2 . ASP A 1 45  ? 15.466  -11.108 2.791   1.00 20.32 ? 46  ASP A OD2 1 
ATOM   349  N N   . TYR A 1 46  ? 11.807  -10.758 -1.558  1.00 8.22  ? 47  TYR A N   1 
ATOM   350  C CA  . TYR A 1 46  ? 10.560  -11.195 -2.163  1.00 6.50  ? 47  TYR A CA  1 
ATOM   351  C C   . TYR A 1 46  ? 10.473  -10.761 -3.605  1.00 7.76  ? 47  TYR A C   1 
ATOM   352  O O   . TYR A 1 46  ? 11.051  -9.741  -3.989  1.00 9.50  ? 47  TYR A O   1 
ATOM   353  C CB  . TYR A 1 46  ? 9.382   -10.600 -1.416  1.00 5.96  ? 47  TYR A CB  1 
ATOM   354  C CG  . TYR A 1 46  ? 9.349   -10.963 0.029   1.00 6.34  ? 47  TYR A CG  1 
ATOM   355  C CD1 . TYR A 1 46  ? 10.046  -10.210 0.970   1.00 6.55  ? 47  TYR A CD1 1 
ATOM   356  C CD2 . TYR A 1 46  ? 8.600   -12.049 0.471   1.00 8.53  ? 47  TYR A CD2 1 
ATOM   357  C CE1 . TYR A 1 46  ? 9.992   -10.530 2.324   1.00 5.73  ? 47  TYR A CE1 1 
ATOM   358  C CE2 . TYR A 1 46  ? 8.536   -12.377 1.831   1.00 7.64  ? 47  TYR A CE2 1 
ATOM   359  C CZ  . TYR A 1 46  ? 9.234   -11.613 2.743   1.00 5.91  ? 47  TYR A CZ  1 
ATOM   360  O OH  . TYR A 1 46  ? 9.157   -11.935 4.073   1.00 9.65  ? 47  TYR A OH  1 
ATOM   361  N N   . GLN A 1 47  ? 9.726   -11.526 -4.387  1.00 6.84  ? 48  GLN A N   1 
ATOM   362  C CA  . GLN A 1 47  ? 9.510   -11.206 -5.788  1.00 9.01  ? 48  GLN A CA  1 
ATOM   363  C C   . GLN A 1 47  ? 8.095   -10.620 -5.897  1.00 7.40  ? 48  GLN A C   1 
ATOM   364  O O   . GLN A 1 47  ? 7.723   -10.054 -6.920  1.00 5.22  ? 48  GLN A O   1 
ATOM   365  C CB  . GLN A 1 47  ? 9.651   -12.462 -6.646  1.00 7.79  ? 48  GLN A CB  1 
ATOM   366  C CG  . GLN A 1 47  ? 10.031  -12.187 -8.089  1.00 15.04 ? 48  GLN A CG  1 
ATOM   367  C CD  . GLN A 1 47  ? 11.406  -11.517 -8.267  1.00 15.01 ? 48  GLN A CD  1 
ATOM   368  O OE1 . GLN A 1 47  ? 12.178  -11.363 -7.323  1.00 19.13 ? 48  GLN A OE1 1 
ATOM   369  N NE2 . GLN A 1 47  ? 11.703  -11.121 -9.494  1.00 15.57 ? 48  GLN A NE2 1 
ATOM   370  N N   . TYR A 1 48  ? 7.345   -10.706 -4.796  1.00 6.83  ? 49  TYR A N   1 
ATOM   371  C CA  . TYR A 1 48  ? 5.976   -10.209 -4.717  1.00 6.71  ? 49  TYR A CA  1 
ATOM   372  C C   . TYR A 1 48  ? 5.913   -9.364  -3.467  1.00 8.61  ? 49  TYR A C   1 
ATOM   373  O O   . TYR A 1 48  ? 6.266   -9.837  -2.382  1.00 8.57  ? 49  TYR A O   1 
ATOM   374  C CB  . TYR A 1 48  ? 4.990   -11.374 -4.586  1.00 6.43  ? 49  TYR A CB  1 
ATOM   375  C CG  . TYR A 1 48  ? 5.089   -12.376 -5.712  1.00 10.29 ? 49  TYR A CG  1 
ATOM   376  C CD1 . TYR A 1 48  ? 4.349   -12.207 -6.885  1.00 8.81  ? 49  TYR A CD1 1 
ATOM   377  C CD2 . TYR A 1 48  ? 5.921   -13.495 -5.609  1.00 9.35  ? 49  TYR A CD2 1 
ATOM   378  C CE1 . TYR A 1 48  ? 4.425   -13.124 -7.919  1.00 10.75 ? 49  TYR A CE1 1 
ATOM   379  C CE2 . TYR A 1 48  ? 6.008   -14.422 -6.649  1.00 9.18  ? 49  TYR A CE2 1 
ATOM   380  C CZ  . TYR A 1 48  ? 5.254   -14.230 -7.796  1.00 9.92  ? 49  TYR A CZ  1 
ATOM   381  O OH  . TYR A 1 48  ? 5.269   -15.161 -8.801  1.00 8.69  ? 49  TYR A OH  1 
ATOM   382  N N   . LEU A 1 49  ? 5.440   -8.128  -3.598  1.00 6.36  ? 50  LEU A N   1 
ATOM   383  C CA  . LEU A 1 49  ? 5.388   -7.236  -2.449  1.00 7.39  ? 50  LEU A CA  1 
ATOM   384  C C   . LEU A 1 49  ? 4.099   -6.446  -2.338  1.00 7.65  ? 50  LEU A C   1 
ATOM   385  O O   . LEU A 1 49  ? 3.481   -6.102  -3.348  1.00 7.79  ? 50  LEU A O   1 
ATOM   386  C CB  . LEU A 1 49  ? 6.561   -6.252  -2.512  1.00 2.99  ? 50  LEU A CB  1 
ATOM   387  C CG  . LEU A 1 49  ? 7.970   -6.826  -2.435  1.00 6.42  ? 50  LEU A CG  1 
ATOM   388  C CD1 . LEU A 1 49  ? 8.974   -5.803  -2.966  1.00 10.18 ? 50  LEU A CD1 1 
ATOM   389  C CD2 . LEU A 1 49  ? 8.282   -7.199  -0.991  1.00 5.36  ? 50  LEU A CD2 1 
ATOM   390  N N   . ILE A 1 50  ? 3.688   -6.196  -1.102  1.00 5.60  ? 51  ILE A N   1 
ATOM   391  C CA  . ILE A 1 50  ? 2.511   -5.388  -0.818  1.00 4.90  ? 51  ILE A CA  1 
ATOM   392  C C   . ILE A 1 50  ? 3.022   -4.345  0.164   1.00 6.20  ? 51  ILE A C   1 
ATOM   393  O O   . ILE A 1 50  ? 3.621   -4.677  1.200   1.00 5.90  ? 51  ILE A O   1 
ATOM   394  C CB  . ILE A 1 50  ? 1.340   -6.189  -0.200  1.00 3.90  ? 51  ILE A CB  1 
ATOM   395  C CG1 . ILE A 1 50  ? 0.910   -7.297  -1.154  1.00 4.12  ? 51  ILE A CG1 1 
ATOM   396  C CG2 . ILE A 1 50  ? 0.155   -5.260  0.041   1.00 2.19  ? 51  ILE A CG2 1 
ATOM   397  C CD1 . ILE A 1 50  ? -0.302  -8.123  -0.667  1.00 5.77  ? 51  ILE A CD1 1 
ATOM   398  N N   . ILE A 1 51  ? 2.863   -3.086  -0.220  1.00 6.72  ? 52  ILE A N   1 
ATOM   399  C CA  . ILE A 1 51  ? 3.326   -1.960  0.570   1.00 4.60  ? 52  ILE A CA  1 
ATOM   400  C C   . ILE A 1 51  ? 2.133   -1.238  1.191   1.00 4.81  ? 52  ILE A C   1 
ATOM   401  O O   . ILE A 1 51  ? 1.224   -0.801  0.479   1.00 5.46  ? 52  ILE A O   1 
ATOM   402  C CB  . ILE A 1 51  ? 4.113   -0.982  -0.335  1.00 5.29  ? 52  ILE A CB  1 
ATOM   403  C CG1 . ILE A 1 51  ? 5.281   -1.709  -1.033  1.00 4.97  ? 52  ILE A CG1 1 
ATOM   404  C CG2 . ILE A 1 51  ? 4.557   0.221   0.454   1.00 6.84  ? 52  ILE A CG2 1 
ATOM   405  C CD1 . ILE A 1 51  ? 6.444   -2.135  -0.127  1.00 7.41  ? 52  ILE A CD1 1 
ATOM   406  N N   . GLY A 1 52  ? 2.153   -1.094  2.513   1.00 3.58  ? 53  GLY A N   1 
ATOM   407  C CA  . GLY A 1 52  ? 1.060   -0.442  3.205   1.00 2.70  ? 53  GLY A CA  1 
ATOM   408  C C   . GLY A 1 52  ? 1.568   0.775   3.929   1.00 2.00  ? 53  GLY A C   1 
ATOM   409  O O   . GLY A 1 52  ? 2.574   0.694   4.623   1.00 3.74  ? 53  GLY A O   1 
ATOM   410  N N   . CYS A 1 53  ? 0.893   1.903   3.756   1.00 2.00  ? 54  CYS A N   1 
ATOM   411  C CA  . CYS A 1 53  ? 1.308   3.143   4.397   1.00 5.89  ? 54  CYS A CA  1 
ATOM   412  C C   . CYS A 1 53  ? 0.172   4.164   4.392   1.00 8.73  ? 54  CYS A C   1 
ATOM   413  O O   . CYS A 1 53  ? -0.399  4.461   3.338   1.00 8.32  ? 54  CYS A O   1 
ATOM   414  C CB  . CYS A 1 53  ? 2.513   3.729   3.658   1.00 4.06  ? 54  CYS A CB  1 
ATOM   415  S SG  . CYS A 1 53  ? 3.235   5.158   4.442   1.00 8.35  ? 54  CYS A SG  1 
ATOM   416  N N   . PRO A 1 54  ? -0.210  4.670   5.579   1.00 7.72  ? 55  PRO A N   1 
ATOM   417  C CA  . PRO A 1 54  ? -1.288  5.658   5.663   1.00 5.38  ? 55  PRO A CA  1 
ATOM   418  C C   . PRO A 1 54  ? -0.791  7.072   5.358   1.00 6.21  ? 55  PRO A C   1 
ATOM   419  O O   . PRO A 1 54  ? 0.425   7.339   5.350   1.00 6.83  ? 55  PRO A O   1 
ATOM   420  C CB  . PRO A 1 54  ? -1.723  5.548   7.119   1.00 2.00  ? 55  PRO A CB  1 
ATOM   421  C CG  . PRO A 1 54  ? -0.445  5.301   7.820   1.00 5.79  ? 55  PRO A CG  1 
ATOM   422  C CD  . PRO A 1 54  ? 0.231   4.267   6.927   1.00 7.92  ? 55  PRO A CD  1 
ATOM   423  N N   . THR A 1 55  ? -1.732  7.967   5.088   1.00 6.97  ? 56  THR A N   1 
ATOM   424  C CA  . THR A 1 55  ? -1.399  9.361   4.846   1.00 9.97  ? 56  THR A CA  1 
ATOM   425  C C   . THR A 1 55  ? -2.083  10.177  5.942   1.00 10.76 ? 56  THR A C   1 
ATOM   426  O O   . THR A 1 55  ? -3.313  10.184  6.044   1.00 9.97  ? 56  THR A O   1 
ATOM   427  C CB  . THR A 1 55  ? -1.893  9.850   3.462   1.00 12.16 ? 56  THR A CB  1 
ATOM   428  O OG1 . THR A 1 55  ? -1.313  9.044   2.427   1.00 8.42  ? 56  THR A OG1 1 
ATOM   429  C CG2 . THR A 1 55  ? -1.499  11.331  3.234   1.00 11.11 ? 56  THR A CG2 1 
ATOM   430  N N   . TRP A 1 56  ? -1.278  10.768  6.820   1.00 14.15 ? 57  TRP A N   1 
ATOM   431  C CA  . TRP A 1 56  ? -1.795  11.604  7.906   1.00 19.18 ? 57  TRP A CA  1 
ATOM   432  C C   . TRP A 1 56  ? -0.933  12.852  8.017   1.00 22.36 ? 57  TRP A C   1 
ATOM   433  O O   . TRP A 1 56  ? -1.236  13.760  8.781   1.00 23.53 ? 57  TRP A O   1 
ATOM   434  C CB  . TRP A 1 56  ? -1.791  10.848  9.251   1.00 17.26 ? 57  TRP A CB  1 
ATOM   435  C CG  . TRP A 1 56  ? -2.771  9.701   9.325   1.00 13.90 ? 57  TRP A CG  1 
ATOM   436  C CD1 . TRP A 1 56  ? -2.476  8.384   9.537   1.00 14.80 ? 57  TRP A CD1 1 
ATOM   437  C CD2 . TRP A 1 56  ? -4.192  9.764   9.112   1.00 13.27 ? 57  TRP A CD2 1 
ATOM   438  N NE1 . TRP A 1 56  ? -3.616  7.624   9.455   1.00 15.15 ? 57  TRP A NE1 1 
ATOM   439  C CE2 . TRP A 1 56  ? -4.685  8.441   9.194   1.00 12.34 ? 57  TRP A CE2 1 
ATOM   440  C CE3 . TRP A 1 56  ? -5.097  10.808  8.852   1.00 13.35 ? 57  TRP A CE3 1 
ATOM   441  C CZ2 . TRP A 1 56  ? -6.044  8.131   9.023   1.00 12.91 ? 57  TRP A CZ2 1 
ATOM   442  C CZ3 . TRP A 1 56  ? -6.453  10.497  8.681   1.00 10.71 ? 57  TRP A CZ3 1 
ATOM   443  C CH2 . TRP A 1 56  ? -6.909  9.168   8.766   1.00 9.48  ? 57  TRP A CH2 1 
ATOM   444  N N   . ASN A 1 57  ? 0.146   12.883  7.245   1.00 28.24 ? 58  ASN A N   1 
ATOM   445  C CA  . ASN A 1 57  ? 1.074   14.005  7.256   1.00 32.73 ? 58  ASN A CA  1 
ATOM   446  C C   . ASN A 1 57  ? 0.817   14.780  5.979   1.00 34.81 ? 58  ASN A C   1 
ATOM   447  O O   . ASN A 1 57  ? 1.096   14.303  4.878   1.00 32.22 ? 58  ASN A O   1 
ATOM   448  C CB  . ASN A 1 57  ? 2.516   13.497  7.320   1.00 36.44 ? 58  ASN A CB  1 
ATOM   449  C CG  . ASN A 1 57  ? 2.732   12.490  8.446   1.00 39.92 ? 58  ASN A CG  1 
ATOM   450  O OD1 . ASN A 1 57  ? 2.530   11.282  8.271   1.00 36.77 ? 58  ASN A OD1 1 
ATOM   451  N ND2 . ASN A 1 57  ? 3.128   12.984  9.610   1.00 43.25 ? 58  ASN A ND2 1 
ATOM   452  N N   . ILE A 1 58  ? 0.283   15.981  6.159   1.00 37.06 ? 59  ILE A N   1 
ATOM   453  C CA  . ILE A 1 58  ? -0.115  16.893  5.088   1.00 39.31 ? 59  ILE A CA  1 
ATOM   454  C C   . ILE A 1 58  ? 0.896   17.198  3.983   1.00 37.76 ? 59  ILE A C   1 
ATOM   455  O O   . ILE A 1 58  ? 0.567   17.879  3.015   1.00 37.05 ? 59  ILE A O   1 
ATOM   456  C CB  . ILE A 1 58  ? -0.681  18.213  5.712   1.00 42.89 ? 59  ILE A CB  1 
ATOM   457  C CG1 . ILE A 1 58  ? -1.823  18.771  4.857   1.00 44.12 ? 59  ILE A CG1 1 
ATOM   458  C CG2 . ILE A 1 58  ? 0.430   19.247  5.928   1.00 41.47 ? 59  ILE A CG2 1 
ATOM   459  C CD1 . ILE A 1 58  ? -2.786  19.657  5.638   1.00 46.11 ? 59  ILE A CD1 1 
ATOM   460  N N   . GLY A 1 59  ? 2.119   16.704  4.132   1.00 37.88 ? 60  GLY A N   1 
ATOM   461  C CA  . GLY A 1 59  ? 3.150   16.935  3.136   1.00 37.70 ? 60  GLY A CA  1 
ATOM   462  C C   . GLY A 1 59  ? 4.402   16.226  3.591   1.00 39.90 ? 60  GLY A C   1 
ATOM   463  O O   . GLY A 1 59  ? 5.505   16.763  3.489   1.00 41.46 ? 60  GLY A O   1 
ATOM   464  N N   . GLU A 1 60  ? 4.210   15.011  4.105   1.00 40.96 ? 61  GLU A N   1 
ATOM   465  C CA  . GLU A 1 60  ? 5.286   14.168  4.621   1.00 37.86 ? 61  GLU A CA  1 
ATOM   466  C C   . GLU A 1 60  ? 4.800   12.704  4.667   1.00 37.17 ? 61  GLU A C   1 
ATOM   467  O O   . GLU A 1 60  ? 3.615   12.417  4.424   1.00 38.22 ? 61  GLU A O   1 
ATOM   468  C CB  . GLU A 1 60  ? 5.673   14.644  6.017   1.00 37.69 ? 61  GLU A CB  1 
ATOM   469  C CG  . GLU A 1 60  ? 6.938   14.040  6.566   1.00 39.20 ? 61  GLU A CG  1 
ATOM   470  C CD  . GLU A 1 60  ? 7.124   14.353  8.033   1.00 41.02 ? 61  GLU A CD  1 
ATOM   471  O OE1 . GLU A 1 60  ? 6.757   15.472  8.455   1.00 41.67 ? 61  GLU A OE1 1 
ATOM   472  O OE2 . GLU A 1 60  ? 7.631   13.477  8.767   1.00 44.07 ? 61  GLU A OE2 1 
ATOM   473  N N   . LEU A 1 61  ? 5.704   11.787  5.000   1.00 33.51 ? 62  LEU A N   1 
ATOM   474  C CA  . LEU A 1 61  ? 5.378   10.360  5.041   1.00 29.05 ? 62  LEU A CA  1 
ATOM   475  C C   . LEU A 1 61  ? 5.469   9.767   6.458   1.00 27.31 ? 62  LEU A C   1 
ATOM   476  O O   . LEU A 1 61  ? 6.180   10.297  7.317   1.00 27.66 ? 62  LEU A O   1 
ATOM   477  C CB  . LEU A 1 61  ? 6.324   9.643   4.075   1.00 27.71 ? 62  LEU A CB  1 
ATOM   478  C CG  . LEU A 1 61  ? 6.320   8.156   3.739   1.00 26.20 ? 62  LEU A CG  1 
ATOM   479  C CD1 . LEU A 1 61  ? 4.947   7.698   3.312   1.00 28.69 ? 62  LEU A CD1 1 
ATOM   480  C CD2 . LEU A 1 61  ? 7.329   7.929   2.620   1.00 24.83 ? 62  LEU A CD2 1 
ATOM   481  N N   . GLN A 1 62  ? 4.728   8.690   6.702   1.00 23.43 ? 63  GLN A N   1 
ATOM   482  C CA  . GLN A 1 62  ? 4.734   8.009   8.003   1.00 23.54 ? 63  GLN A CA  1 
ATOM   483  C C   . GLN A 1 62  ? 6.191   7.756   8.440   1.00 20.25 ? 63  GLN A C   1 
ATOM   484  O O   . GLN A 1 62  ? 6.965   7.129   7.713   1.00 16.59 ? 63  GLN A O   1 
ATOM   485  C CB  . GLN A 1 62  ? 3.945   6.682   7.884   1.00 23.39 ? 63  GLN A CB  1 
ATOM   486  C CG  . GLN A 1 62  ? 3.606   5.952   9.195   1.00 22.29 ? 63  GLN A CG  1 
ATOM   487  C CD  . GLN A 1 62  ? 4.709   5.013   9.688   1.00 21.30 ? 63  GLN A CD  1 
ATOM   488  O OE1 . GLN A 1 62  ? 4.981   4.938   10.883  1.00 25.20 ? 63  GLN A OE1 1 
ATOM   489  N NE2 . GLN A 1 62  ? 5.337   4.294   8.772   1.00 18.44 ? 63  GLN A NE2 1 
ATOM   490  N N   . SER A 1 63  ? 6.554   8.277   9.609   1.00 21.09 ? 64  SER A N   1 
ATOM   491  C CA  . SER A 1 63  ? 7.908   8.166   10.191  1.00 22.23 ? 64  SER A CA  1 
ATOM   492  C C   . SER A 1 63  ? 8.724   6.902   9.869   1.00 19.49 ? 64  SER A C   1 
ATOM   493  O O   . SER A 1 63  ? 9.827   6.995   9.323   1.00 19.12 ? 64  SER A O   1 
ATOM   494  C CB  . SER A 1 63  ? 7.829   8.339   11.707  1.00 23.57 ? 64  SER A CB  1 
ATOM   495  O OG  . SER A 1 63  ? 6.914   7.401   12.259  1.00 33.78 ? 64  SER A OG  1 
ATOM   496  N N   . ASP A 1 64  ? 8.188   5.733   10.222  1.00 16.87 ? 65  ASP A N   1 
ATOM   497  C CA  . ASP A 1 64  ? 8.861   4.453   9.965   1.00 15.01 ? 65  ASP A CA  1 
ATOM   498  C C   . ASP A 1 64  ? 9.218   4.317   8.482   1.00 16.80 ? 65  ASP A C   1 
ATOM   499  O O   . ASP A 1 64  ? 10.328  3.924   8.117   1.00 18.02 ? 65  ASP A O   1 
ATOM   500  C CB  . ASP A 1 64  ? 7.958   3.288   10.387  1.00 12.49 ? 65  ASP A CB  1 
ATOM   501  C CG  . ASP A 1 64  ? 7.563   3.350   11.858  1.00 15.72 ? 65  ASP A CG  1 
ATOM   502  O OD1 . ASP A 1 64  ? 8.371   3.832   12.683  1.00 14.61 ? 65  ASP A OD1 1 
ATOM   503  O OD2 . ASP A 1 64  ? 6.445   2.901   12.196  1.00 16.55 ? 65  ASP A OD2 1 
ATOM   504  N N   . TRP A 1 65  ? 8.271   4.679   7.630   1.00 14.91 ? 66  TRP A N   1 
ATOM   505  C CA  . TRP A 1 65  ? 8.462   4.606   6.197   1.00 13.67 ? 66  TRP A CA  1 
ATOM   506  C C   . TRP A 1 65  ? 9.381   5.718   5.704   1.00 15.61 ? 66  TRP A C   1 
ATOM   507  O O   . TRP A 1 65  ? 10.135  5.537   4.748   1.00 15.30 ? 66  TRP A O   1 
ATOM   508  C CB  . TRP A 1 65  ? 7.106   4.676   5.492   1.00 8.57  ? 66  TRP A CB  1 
ATOM   509  C CG  . TRP A 1 65  ? 6.569   3.331   5.122   1.00 8.08  ? 66  TRP A CG  1 
ATOM   510  C CD1 . TRP A 1 65  ? 5.411   2.759   5.560   1.00 6.07  ? 66  TRP A CD1 1 
ATOM   511  C CD2 . TRP A 1 65  ? 7.161   2.396   4.208   1.00 6.70  ? 66  TRP A CD2 1 
ATOM   512  N NE1 . TRP A 1 65  ? 5.241   1.528   4.971   1.00 7.34  ? 66  TRP A NE1 1 
ATOM   513  C CE2 . TRP A 1 65  ? 6.299   1.278   4.137   1.00 8.01  ? 66  TRP A CE2 1 
ATOM   514  C CE3 . TRP A 1 65  ? 8.335   2.393   3.439   1.00 7.02  ? 66  TRP A CE3 1 
ATOM   515  C CZ2 . TRP A 1 65  ? 6.570   0.173   3.325   1.00 9.01  ? 66  TRP A CZ2 1 
ATOM   516  C CZ3 . TRP A 1 65  ? 8.606   1.289   2.624   1.00 8.94  ? 66  TRP A CZ3 1 
ATOM   517  C CH2 . TRP A 1 65  ? 7.724   0.195   2.577   1.00 9.09  ? 66  TRP A CH2 1 
ATOM   518  N N   . GLU A 1 66  ? 9.333   6.857   6.382   1.00 17.26 ? 67  GLU A N   1 
ATOM   519  C CA  . GLU A 1 66  ? 10.151  8.008   6.025   1.00 21.64 ? 67  GLU A CA  1 
ATOM   520  C C   . GLU A 1 66  ? 11.629  7.602   6.027   1.00 22.03 ? 67  GLU A C   1 
ATOM   521  O O   . GLU A 1 66  ? 12.415  8.071   5.192   1.00 24.59 ? 67  GLU A O   1 
ATOM   522  C CB  . GLU A 1 66  ? 9.900   9.145   7.025   1.00 24.30 ? 67  GLU A CB  1 
ATOM   523  C CG  . GLU A 1 66  ? 10.605  10.468  6.712   1.00 33.72 ? 67  GLU A CG  1 
ATOM   524  C CD  . GLU A 1 66  ? 9.881   11.320  5.670   1.00 38.20 ? 67  GLU A CD  1 
ATOM   525  O OE1 . GLU A 1 66  ? 8.629   11.302  5.630   1.00 42.78 ? 67  GLU A OE1 1 
ATOM   526  O OE2 . GLU A 1 66  ? 10.570  12.029  4.902   1.00 40.81 ? 67  GLU A OE2 1 
ATOM   527  N N   . GLY A 1 67  ? 11.989  6.714   6.950   1.00 20.86 ? 68  GLY A N   1 
ATOM   528  C CA  . GLY A 1 67  ? 13.356  6.243   7.063   1.00 19.67 ? 68  GLY A CA  1 
ATOM   529  C C   . GLY A 1 67  ? 13.764  5.338   5.924   1.00 19.62 ? 68  GLY A C   1 
ATOM   530  O O   . GLY A 1 67  ? 14.796  5.537   5.302   1.00 22.82 ? 68  GLY A O   1 
ATOM   531  N N   . LEU A 1 68  ? 12.957  4.331   5.642   1.00 18.68 ? 69  LEU A N   1 
ATOM   532  C CA  . LEU A 1 68  ? 13.265  3.411   4.560   1.00 19.91 ? 69  LEU A CA  1 
ATOM   533  C C   . LEU A 1 68  ? 13.324  4.102   3.197   1.00 19.40 ? 69  LEU A C   1 
ATOM   534  O O   . LEU A 1 68  ? 14.106  3.712   2.327   1.00 19.66 ? 69  LEU A O   1 
ATOM   535  C CB  . LEU A 1 68  ? 12.236  2.278   4.531   1.00 19.04 ? 69  LEU A CB  1 
ATOM   536  C CG  . LEU A 1 68  ? 12.732  0.926   5.042   1.00 19.17 ? 69  LEU A CG  1 
ATOM   537  C CD1 . LEU A 1 68  ? 13.432  1.115   6.365   1.00 23.28 ? 69  LEU A CD1 1 
ATOM   538  C CD2 . LEU A 1 68  ? 11.583  -0.068  5.156   1.00 19.13 ? 69  LEU A CD2 1 
ATOM   539  N N   . TYR A 1 69  ? 12.502  5.131   3.020   1.00 20.08 ? 70  TYR A N   1 
ATOM   540  C CA  . TYR A 1 69  ? 12.437  5.870   1.762   1.00 18.92 ? 70  TYR A CA  1 
ATOM   541  C C   . TYR A 1 69  ? 13.807  6.321   1.262   1.00 19.53 ? 70  TYR A C   1 
ATOM   542  O O   . TYR A 1 69  ? 14.115  6.169   0.081   1.00 19.26 ? 70  TYR A O   1 
ATOM   543  C CB  . TYR A 1 69  ? 11.513  7.074   1.908   1.00 15.85 ? 70  TYR A CB  1 
ATOM   544  C CG  . TYR A 1 69  ? 11.243  7.796   0.614   1.00 16.31 ? 70  TYR A CG  1 
ATOM   545  C CD1 . TYR A 1 69  ? 10.300  7.312   -0.297  1.00 17.15 ? 70  TYR A CD1 1 
ATOM   546  C CD2 . TYR A 1 69  ? 11.918  8.969   0.299   1.00 15.05 ? 70  TYR A CD2 1 
ATOM   547  C CE1 . TYR A 1 69  ? 10.037  7.989   -1.492  1.00 16.40 ? 70  TYR A CE1 1 
ATOM   548  C CE2 . TYR A 1 69  ? 11.663  9.647   -0.889  1.00 17.64 ? 70  TYR A CE2 1 
ATOM   549  C CZ  . TYR A 1 69  ? 10.721  9.153   -1.777  1.00 16.30 ? 70  TYR A CZ  1 
ATOM   550  O OH  . TYR A 1 69  ? 10.454  9.836   -2.934  1.00 18.12 ? 70  TYR A OH  1 
ATOM   551  N N   . SER A 1 70  ? 14.634  6.843   2.163   1.00 21.08 ? 71  SER A N   1 
ATOM   552  C CA  . SER A 1 70  ? 15.970  7.315   1.805   1.00 23.73 ? 71  SER A CA  1 
ATOM   553  C C   . SER A 1 70  ? 16.881  6.210   1.287   1.00 22.15 ? 71  SER A C   1 
ATOM   554  O O   . SER A 1 70  ? 17.761  6.459   0.469   1.00 26.59 ? 71  SER A O   1 
ATOM   555  C CB  . SER A 1 70  ? 16.638  8.024   2.992   1.00 27.04 ? 71  SER A CB  1 
ATOM   556  O OG  . SER A 1 70  ? 15.916  7.838   4.202   1.00 32.80 ? 71  SER A OG  1 
ATOM   557  N N   . GLU A 1 71  ? 16.643  4.983   1.729   1.00 21.47 ? 72  GLU A N   1 
ATOM   558  C CA  . GLU A 1 71  ? 17.454  3.854   1.304   1.00 18.62 ? 72  GLU A CA  1 
ATOM   559  C C   . GLU A 1 71  ? 16.846  3.040   0.179   1.00 16.98 ? 72  GLU A C   1 
ATOM   560  O O   . GLU A 1 71  ? 17.403  2.009   -0.199  1.00 17.55 ? 72  GLU A O   1 
ATOM   561  C CB  . GLU A 1 71  ? 17.747  2.929   2.481   1.00 23.90 ? 72  GLU A CB  1 
ATOM   562  C CG  . GLU A 1 71  ? 18.739  3.477   3.495   1.00 28.74 ? 72  GLU A CG  1 
ATOM   563  C CD  . GLU A 1 71  ? 19.223  2.405   4.457   1.00 32.91 ? 72  GLU A CD  1 
ATOM   564  O OE1 . GLU A 1 71  ? 19.949  1.486   4.012   1.00 34.29 ? 72  GLU A OE1 1 
ATOM   565  O OE2 . GLU A 1 71  ? 18.871  2.478   5.653   1.00 33.65 ? 72  GLU A OE2 1 
ATOM   566  N N   . LEU A 1 72  ? 15.711  3.477   -0.361  1.00 15.08 ? 73  LEU A N   1 
ATOM   567  C CA  . LEU A 1 72  ? 15.089  2.727   -1.444  1.00 15.44 ? 73  LEU A CA  1 
ATOM   568  C C   . LEU A 1 72  ? 15.956  2.725   -2.709  1.00 17.44 ? 73  LEU A C   1 
ATOM   569  O O   . LEU A 1 72  ? 15.749  1.907   -3.603  1.00 17.14 ? 73  LEU A O   1 
ATOM   570  C CB  . LEU A 1 72  ? 13.674  3.236   -1.755  1.00 18.77 ? 73  LEU A CB  1 
ATOM   571  C CG  . LEU A 1 72  ? 12.498  2.863   -0.834  1.00 20.39 ? 73  LEU A CG  1 
ATOM   572  C CD1 . LEU A 1 72  ? 11.180  3.256   -1.506  1.00 21.43 ? 73  LEU A CD1 1 
ATOM   573  C CD2 . LEU A 1 72  ? 12.484  1.370   -0.541  1.00 19.87 ? 73  LEU A CD2 1 
ATOM   574  N N   . ASP A 1 73  ? 16.918  3.647   -2.783  1.00 20.30 ? 74  ASP A N   1 
ATOM   575  C CA  . ASP A 1 73  ? 17.834  3.727   -3.929  1.00 21.98 ? 74  ASP A CA  1 
ATOM   576  C C   . ASP A 1 73  ? 18.865  2.597   -3.894  1.00 26.29 ? 74  ASP A C   1 
ATOM   577  O O   . ASP A 1 73  ? 19.509  2.288   -4.899  1.00 26.16 ? 74  ASP A O   1 
ATOM   578  C CB  . ASP A 1 73  ? 18.558  5.075   -3.947  1.00 22.61 ? 74  ASP A CB  1 
ATOM   579  C CG  . ASP A 1 73  ? 17.638  6.224   -4.288  1.00 25.99 ? 74  ASP A CG  1 
ATOM   580  O OD1 . ASP A 1 73  ? 16.864  6.080   -5.257  1.00 29.28 ? 74  ASP A OD1 1 
ATOM   581  O OD2 . ASP A 1 73  ? 17.679  7.265   -3.590  1.00 26.82 ? 74  ASP A OD2 1 
ATOM   582  N N   . ASP A 1 74  ? 19.014  1.989   -2.723  1.00 26.25 ? 75  ASP A N   1 
ATOM   583  C CA  . ASP A 1 74  ? 19.953  0.895   -2.523  1.00 27.61 ? 75  ASP A CA  1 
ATOM   584  C C   . ASP A 1 74  ? 19.379  -0.458  -2.957  1.00 25.29 ? 75  ASP A C   1 
ATOM   585  O O   . ASP A 1 74  ? 20.038  -1.484  -2.817  1.00 28.34 ? 75  ASP A O   1 
ATOM   586  C CB  . ASP A 1 74  ? 20.372  0.820   -1.042  1.00 29.76 ? 75  ASP A CB  1 
ATOM   587  C CG  . ASP A 1 74  ? 21.288  1.966   -0.616  1.00 33.45 ? 75  ASP A CG  1 
ATOM   588  O OD1 . ASP A 1 74  ? 20.899  3.151   -0.745  1.00 36.56 ? 75  ASP A OD1 1 
ATOM   589  O OD2 . ASP A 1 74  ? 22.398  1.670   -0.122  1.00 37.28 ? 75  ASP A OD2 1 
ATOM   590  N N   . VAL A 1 75  ? 18.161  -0.474  -3.484  1.00 24.02 ? 76  VAL A N   1 
ATOM   591  C CA  . VAL A 1 75  ? 17.553  -1.732  -3.903  1.00 21.73 ? 76  VAL A CA  1 
ATOM   592  C C   . VAL A 1 75  ? 16.993  -1.716  -5.323  1.00 18.74 ? 76  VAL A C   1 
ATOM   593  O O   . VAL A 1 75  ? 16.315  -0.784  -5.747  1.00 17.59 ? 76  VAL A O   1 
ATOM   594  C CB  . VAL A 1 75  ? 16.487  -2.245  -2.865  1.00 23.89 ? 76  VAL A CB  1 
ATOM   595  C CG1 . VAL A 1 75  ? 15.707  -1.082  -2.266  1.00 26.38 ? 76  VAL A CG1 1 
ATOM   596  C CG2 . VAL A 1 75  ? 15.530  -3.264  -3.510  1.00 22.66 ? 76  VAL A CG2 1 
ATOM   597  N N   . ASP A 1 76  ? 17.323  -2.767  -6.058  1.00 16.44 ? 77  ASP A N   1 
ATOM   598  C CA  . ASP A 1 76  ? 16.898  -2.949  -7.430  1.00 13.93 ? 77  ASP A CA  1 
ATOM   599  C C   . ASP A 1 76  ? 15.581  -3.740  -7.390  1.00 13.10 ? 77  ASP A C   1 
ATOM   600  O O   . ASP A 1 76  ? 15.549  -4.866  -6.893  1.00 13.59 ? 77  ASP A O   1 
ATOM   601  C CB  . ASP A 1 76  ? 17.984  -3.750  -8.161  1.00 17.80 ? 77  ASP A CB  1 
ATOM   602  C CG  . ASP A 1 76  ? 17.866  -3.678  -9.666  1.00 19.87 ? 77  ASP A CG  1 
ATOM   603  O OD1 . ASP A 1 76  ? 17.102  -4.472  -10.246 1.00 20.33 ? 77  ASP A OD1 1 
ATOM   604  O OD2 . ASP A 1 76  ? 18.563  -2.843  -10.278 1.00 26.73 ? 77  ASP A OD2 1 
ATOM   605  N N   . PHE A 1 77  ? 14.507  -3.148  -7.906  1.00 9.43  ? 78  PHE A N   1 
ATOM   606  C CA  . PHE A 1 77  ? 13.191  -3.786  -7.916  1.00 10.50 ? 78  PHE A CA  1 
ATOM   607  C C   . PHE A 1 77  ? 12.767  -4.378  -9.255  1.00 12.18 ? 78  PHE A C   1 
ATOM   608  O O   . PHE A 1 77  ? 11.629  -4.833  -9.405  1.00 13.78 ? 78  PHE A O   1 
ATOM   609  C CB  . PHE A 1 77  ? 12.119  -2.791  -7.480  1.00 8.82  ? 78  PHE A CB  1 
ATOM   610  C CG  . PHE A 1 77  ? 12.151  -2.452  -6.018  1.00 7.10  ? 78  PHE A CG  1 
ATOM   611  C CD1 . PHE A 1 77  ? 12.917  -1.390  -5.553  1.00 6.33  ? 78  PHE A CD1 1 
ATOM   612  C CD2 . PHE A 1 77  ? 11.353  -3.141  -5.119  1.00 8.22  ? 78  PHE A CD2 1 
ATOM   613  C CE1 . PHE A 1 77  ? 12.881  -1.010  -4.215  1.00 8.84  ? 78  PHE A CE1 1 
ATOM   614  C CE2 . PHE A 1 77  ? 11.309  -2.769  -3.774  1.00 9.70  ? 78  PHE A CE2 1 
ATOM   615  C CZ  . PHE A 1 77  ? 12.077  -1.699  -3.326  1.00 8.62  ? 78  PHE A CZ  1 
ATOM   616  N N   . ASN A 1 78  ? 13.659  -4.375  -10.237 1.00 14.43 ? 79  ASN A N   1 
ATOM   617  C CA  . ASN A 1 78  ? 13.305  -4.915  -11.547 1.00 14.79 ? 79  ASN A CA  1 
ATOM   618  C C   . ASN A 1 78  ? 12.891  -6.382  -11.437 1.00 13.00 ? 79  ASN A C   1 
ATOM   619  O O   . ASN A 1 78  ? 13.528  -7.167  -10.744 1.00 14.17 ? 79  ASN A O   1 
ATOM   620  C CB  . ASN A 1 78  ? 14.449  -4.713  -12.557 1.00 18.99 ? 79  ASN A CB  1 
ATOM   621  C CG  . ASN A 1 78  ? 14.636  -3.248  -12.944 1.00 18.23 ? 79  ASN A CG  1 
ATOM   622  O OD1 . ASN A 1 78  ? 15.531  -2.567  -12.437 1.00 25.51 ? 79  ASN A OD1 1 
ATOM   623  N ND2 . ASN A 1 78  ? 13.780  -2.755  -13.827 1.00 20.00 ? 79  ASN A ND2 1 
ATOM   624  N N   . GLY A 1 79  ? 11.776  -6.721  -12.071 1.00 11.41 ? 80  GLY A N   1 
ATOM   625  C CA  . GLY A 1 79  ? 11.268  -8.079  -12.028 1.00 10.25 ? 80  GLY A CA  1 
ATOM   626  C C   . GLY A 1 79  ? 10.253  -8.317  -10.914 1.00 11.08 ? 80  GLY A C   1 
ATOM   627  O O   . GLY A 1 79  ? 9.480   -9.278  -10.969 1.00 12.52 ? 80  GLY A O   1 
ATOM   628  N N   . LYS A 1 80  ? 10.226  -7.440  -9.916  1.00 8.36  ? 81  LYS A N   1 
ATOM   629  C CA  . LYS A 1 80  ? 9.308   -7.604  -8.791  1.00 7.96  ? 81  LYS A CA  1 
ATOM   630  C C   . LYS A 1 80  ? 7.941   -6.986  -9.056  1.00 8.26  ? 81  LYS A C   1 
ATOM   631  O O   . LYS A 1 80  ? 7.847   -5.935  -9.701  1.00 10.69 ? 81  LYS A O   1 
ATOM   632  C CB  . LYS A 1 80  ? 9.906   -6.990  -7.531  1.00 6.74  ? 81  LYS A CB  1 
ATOM   633  C CG  . LYS A 1 80  ? 11.217  -7.597  -7.096  1.00 4.63  ? 81  LYS A CG  1 
ATOM   634  C CD  . LYS A 1 80  ? 11.675  -6.902  -5.822  1.00 11.27 ? 81  LYS A CD  1 
ATOM   635  C CE  . LYS A 1 80  ? 13.127  -7.168  -5.488  1.00 10.15 ? 81  LYS A CE  1 
ATOM   636  N NZ  . LYS A 1 80  ? 13.361  -8.581  -5.120  1.00 12.06 ? 81  LYS A NZ  1 
ATOM   637  N N   . LEU A 1 81  ? 6.900   -7.660  -8.574  1.00 3.29  ? 82  LEU A N   1 
ATOM   638  C CA  . LEU A 1 81  ? 5.513   -7.216  -8.722  1.00 6.82  ? 82  LEU A CA  1 
ATOM   639  C C   . LEU A 1 81  ? 5.143   -6.560  -7.398  1.00 7.82  ? 82  LEU A C   1 
ATOM   640  O O   . LEU A 1 81  ? 5.326   -7.167  -6.338  1.00 5.11  ? 82  LEU A O   1 
ATOM   641  C CB  . LEU A 1 81  ? 4.598   -8.421  -8.983  1.00 5.48  ? 82  LEU A CB  1 
ATOM   642  C CG  . LEU A 1 81  ? 4.193   -8.730  -10.427 1.00 10.51 ? 82  LEU A CG  1 
ATOM   643  C CD1 . LEU A 1 81  ? 5.284   -8.364  -11.417 1.00 12.80 ? 82  LEU A CD1 1 
ATOM   644  C CD2 . LEU A 1 81  ? 3.808   -10.187 -10.539 1.00 9.69  ? 82  LEU A CD2 1 
ATOM   645  N N   . VAL A 1 82  ? 4.642   -5.328  -7.458  1.00 7.33  ? 83  VAL A N   1 
ATOM   646  C CA  . VAL A 1 82  ? 4.290   -4.585  -6.248  1.00 6.97  ? 83  VAL A CA  1 
ATOM   647  C C   . VAL A 1 82  ? 2.860   -4.027  -6.242  1.00 7.82  ? 83  VAL A C   1 
ATOM   648  O O   . VAL A 1 82  ? 2.398   -3.488  -7.248  1.00 3.31  ? 83  VAL A O   1 
ATOM   649  C CB  . VAL A 1 82  ? 5.247   -3.400  -6.058  1.00 5.26  ? 83  VAL A CB  1 
ATOM   650  C CG1 . VAL A 1 82  ? 5.091   -2.816  -4.672  1.00 2.00  ? 83  VAL A CG1 1 
ATOM   651  C CG2 . VAL A 1 82  ? 6.681   -3.834  -6.319  1.00 5.44  ? 83  VAL A CG2 1 
ATOM   652  N N   . ALA A 1 83  ? 2.174   -4.188  -5.108  1.00 4.96  ? 84  ALA A N   1 
ATOM   653  C CA  . ALA A 1 83  ? 0.818   -3.688  -4.884  1.00 2.96  ? 84  ALA A CA  1 
ATOM   654  C C   . ALA A 1 83  ? 0.882   -2.724  -3.684  1.00 3.97  ? 84  ALA A C   1 
ATOM   655  O O   . ALA A 1 83  ? 1.801   -2.813  -2.860  1.00 3.91  ? 84  ALA A O   1 
ATOM   656  C CB  . ALA A 1 83  ? -0.124  -4.822  -4.603  1.00 2.00  ? 84  ALA A CB  1 
ATOM   657  N N   . TYR A 1 84  ? -0.079  -1.805  -3.590  1.00 3.54  ? 85  TYR A N   1 
ATOM   658  C CA  . TYR A 1 84  ? -0.085  -0.792  -2.527  1.00 3.97  ? 85  TYR A CA  1 
ATOM   659  C C   . TYR A 1 84  ? -1.452  -0.566  -1.901  1.00 3.15  ? 85  TYR A C   1 
ATOM   660  O O   . TYR A 1 84  ? -2.469  -0.690  -2.571  1.00 3.75  ? 85  TYR A O   1 
ATOM   661  C CB  . TYR A 1 84  ? 0.349   0.566   -3.098  1.00 3.43  ? 85  TYR A CB  1 
ATOM   662  C CG  . TYR A 1 84  ? 1.690   0.589   -3.790  1.00 4.55  ? 85  TYR A CG  1 
ATOM   663  C CD1 . TYR A 1 84  ? 1.838   0.078   -5.087  1.00 2.00  ? 85  TYR A CD1 1 
ATOM   664  C CD2 . TYR A 1 84  ? 2.818   1.084   -3.136  1.00 2.00  ? 85  TYR A CD2 1 
ATOM   665  C CE1 . TYR A 1 84  ? 3.068   0.047   -5.701  1.00 2.00  ? 85  TYR A CE1 1 
ATOM   666  C CE2 . TYR A 1 84  ? 4.062   1.069   -3.750  1.00 3.11  ? 85  TYR A CE2 1 
ATOM   667  C CZ  . TYR A 1 84  ? 4.183   0.546   -5.031  1.00 3.98  ? 85  TYR A CZ  1 
ATOM   668  O OH  . TYR A 1 84  ? 5.417   0.521   -5.642  1.00 5.84  ? 85  TYR A OH  1 
ATOM   669  N N   . PHE A 1 85  ? -1.471  -0.209  -0.620  1.00 3.83  ? 86  PHE A N   1 
ATOM   670  C CA  . PHE A 1 85  ? -2.719  0.105   0.075   1.00 5.77  ? 86  PHE A CA  1 
ATOM   671  C C   . PHE A 1 85  ? -2.401  1.089   1.186   1.00 4.66  ? 86  PHE A C   1 
ATOM   672  O O   . PHE A 1 85  ? -1.263  1.174   1.648   1.00 6.30  ? 86  PHE A O   1 
ATOM   673  C CB  . PHE A 1 85  ? -3.460  -1.144  0.607   1.00 4.06  ? 86  PHE A CB  1 
ATOM   674  C CG  . PHE A 1 85  ? -2.857  -1.749  1.855   1.00 7.42  ? 86  PHE A CG  1 
ATOM   675  C CD1 . PHE A 1 85  ? -1.833  -2.688  1.769   1.00 5.86  ? 86  PHE A CD1 1 
ATOM   676  C CD2 . PHE A 1 85  ? -3.332  -1.399  3.118   1.00 8.60  ? 86  PHE A CD2 1 
ATOM   677  C CE1 . PHE A 1 85  ? -1.297  -3.264  2.928   1.00 9.48  ? 86  PHE A CE1 1 
ATOM   678  C CE2 . PHE A 1 85  ? -2.797  -1.974  4.280   1.00 7.14  ? 86  PHE A CE2 1 
ATOM   679  C CZ  . PHE A 1 85  ? -1.786  -2.904  4.183   1.00 4.90  ? 86  PHE A CZ  1 
ATOM   680  N N   . GLY A 1 86  ? -3.392  1.879   1.569   1.00 8.61  ? 87  GLY A N   1 
ATOM   681  C CA  . GLY A 1 86  ? -3.182  2.856   2.613   1.00 6.02  ? 87  GLY A CA  1 
ATOM   682  C C   . GLY A 1 86  ? -4.498  3.326   3.171   1.00 4.74  ? 87  GLY A C   1 
ATOM   683  O O   . GLY A 1 86  ? -5.549  3.041   2.609   1.00 3.60  ? 87  GLY A O   1 
ATOM   684  N N   . THR A 1 87  ? -4.438  3.994   4.313   1.00 4.71  ? 88  THR A N   1 
ATOM   685  C CA  . THR A 1 87  ? -5.611  4.541   4.976   1.00 7.86  ? 88  THR A CA  1 
ATOM   686  C C   . THR A 1 87  ? -5.491  6.054   4.886   1.00 7.71  ? 88  THR A C   1 
ATOM   687  O O   . THR A 1 87  ? -4.384  6.594   4.703   1.00 11.28 ? 88  THR A O   1 
ATOM   688  C CB  . THR A 1 87  ? -5.633  4.150   6.464   1.00 7.40  ? 88  THR A CB  1 
ATOM   689  O OG1 . THR A 1 87  ? -4.286  4.004   6.910   1.00 12.89 ? 88  THR A OG1 1 
ATOM   690  C CG2 . THR A 1 87  ? -6.377  2.837   6.686   1.00 6.82  ? 88  THR A CG2 1 
ATOM   691  N N   . GLY A 1 88  ? -6.617  6.742   5.006   1.00 6.38  ? 89  GLY A N   1 
ATOM   692  C CA  . GLY A 1 88  ? -6.587  8.189   4.948   1.00 6.39  ? 89  GLY A CA  1 
ATOM   693  C C   . GLY A 1 88  ? -7.949  8.767   5.233   1.00 6.19  ? 89  GLY A C   1 
ATOM   694  O O   . GLY A 1 88  ? -8.885  8.029   5.545   1.00 6.16  ? 89  GLY A O   1 
ATOM   695  N N   . ASP A 1 89  ? -8.072  10.077  5.057   1.00 6.81  ? 90  ASP A N   1 
ATOM   696  C CA  . ASP A 1 89  ? -9.323  10.800  5.304   1.00 9.34  ? 90  ASP A CA  1 
ATOM   697  C C   . ASP A 1 89  ? -9.577  11.705  4.093   1.00 6.89  ? 90  ASP A C   1 
ATOM   698  O O   . ASP A 1 89  ? -9.001  12.787  3.986   1.00 9.47  ? 90  ASP A O   1 
ATOM   699  C CB  . ASP A 1 89  ? -9.179  11.615  6.605   1.00 9.26  ? 90  ASP A CB  1 
ATOM   700  C CG  . ASP A 1 89  ? -10.398 12.470  6.932   1.00 12.95 ? 90  ASP A CG  1 
ATOM   701  O OD1 . ASP A 1 89  ? -11.462 12.363  6.276   1.00 9.70  ? 90  ASP A OD1 1 
ATOM   702  O OD2 . ASP A 1 89  ? -10.275 13.271  7.878   1.00 14.21 ? 90  ASP A OD2 1 
ATOM   703  N N   . GLN A 1 90  ? -10.457 11.253  3.197   1.00 7.45  ? 91  GLN A N   1 
ATOM   704  C CA  . GLN A 1 90  ? -10.786 11.969  1.960   1.00 5.23  ? 91  GLN A CA  1 
ATOM   705  C C   . GLN A 1 90  ? -11.437 13.328  2.131   1.00 6.33  ? 91  GLN A C   1 
ATOM   706  O O   . GLN A 1 90  ? -11.539 14.082  1.183   1.00 8.50  ? 91  GLN A O   1 
ATOM   707  C CB  . GLN A 1 90  ? -11.649 11.096  1.042   1.00 6.36  ? 91  GLN A CB  1 
ATOM   708  C CG  . GLN A 1 90  ? -13.010 10.703  1.608   1.00 7.81  ? 91  GLN A CG  1 
ATOM   709  C CD  . GLN A 1 90  ? -13.622 9.509   0.890   1.00 13.31 ? 91  GLN A CD  1 
ATOM   710  O OE1 . GLN A 1 90  ? -14.393 9.664   -0.044  1.00 15.63 ? 91  GLN A OE1 1 
ATOM   711  N NE2 . GLN A 1 90  ? -13.270 8.305   1.329   1.00 17.58 ? 91  GLN A NE2 1 
ATOM   712  N N   . ILE A 1 91  ? -11.900 13.638  3.332   1.00 7.21  ? 92  ILE A N   1 
ATOM   713  C CA  . ILE A 1 91  ? -12.521 14.935  3.563   1.00 9.82  ? 92  ILE A CA  1 
ATOM   714  C C   . ILE A 1 91  ? -11.544 15.886  4.265   1.00 12.25 ? 92  ILE A C   1 
ATOM   715  O O   . ILE A 1 91  ? -11.397 17.043  3.870   1.00 10.05 ? 92  ILE A O   1 
ATOM   716  C CB  . ILE A 1 91  ? -13.823 14.751  4.355   1.00 15.76 ? 92  ILE A CB  1 
ATOM   717  C CG1 . ILE A 1 91  ? -14.809 13.952  3.489   1.00 15.78 ? 92  ILE A CG1 1 
ATOM   718  C CG2 . ILE A 1 91  ? -14.395 16.108  4.770   1.00 11.52 ? 92  ILE A CG2 1 
ATOM   719  C CD1 . ILE A 1 91  ? -15.721 13.046  4.245   1.00 24.16 ? 92  ILE A CD1 1 
ATOM   720  N N   . GLY A 1 92  ? -10.833 15.366  5.263   1.00 11.32 ? 93  GLY A N   1 
ATOM   721  C CA  . GLY A 1 92  ? -9.866  16.161  5.999   1.00 11.58 ? 93  GLY A CA  1 
ATOM   722  C C   . GLY A 1 92  ? -8.565  16.388  5.253   1.00 12.95 ? 93  GLY A C   1 
ATOM   723  O O   . GLY A 1 92  ? -7.774  17.260  5.628   1.00 11.24 ? 93  GLY A O   1 
ATOM   724  N N   . TYR A 1 93  ? -8.327  15.571  4.223   1.00 13.53 ? 94  TYR A N   1 
ATOM   725  C CA  . TYR A 1 93  ? -7.130  15.663  3.381   1.00 11.12 ? 94  TYR A CA  1 
ATOM   726  C C   . TYR A 1 93  ? -7.588  15.526  1.925   1.00 9.95  ? 94  TYR A C   1 
ATOM   727  O O   . TYR A 1 93  ? -7.028  14.748  1.153   1.00 7.96  ? 94  TYR A O   1 
ATOM   728  C CB  . TYR A 1 93  ? -6.124  14.543  3.719   1.00 12.58 ? 94  TYR A CB  1 
ATOM   729  C CG  . TYR A 1 93  ? -5.585  14.567  5.139   1.00 12.48 ? 94  TYR A CG  1 
ATOM   730  C CD1 . TYR A 1 93  ? -6.296  13.977  6.185   1.00 14.68 ? 94  TYR A CD1 1 
ATOM   731  C CD2 . TYR A 1 93  ? -4.374  15.197  5.440   1.00 14.99 ? 94  TYR A CD2 1 
ATOM   732  C CE1 . TYR A 1 93  ? -5.818  14.018  7.496   1.00 12.82 ? 94  TYR A CE1 1 
ATOM   733  C CE2 . TYR A 1 93  ? -3.885  15.242  6.753   1.00 11.83 ? 94  TYR A CE2 1 
ATOM   734  C CZ  . TYR A 1 93  ? -4.619  14.651  7.768   1.00 11.00 ? 94  TYR A CZ  1 
ATOM   735  O OH  . TYR A 1 93  ? -4.167  14.713  9.059   1.00 15.54 ? 94  TYR A OH  1 
ATOM   736  N N   . ALA A 1 94  ? -8.599  16.309  1.555   1.00 7.06  ? 95  ALA A N   1 
ATOM   737  C CA  . ALA A 1 94  ? -9.160  16.269  0.210   1.00 4.99  ? 95  ALA A CA  1 
ATOM   738  C C   . ALA A 1 94  ? -8.155  16.475  -0.922  1.00 5.42  ? 95  ALA A C   1 
ATOM   739  O O   . ALA A 1 94  ? -8.297  15.883  -1.997  1.00 7.15  ? 95  ALA A O   1 
ATOM   740  C CB  . ALA A 1 94  ? -10.298 17.281  0.098   1.00 9.77  ? 95  ALA A CB  1 
ATOM   741  N N   . ASP A 1 95  ? -7.160  17.328  -0.698  1.00 4.97  ? 96  ASP A N   1 
ATOM   742  C CA  . ASP A 1 95  ? -6.146  17.617  -1.705  1.00 7.90  ? 96  ASP A CA  1 
ATOM   743  C C   . ASP A 1 95  ? -4.905  16.741  -1.639  1.00 7.98  ? 96  ASP A C   1 
ATOM   744  O O   . ASP A 1 95  ? -4.027  16.851  -2.492  1.00 10.08 ? 96  ASP A O   1 
ATOM   745  C CB  . ASP A 1 95  ? -5.708  19.089  -1.625  1.00 13.95 ? 96  ASP A CB  1 
ATOM   746  C CG  . ASP A 1 95  ? -6.817  20.061  -2.002  1.00 15.96 ? 96  ASP A CG  1 
ATOM   747  O OD1 . ASP A 1 95  ? -7.308  20.008  -3.145  1.00 15.75 ? 96  ASP A OD1 1 
ATOM   748  O OD2 . ASP A 1 95  ? -7.193  20.879  -1.144  1.00 22.47 ? 96  ASP A OD2 1 
ATOM   749  N N   . ASN A 1 96  ? -4.823  15.889  -0.628  1.00 7.81  ? 97  ASN A N   1 
ATOM   750  C CA  . ASN A 1 96  ? -3.666  15.020  -0.449  1.00 7.71  ? 97  ASN A CA  1 
ATOM   751  C C   . ASN A 1 96  ? -4.102  13.639  0.008   1.00 9.52  ? 97  ASN A C   1 
ATOM   752  O O   . ASN A 1 96  ? -3.391  12.996  0.790   1.00 10.27 ? 97  ASN A O   1 
ATOM   753  C CB  . ASN A 1 96  ? -2.731  15.601  0.614   1.00 8.76  ? 97  ASN A CB  1 
ATOM   754  C CG  . ASN A 1 96  ? -2.178  16.953  0.229   1.00 13.49 ? 97  ASN A CG  1 
ATOM   755  O OD1 . ASN A 1 96  ? -2.843  17.972  0.408   1.00 15.78 ? 97  ASN A OD1 1 
ATOM   756  N ND2 . ASN A 1 96  ? -0.967  16.975  -0.306  1.00 9.52  ? 97  ASN A ND2 1 
ATOM   757  N N   . PHE A 1 97  ? -5.264  13.190  -0.459  1.00 7.21  ? 98  PHE A N   1 
ATOM   758  C CA  . PHE A 1 97  ? -5.801  11.887  -0.072  1.00 7.98  ? 98  PHE A CA  1 
ATOM   759  C C   . PHE A 1 97  ? -4.942  10.738  -0.609  1.00 6.67  ? 98  PHE A C   1 
ATOM   760  O O   . PHE A 1 97  ? -4.837  10.586  -1.814  1.00 8.48  ? 98  PHE A O   1 
ATOM   761  C CB  . PHE A 1 97  ? -7.244  11.753  -0.586  1.00 6.10  ? 98  PHE A CB  1 
ATOM   762  C CG  . PHE A 1 97  ? -7.907  10.425  -0.238  1.00 8.40  ? 98  PHE A CG  1 
ATOM   763  C CD1 . PHE A 1 97  ? -7.967  9.979   1.084   1.00 6.19  ? 98  PHE A CD1 1 
ATOM   764  C CD2 . PHE A 1 97  ? -8.486  9.634   -1.233  1.00 5.19  ? 98  PHE A CD2 1 
ATOM   765  C CE1 . PHE A 1 97  ? -8.594  8.768   1.406   1.00 2.74  ? 98  PHE A CE1 1 
ATOM   766  C CE2 . PHE A 1 97  ? -9.111  8.423   -0.914  1.00 3.20  ? 98  PHE A CE2 1 
ATOM   767  C CZ  . PHE A 1 97  ? -9.161  7.997   0.408   1.00 2.00  ? 98  PHE A CZ  1 
ATOM   768  N N   . GLN A 1 98  ? -4.335  9.946   0.281   1.00 5.53  ? 99  GLN A N   1 
ATOM   769  C CA  . GLN A 1 98  ? -3.493  8.784   -0.090  1.00 5.54  ? 99  GLN A CA  1 
ATOM   770  C C   . GLN A 1 98  ? -2.182  9.128   -0.784  1.00 5.18  ? 99  GLN A C   1 
ATOM   771  O O   . GLN A 1 98  ? -1.666  8.329   -1.560  1.00 5.73  ? 99  GLN A O   1 
ATOM   772  C CB  . GLN A 1 98  ? -4.251  7.793   -0.997  1.00 7.73  ? 99  GLN A CB  1 
ATOM   773  C CG  . GLN A 1 98  ? -5.581  7.259   -0.472  1.00 8.08  ? 99  GLN A CG  1 
ATOM   774  C CD  . GLN A 1 98  ? -5.421  6.330   0.713   1.00 12.19 ? 99  GLN A CD  1 
ATOM   775  O OE1 . GLN A 1 98  ? -4.318  5.870   1.015   1.00 12.68 ? 99  GLN A OE1 1 
ATOM   776  N NE2 . GLN A 1 98  ? -6.530  6.039   1.390   1.00 8.73  ? 99  GLN A NE2 1 
ATOM   777  N N   . ASP A 1 99  ? -1.651  10.317  -0.526  1.00 6.39  ? 100 ASP A N   1 
ATOM   778  C CA  . ASP A 1 99  ? -0.400  10.755  -1.126  1.00 4.60  ? 100 ASP A CA  1 
ATOM   779  C C   . ASP A 1 99  ? 0.756   9.803   -0.845  1.00 4.59  ? 100 ASP A C   1 
ATOM   780  O O   . ASP A 1 99  ? 1.607   9.587   -1.704  1.00 6.72  ? 100 ASP A O   1 
ATOM   781  C CB  . ASP A 1 99  ? -0.004  12.130  -0.581  1.00 5.81  ? 100 ASP A CB  1 
ATOM   782  C CG  . ASP A 1 99  ? -0.617  13.292  -1.362  1.00 9.98  ? 100 ASP A CG  1 
ATOM   783  O OD1 . ASP A 1 99  ? -1.542  13.112  -2.182  1.00 7.54  ? 100 ASP A OD1 1 
ATOM   784  O OD2 . ASP A 1 99  ? -0.149  14.416  -1.142  1.00 12.07 ? 100 ASP A OD2 1 
ATOM   785  N N   . ALA A 1 100 ? 0.805   9.270   0.373   1.00 5.83  ? 101 ALA A N   1 
ATOM   786  C CA  . ALA A 1 100 ? 1.888   8.363   0.790   1.00 3.66  ? 101 ALA A CA  1 
ATOM   787  C C   . ALA A 1 100 ? 2.174   7.207   -0.167  1.00 3.29  ? 101 ALA A C   1 
ATOM   788  O O   . ALA A 1 100 ? 3.332   6.997   -0.554  1.00 2.39  ? 101 ALA A O   1 
ATOM   789  C CB  . ALA A 1 100 ? 1.628   7.837   2.177   1.00 4.48  ? 101 ALA A CB  1 
ATOM   790  N N   . ILE A 1 101 ? 1.139   6.470   -0.572  1.00 2.77  ? 102 ILE A N   1 
ATOM   791  C CA  . ILE A 1 101 ? 1.359   5.355   -1.497  1.00 3.69  ? 102 ILE A CA  1 
ATOM   792  C C   . ILE A 1 101 ? 1.753   5.795   -2.912  1.00 6.15  ? 102 ILE A C   1 
ATOM   793  O O   . ILE A 1 101 ? 2.426   5.055   -3.628  1.00 8.91  ? 102 ILE A O   1 
ATOM   794  C CB  . ILE A 1 101 ? 0.185   4.343   -1.527  1.00 2.00  ? 102 ILE A CB  1 
ATOM   795  C CG1 . ILE A 1 101 ? -1.131  5.023   -1.896  1.00 2.00  ? 102 ILE A CG1 1 
ATOM   796  C CG2 . ILE A 1 101 ? 0.107   3.626   -0.201  1.00 2.00  ? 102 ILE A CG2 1 
ATOM   797  C CD1 . ILE A 1 101 ? -2.302  4.041   -2.128  1.00 2.00  ? 102 ILE A CD1 1 
ATOM   798  N N   . GLY A 1 102 ? 1.378   7.014   -3.291  1.00 6.96  ? 103 GLY A N   1 
ATOM   799  C CA  . GLY A 1 102 ? 1.741   7.533   -4.600  1.00 6.93  ? 103 GLY A CA  1 
ATOM   800  C C   . GLY A 1 102 ? 3.218   7.902   -4.610  1.00 7.63  ? 103 GLY A C   1 
ATOM   801  O O   . GLY A 1 102 ? 3.917   7.715   -5.607  1.00 8.82  ? 103 GLY A O   1 
ATOM   802  N N   . ILE A 1 103 ? 3.701   8.453   -3.502  1.00 9.22  ? 104 ILE A N   1 
ATOM   803  C CA  . ILE A 1 103 ? 5.115   8.825   -3.378  1.00 8.11  ? 104 ILE A CA  1 
ATOM   804  C C   . ILE A 1 103 ? 5.960   7.553   -3.449  1.00 8.96  ? 104 ILE A C   1 
ATOM   805  O O   . ILE A 1 103 ? 6.913   7.478   -4.224  1.00 8.72  ? 104 ILE A O   1 
ATOM   806  C CB  . ILE A 1 103 ? 5.385   9.537   -2.030  1.00 6.95  ? 104 ILE A CB  1 
ATOM   807  C CG1 . ILE A 1 103 ? 4.682   10.895  -2.000  1.00 8.89  ? 104 ILE A CG1 1 
ATOM   808  C CG2 . ILE A 1 103 ? 6.870   9.738   -1.825  1.00 10.83 ? 104 ILE A CG2 1 
ATOM   809  C CD1 . ILE A 1 103 ? 4.653   11.540  -0.620  1.00 8.81  ? 104 ILE A CD1 1 
ATOM   810  N N   . LEU A 1 104 ? 5.567   6.549   -2.662  1.00 9.65  ? 105 LEU A N   1 
ATOM   811  C CA  . LEU A 1 104 ? 6.246   5.248   -2.600  1.00 9.57  ? 105 LEU A CA  1 
ATOM   812  C C   . LEU A 1 104 ? 6.288   4.553   -3.964  1.00 8.78  ? 105 LEU A C   1 
ATOM   813  O O   . LEU A 1 104 ? 7.320   4.025   -4.369  1.00 7.25  ? 105 LEU A O   1 
ATOM   814  C CB  . LEU A 1 104 ? 5.522   4.339   -1.595  1.00 9.17  ? 105 LEU A CB  1 
ATOM   815  C CG  . LEU A 1 104 ? 6.047   4.040   -0.184  1.00 13.66 ? 105 LEU A CG  1 
ATOM   816  C CD1 . LEU A 1 104 ? 7.191   4.944   0.241   1.00 10.78 ? 105 LEU A CD1 1 
ATOM   817  C CD2 . LEU A 1 104 ? 4.891   4.103   0.797   1.00 11.47 ? 105 LEU A CD2 1 
ATOM   818  N N   . GLU A 1 105 ? 5.153   4.539   -4.657  1.00 6.22  ? 106 GLU A N   1 
ATOM   819  C CA  . GLU A 1 105 ? 5.076   3.910   -5.966  1.00 7.53  ? 106 GLU A CA  1 
ATOM   820  C C   . GLU A 1 105 ? 5.986   4.588   -6.991  1.00 7.74  ? 106 GLU A C   1 
ATOM   821  O O   . GLU A 1 105 ? 6.630   3.915   -7.789  1.00 9.76  ? 106 GLU A O   1 
ATOM   822  C CB  . GLU A 1 105 ? 3.631   3.880   -6.470  1.00 5.51  ? 106 GLU A CB  1 
ATOM   823  C CG  . GLU A 1 105 ? 3.408   2.942   -7.650  1.00 4.80  ? 106 GLU A CG  1 
ATOM   824  C CD  . GLU A 1 105 ? 3.471   3.620   -9.018  1.00 5.26  ? 106 GLU A CD  1 
ATOM   825  O OE1 . GLU A 1 105 ? 3.589   4.858   -9.090  1.00 3.95  ? 106 GLU A OE1 1 
ATOM   826  O OE2 . GLU A 1 105 ? 3.373   2.900   -10.036 1.00 7.52  ? 106 GLU A OE2 1 
ATOM   827  N N   . GLU A 1 106 ? 6.038   5.913   -6.976  1.00 10.93 ? 107 GLU A N   1 
ATOM   828  C CA  . GLU A 1 106 ? 6.874   6.661   -7.909  1.00 12.15 ? 107 GLU A CA  1 
ATOM   829  C C   . GLU A 1 106 ? 8.341   6.226   -7.764  1.00 14.12 ? 107 GLU A C   1 
ATOM   830  O O   . GLU A 1 106 ? 9.016   5.890   -8.741  1.00 13.78 ? 107 GLU A O   1 
ATOM   831  C CB  . GLU A 1 106 ? 6.709   8.149   -7.636  1.00 16.96 ? 107 GLU A CB  1 
ATOM   832  C CG  . GLU A 1 106 ? 7.364   9.080   -8.638  1.00 26.65 ? 107 GLU A CG  1 
ATOM   833  C CD  . GLU A 1 106 ? 6.965   10.528  -8.402  1.00 31.65 ? 107 GLU A CD  1 
ATOM   834  O OE1 . GLU A 1 106 ? 7.516   11.161  -7.470  1.00 34.34 ? 107 GLU A OE1 1 
ATOM   835  O OE2 . GLU A 1 106 ? 6.089   11.028  -9.139  1.00 33.40 ? 107 GLU A OE2 1 
ATOM   836  N N   . LYS A 1 107 ? 8.793   6.141   -6.523  1.00 12.85 ? 108 LYS A N   1 
ATOM   837  C CA  . LYS A 1 107 ? 10.152  5.722   -6.220  1.00 12.83 ? 108 LYS A CA  1 
ATOM   838  C C   . LYS A 1 107 ? 10.400  4.268   -6.645  1.00 11.03 ? 108 LYS A C   1 
ATOM   839  O O   . LYS A 1 107 ? 11.314  3.986   -7.416  1.00 13.56 ? 108 LYS A O   1 
ATOM   840  C CB  . LYS A 1 107 ? 10.397  5.861   -4.716  1.00 14.00 ? 108 LYS A CB  1 
ATOM   841  C CG  . LYS A 1 107 ? 11.832  5.686   -4.302  1.00 16.29 ? 108 LYS A CG  1 
ATOM   842  C CD  . LYS A 1 107 ? 12.643  6.849   -4.819  1.00 21.74 ? 108 LYS A CD  1 
ATOM   843  C CE  . LYS A 1 107 ? 14.019  6.846   -4.223  1.00 24.92 ? 108 LYS A CE  1 
ATOM   844  N NZ  . LYS A 1 107 ? 14.773  8.037   -4.693  1.00 31.47 ? 108 LYS A NZ  1 
ATOM   845  N N   . ILE A 1 108 ? 9.558   3.357   -6.165  1.00 10.07 ? 109 ILE A N   1 
ATOM   846  C CA  . ILE A 1 108 ? 9.703   1.932   -6.458  1.00 13.19 ? 109 ILE A CA  1 
ATOM   847  C C   . ILE A 1 108 ? 9.623   1.551   -7.943  1.00 14.37 ? 109 ILE A C   1 
ATOM   848  O O   . ILE A 1 108 ? 10.410  0.716   -8.411  1.00 14.71 ? 109 ILE A O   1 
ATOM   849  C CB  . ILE A 1 108 ? 8.713   1.087   -5.610  1.00 10.60 ? 109 ILE A CB  1 
ATOM   850  C CG1 . ILE A 1 108 ? 9.032   1.273   -4.124  1.00 10.59 ? 109 ILE A CG1 1 
ATOM   851  C CG2 . ILE A 1 108 ? 8.789   -0.400  -5.989  1.00 10.70 ? 109 ILE A CG2 1 
ATOM   852  C CD1 . ILE A 1 108 ? 8.094   0.559   -3.207  1.00 6.77  ? 109 ILE A CD1 1 
ATOM   853  N N   . SER A 1 109 ? 8.698   2.148   -8.694  1.00 14.17 ? 110 SER A N   1 
ATOM   854  C CA  . SER A 1 109 ? 8.599   1.818   -10.112 1.00 16.04 ? 110 SER A CA  1 
ATOM   855  C C   . SER A 1 109 ? 9.782   2.404   -10.889 1.00 16.48 ? 110 SER A C   1 
ATOM   856  O O   . SER A 1 109 ? 10.203  1.838   -11.897 1.00 15.87 ? 110 SER A O   1 
ATOM   857  C CB  . SER A 1 109 ? 7.237   2.210   -10.706 1.00 17.27 ? 110 SER A CB  1 
ATOM   858  O OG  . SER A 1 109 ? 6.920   3.572   -10.486 1.00 24.54 ? 110 SER A OG  1 
ATOM   859  N N   . GLN A 1 110 ? 10.371  3.484   -10.367 1.00 18.39 ? 111 GLN A N   1 
ATOM   860  C CA  . GLN A 1 110 ? 11.542  4.112   -10.982 1.00 20.82 ? 111 GLN A CA  1 
ATOM   861  C C   . GLN A 1 110 ? 12.691  3.119   -10.867 1.00 20.85 ? 111 GLN A C   1 
ATOM   862  O O   . GLN A 1 110 ? 13.505  2.993   -11.780 1.00 20.12 ? 111 GLN A O   1 
ATOM   863  C CB  . GLN A 1 110 ? 11.933  5.396   -10.234 1.00 25.29 ? 111 GLN A CB  1 
ATOM   864  C CG  . GLN A 1 110 ? 13.286  5.998   -10.674 1.00 32.26 ? 111 GLN A CG  1 
ATOM   865  C CD  . GLN A 1 110 ? 14.269  6.235   -9.516  1.00 36.17 ? 111 GLN A CD  1 
ATOM   866  O OE1 . GLN A 1 110 ? 13.907  6.777   -8.466  1.00 37.86 ? 111 GLN A OE1 1 
ATOM   867  N NE2 . GLN A 1 110 ? 15.522  5.839   -9.716  1.00 33.81 ? 111 GLN A NE2 1 
ATOM   868  N N   . ARG A 1 111 ? 12.739  2.428   -9.727  1.00 17.23 ? 112 ARG A N   1 
ATOM   869  C CA  . ARG A 1 111 ? 13.766  1.437   -9.436  1.00 15.17 ? 112 ARG A CA  1 
ATOM   870  C C   . ARG A 1 111 ? 13.483  0.110   -10.143 1.00 13.87 ? 112 ARG A C   1 
ATOM   871  O O   . ARG A 1 111 ? 14.183  -0.889  -9.920  1.00 12.54 ? 112 ARG A O   1 
ATOM   872  C CB  . ARG A 1 111 ? 13.855  1.199   -7.931  1.00 17.56 ? 112 ARG A CB  1 
ATOM   873  C CG  . ARG A 1 111 ? 14.044  2.450   -7.101  1.00 24.82 ? 112 ARG A CG  1 
ATOM   874  C CD  . ARG A 1 111 ? 15.421  2.508   -6.485  1.00 28.07 ? 112 ARG A CD  1 
ATOM   875  N NE  . ARG A 1 111 ? 16.426  3.004   -7.414  1.00 32.62 ? 112 ARG A NE  1 
ATOM   876  C CZ  . ARG A 1 111 ? 17.616  2.441   -7.616  1.00 36.53 ? 112 ARG A CZ  1 
ATOM   877  N NH1 . ARG A 1 111 ? 17.973  1.341   -6.960  1.00 34.52 ? 112 ARG A NH1 1 
ATOM   878  N NH2 . ARG A 1 111 ? 18.464  3.000   -8.468  1.00 39.68 ? 112 ARG A NH2 1 
ATOM   879  N N   . GLY A 1 112 ? 12.403  0.076   -10.916 1.00 13.39 ? 113 GLY A N   1 
ATOM   880  C CA  . GLY A 1 112 ? 12.067  -1.120  -11.664 1.00 12.50 ? 113 GLY A CA  1 
ATOM   881  C C   . GLY A 1 112 ? 10.875  -1.969  -11.256 1.00 11.14 ? 113 GLY A C   1 
ATOM   882  O O   . GLY A 1 112 ? 10.606  -2.975  -11.914 1.00 12.06 ? 113 GLY A O   1 
ATOM   883  N N   . GLY A 1 113 ? 10.173  -1.604  -10.187 1.00 7.82  ? 114 GLY A N   1 
ATOM   884  C CA  . GLY A 1 113 ? 9.029   -2.399  -9.764  1.00 7.48  ? 114 GLY A CA  1 
ATOM   885  C C   . GLY A 1 113 ? 7.835   -2.246  -10.687 1.00 6.09  ? 114 GLY A C   1 
ATOM   886  O O   . GLY A 1 113 ? 7.595   -1.161  -11.223 1.00 8.08  ? 114 GLY A O   1 
ATOM   887  N N   . LYS A 1 114 ? 7.088   -3.325  -10.891 1.00 6.19  ? 115 LYS A N   1 
ATOM   888  C CA  . LYS A 1 114 ? 5.910   -3.275  -11.747 1.00 7.56  ? 115 LYS A CA  1 
ATOM   889  C C   . LYS A 1 114 ? 4.660   -3.221  -10.891 1.00 6.12  ? 115 LYS A C   1 
ATOM   890  O O   . LYS A 1 114 ? 4.350   -4.168  -10.163 1.00 5.07  ? 115 LYS A O   1 
ATOM   891  C CB  . LYS A 1 114 ? 5.830   -4.501  -12.657 1.00 11.89 ? 115 LYS A CB  1 
ATOM   892  C CG  . LYS A 1 114 ? 4.835   -4.342  -13.795 1.00 12.40 ? 115 LYS A CG  1 
ATOM   893  C CD  . LYS A 1 114 ? 4.159   -5.650  -14.153 1.00 16.98 ? 115 LYS A CD  1 
ATOM   894  C CE  . LYS A 1 114 ? 3.886   -5.713  -15.638 1.00 18.92 ? 115 LYS A CE  1 
ATOM   895  N NZ  . LYS A 1 114 ? 2.779   -6.625  -15.986 1.00 18.59 ? 115 LYS A NZ  1 
ATOM   896  N N   . THR A 1 115 ? 3.915   -2.132  -11.015 1.00 6.09  ? 116 THR A N   1 
ATOM   897  C CA  . THR A 1 115 ? 2.713   -1.987  -10.224 1.00 7.66  ? 116 THR A CA  1 
ATOM   898  C C   . THR A 1 115 ? 1.568   -2.874  -10.696 1.00 8.64  ? 116 THR A C   1 
ATOM   899  O O   . THR A 1 115 ? 1.247   -2.962  -11.889 1.00 7.33  ? 116 THR A O   1 
ATOM   900  C CB  . THR A 1 115 ? 2.273   -0.525  -10.110 1.00 5.23  ? 116 THR A CB  1 
ATOM   901  O OG1 . THR A 1 115 ? 3.376   0.252   -9.612  1.00 5.67  ? 116 THR A OG1 1 
ATOM   902  C CG2 . THR A 1 115 ? 1.076   -0.404  -9.164  1.00 2.00  ? 116 THR A CG2 1 
ATOM   903  N N   . VAL A 1 116 ? 0.956   -3.512  -9.713  1.00 5.63  ? 117 VAL A N   1 
ATOM   904  C CA  . VAL A 1 116 ? -0.139  -4.430  -9.898  1.00 7.74  ? 117 VAL A CA  1 
ATOM   905  C C   . VAL A 1 116 ? -1.219  -3.968  -8.909  1.00 7.72  ? 117 VAL A C   1 
ATOM   906  O O   . VAL A 1 116 ? -0.907  -3.290  -7.928  1.00 7.17  ? 117 VAL A O   1 
ATOM   907  C CB  . VAL A 1 116 ? 0.391   -5.860  -9.578  1.00 10.25 ? 117 VAL A CB  1 
ATOM   908  C CG1 . VAL A 1 116 ? -0.664  -6.721  -8.980  1.00 12.90 ? 117 VAL A CG1 1 
ATOM   909  C CG2 . VAL A 1 116 ? 0.974   -6.492  -10.853 1.00 12.39 ? 117 VAL A CG2 1 
ATOM   910  N N   . GLY A 1 117 ? -2.482  -4.220  -9.230  1.00 6.44  ? 118 GLY A N   1 
ATOM   911  C CA  . GLY A 1 117 ? -3.563  -3.848  -8.329  1.00 9.80  ? 118 GLY A CA  1 
ATOM   912  C C   . GLY A 1 117 ? -4.135  -2.437  -8.359  1.00 9.96  ? 118 GLY A C   1 
ATOM   913  O O   . GLY A 1 117 ? -4.538  -1.918  -7.311  1.00 9.47  ? 118 GLY A O   1 
ATOM   914  N N   . TYR A 1 118 ? -4.195  -1.819  -9.537  1.00 8.17  ? 119 TYR A N   1 
ATOM   915  C CA  . TYR A 1 118 ? -4.772  -0.475  -9.667  1.00 5.50  ? 119 TYR A CA  1 
ATOM   916  C C   . TYR A 1 118 ? -6.210  -0.549  -9.153  1.00 4.24  ? 119 TYR A C   1 
ATOM   917  O O   . TYR A 1 118 ? -6.892  -1.540  -9.394  1.00 2.00  ? 119 TYR A O   1 
ATOM   918  C CB  . TYR A 1 118 ? -4.796  -0.045  -11.132 1.00 6.96  ? 119 TYR A CB  1 
ATOM   919  C CG  . TYR A 1 118 ? -3.466  0.349   -11.704 1.00 8.43  ? 119 TYR A CG  1 
ATOM   920  C CD1 . TYR A 1 118 ? -2.504  0.970   -10.914 1.00 10.33 ? 119 TYR A CD1 1 
ATOM   921  C CD2 . TYR A 1 118 ? -3.182  0.142   -13.050 1.00 10.74 ? 119 TYR A CD2 1 
ATOM   922  C CE1 . TYR A 1 118 ? -1.287  1.381   -11.445 1.00 9.21  ? 119 TYR A CE1 1 
ATOM   923  C CE2 . TYR A 1 118 ? -1.960  0.550   -13.592 1.00 12.33 ? 119 TYR A CE2 1 
ATOM   924  C CZ  . TYR A 1 118 ? -1.023  1.169   -12.775 1.00 8.25  ? 119 TYR A CZ  1 
ATOM   925  O OH  . TYR A 1 118 ? 0.187   1.565   -13.281 1.00 10.62 ? 119 TYR A OH  1 
ATOM   926  N N   . TRP A 1 119 ? -6.694  0.518   -8.526  1.00 4.74  ? 120 TRP A N   1 
ATOM   927  C CA  . TRP A 1 119 ? -8.037  0.512   -7.948  1.00 4.55  ? 120 TRP A CA  1 
ATOM   928  C C   . TRP A 1 119 ? -8.855  1.742   -8.348  1.00 3.75  ? 120 TRP A C   1 
ATOM   929  O O   . TRP A 1 119 ? -8.367  2.859   -8.297  1.00 2.00  ? 120 TRP A O   1 
ATOM   930  C CB  . TRP A 1 119 ? -7.908  0.406   -6.414  1.00 2.00  ? 120 TRP A CB  1 
ATOM   931  C CG  . TRP A 1 119 ? -9.196  0.230   -5.651  1.00 5.61  ? 120 TRP A CG  1 
ATOM   932  C CD1 . TRP A 1 119 ? -9.840  1.183   -4.914  1.00 8.82  ? 120 TRP A CD1 1 
ATOM   933  C CD2 . TRP A 1 119 ? -9.980  -0.964  -5.530  1.00 4.60  ? 120 TRP A CD2 1 
ATOM   934  N NE1 . TRP A 1 119 ? -10.974 0.657   -4.347  1.00 6.81  ? 120 TRP A NE1 1 
ATOM   935  C CE2 . TRP A 1 119 ? -11.085 -0.658  -4.704  1.00 6.51  ? 120 TRP A CE2 1 
ATOM   936  C CE3 . TRP A 1 119 ? -9.856  -2.262  -6.035  1.00 3.71  ? 120 TRP A CE3 1 
ATOM   937  C CZ2 . TRP A 1 119 ? -12.062 -1.602  -4.369  1.00 9.80  ? 120 TRP A CZ2 1 
ATOM   938  C CZ3 . TRP A 1 119 ? -10.829 -3.202  -5.703  1.00 7.61  ? 120 TRP A CZ3 1 
ATOM   939  C CH2 . TRP A 1 119 ? -11.918 -2.865  -4.877  1.00 10.62 ? 120 TRP A CH2 1 
ATOM   940  N N   . SER A 1 120 ? -10.112 1.522   -8.717  1.00 4.43  ? 121 SER A N   1 
ATOM   941  C CA  . SER A 1 120 ? -11.009 2.594   -9.143  1.00 8.32  ? 121 SER A CA  1 
ATOM   942  C C   . SER A 1 120 ? -11.265 3.708   -8.109  1.00 8.07  ? 121 SER A C   1 
ATOM   943  O O   . SER A 1 120 ? -11.391 3.450   -6.917  1.00 8.46  ? 121 SER A O   1 
ATOM   944  C CB  . SER A 1 120 ? -12.348 1.995   -9.590  1.00 9.68  ? 121 SER A CB  1 
ATOM   945  O OG  . SER A 1 120 ? -13.206 3.001   -10.104 1.00 10.36 ? 121 SER A OG  1 
ATOM   946  N N   . THR A 1 121 ? -11.344 4.946   -8.589  1.00 7.82  ? 122 THR A N   1 
ATOM   947  C CA  . THR A 1 121 ? -11.600 6.110   -7.741  1.00 5.72  ? 122 THR A CA  1 
ATOM   948  C C   . THR A 1 121 ? -13.100 6.309   -7.489  1.00 6.15  ? 122 THR A C   1 
ATOM   949  O O   . THR A 1 121 ? -13.499 7.229   -6.782  1.00 8.51  ? 122 THR A O   1 
ATOM   950  C CB  . THR A 1 121 ? -11.058 7.403   -8.391  1.00 4.29  ? 122 THR A CB  1 
ATOM   951  O OG1 . THR A 1 121 ? -11.625 7.538   -9.695  1.00 3.79  ? 122 THR A OG1 1 
ATOM   952  C CG2 . THR A 1 121 ? -9.527  7.357   -8.517  1.00 4.06  ? 122 THR A CG2 1 
ATOM   953  N N   . ASP A 1 122 ? -13.931 5.481   -8.102  1.00 6.07  ? 123 ASP A N   1 
ATOM   954  C CA  . ASP A 1 122 ? -15.377 5.587   -7.934  1.00 9.03  ? 123 ASP A CA  1 
ATOM   955  C C   . ASP A 1 122 ? -15.820 5.300   -6.481  1.00 7.99  ? 123 ASP A C   1 
ATOM   956  O O   . ASP A 1 122 ? -15.357 4.352   -5.845  1.00 6.37  ? 123 ASP A O   1 
ATOM   957  C CB  . ASP A 1 122 ? -16.066 4.641   -8.909  1.00 12.03 ? 123 ASP A CB  1 
ATOM   958  C CG  . ASP A 1 122 ? -17.489 5.039   -9.192  1.00 18.99 ? 123 ASP A CG  1 
ATOM   959  O OD1 . ASP A 1 122 ? -17.714 6.175   -9.659  1.00 27.10 ? 123 ASP A OD1 1 
ATOM   960  O OD2 . ASP A 1 122 ? -18.383 4.208   -8.960  1.00 22.84 ? 123 ASP A OD2 1 
ATOM   961  N N   . GLY A 1 123 ? -16.704 6.133   -5.951  1.00 8.11  ? 124 GLY A N   1 
ATOM   962  C CA  . GLY A 1 123 ? -17.159 5.935   -4.588  1.00 9.02  ? 124 GLY A CA  1 
ATOM   963  C C   . GLY A 1 123 ? -16.376 6.729   -3.556  1.00 9.35  ? 124 GLY A C   1 
ATOM   964  O O   . GLY A 1 123 ? -16.608 6.561   -2.357  1.00 11.04 ? 124 GLY A O   1 
ATOM   965  N N   . TYR A 1 124 ? -15.442 7.567   -4.010  1.00 9.94  ? 125 TYR A N   1 
ATOM   966  C CA  . TYR A 1 124 ? -14.631 8.415   -3.130  1.00 8.42  ? 125 TYR A CA  1 
ATOM   967  C C   . TYR A 1 124 ? -14.949 9.856   -3.478  1.00 8.81  ? 125 TYR A C   1 
ATOM   968  O O   . TYR A 1 124 ? -15.305 10.156  -4.609  1.00 11.43 ? 125 TYR A O   1 
ATOM   969  C CB  . TYR A 1 124 ? -13.125 8.172   -3.331  1.00 7.81  ? 125 TYR A CB  1 
ATOM   970  C CG  . TYR A 1 124 ? -12.675 6.761   -3.025  1.00 6.57  ? 125 TYR A CG  1 
ATOM   971  C CD1 . TYR A 1 124 ? -12.706 5.770   -4.003  1.00 4.39  ? 125 TYR A CD1 1 
ATOM   972  C CD2 . TYR A 1 124 ? -12.235 6.409   -1.743  1.00 7.79  ? 125 TYR A CD2 1 
ATOM   973  C CE1 . TYR A 1 124 ? -12.314 4.453   -3.716  1.00 3.70  ? 125 TYR A CE1 1 
ATOM   974  C CE2 . TYR A 1 124 ? -11.837 5.093   -1.452  1.00 4.55  ? 125 TYR A CE2 1 
ATOM   975  C CZ  . TYR A 1 124 ? -11.884 4.128   -2.449  1.00 3.10  ? 125 TYR A CZ  1 
ATOM   976  O OH  . TYR A 1 124 ? -11.517 2.834   -2.169  1.00 4.32  ? 125 TYR A OH  1 
ATOM   977  N N   . ASP A 1 125 ? -14.811 10.743  -2.504  1.00 10.71 ? 126 ASP A N   1 
ATOM   978  C CA  . ASP A 1 125 ? -15.074 12.158  -2.688  1.00 10.66 ? 126 ASP A CA  1 
ATOM   979  C C   . ASP A 1 125 ? -13.847 12.897  -2.183  1.00 9.00  ? 126 ASP A C   1 
ATOM   980  O O   . ASP A 1 125 ? -13.677 13.094  -0.986  1.00 7.42  ? 126 ASP A O   1 
ATOM   981  C CB  . ASP A 1 125 ? -16.307 12.576  -1.883  1.00 15.54 ? 126 ASP A CB  1 
ATOM   982  C CG  . ASP A 1 125 ? -16.682 14.040  -2.091  1.00 20.05 ? 126 ASP A CG  1 
ATOM   983  O OD1 . ASP A 1 125 ? -16.406 14.589  -3.181  1.00 22.88 ? 126 ASP A OD1 1 
ATOM   984  O OD2 . ASP A 1 125 ? -17.277 14.635  -1.165  1.00 19.96 ? 126 ASP A OD2 1 
ATOM   985  N N   . PHE A 1 126 ? -12.993 13.315  -3.101  1.00 4.15  ? 127 PHE A N   1 
ATOM   986  C CA  . PHE A 1 126 ? -11.786 14.017  -2.728  1.00 4.24  ? 127 PHE A CA  1 
ATOM   987  C C   . PHE A 1 126 ? -11.428 14.871  -3.923  1.00 6.87  ? 127 PHE A C   1 
ATOM   988  O O   . PHE A 1 126 ? -12.115 14.802  -4.942  1.00 8.48  ? 127 PHE A O   1 
ATOM   989  C CB  . PHE A 1 126 ? -10.666 13.017  -2.426  1.00 5.18  ? 127 PHE A CB  1 
ATOM   990  C CG  . PHE A 1 126 ? -10.202 12.260  -3.627  1.00 8.35  ? 127 PHE A CG  1 
ATOM   991  C CD1 . PHE A 1 126 ? -11.038 11.345  -4.256  1.00 7.74  ? 127 PHE A CD1 1 
ATOM   992  C CD2 . PHE A 1 126 ? -8.953  12.513  -4.178  1.00 6.41  ? 127 PHE A CD2 1 
ATOM   993  C CE1 . PHE A 1 126 ? -10.638 10.699  -5.425  1.00 9.01  ? 127 PHE A CE1 1 
ATOM   994  C CE2 . PHE A 1 126 ? -8.549  11.871  -5.343  1.00 7.42  ? 127 PHE A CE2 1 
ATOM   995  C CZ  . PHE A 1 126 ? -9.394  10.967  -5.967  1.00 7.53  ? 127 PHE A CZ  1 
ATOM   996  N N   . ASN A 1 127 ? -10.378 15.678  -3.788  1.00 7.21  ? 128 ASN A N   1 
ATOM   997  C CA  . ASN A 1 127 ? -9.929  16.554  -4.855  1.00 3.38  ? 128 ASN A CA  1 
ATOM   998  C C   . ASN A 1 127 ? -8.757  15.995  -5.622  1.00 3.61  ? 128 ASN A C   1 
ATOM   999  O O   . ASN A 1 127 ? -8.873  15.689  -6.804  1.00 5.71  ? 128 ASN A O   1 
ATOM   1000 C CB  . ASN A 1 127 ? -9.555  17.931  -4.307  1.00 8.15  ? 128 ASN A CB  1 
ATOM   1001 C CG  . ASN A 1 127 ? -10.767 18.758  -3.927  1.00 8.14  ? 128 ASN A CG  1 
ATOM   1002 O OD1 . ASN A 1 127 ? -11.893 18.365  -4.178  1.00 12.32 ? 128 ASN A OD1 1 
ATOM   1003 N ND2 . ASN A 1 127 ? -10.533 19.915  -3.329  1.00 11.82 ? 128 ASN A ND2 1 
ATOM   1004 N N   . ASP A 1 128 ? -7.621  15.865  -4.954  1.00 3.33  ? 129 ASP A N   1 
ATOM   1005 C CA  . ASP A 1 128 ? -6.427  15.376  -5.616  1.00 6.94  ? 129 ASP A CA  1 
ATOM   1006 C C   . ASP A 1 128 ? -5.665  14.372  -4.755  1.00 7.01  ? 129 ASP A C   1 
ATOM   1007 O O   . ASP A 1 128 ? -5.972  14.181  -3.572  1.00 7.07  ? 129 ASP A O   1 
ATOM   1008 C CB  . ASP A 1 128 ? -5.523  16.559  -5.985  1.00 7.95  ? 129 ASP A CB  1 
ATOM   1009 C CG  . ASP A 1 128 ? -4.543  16.234  -7.123  1.00 8.07  ? 129 ASP A CG  1 
ATOM   1010 O OD1 . ASP A 1 128 ? -4.686  15.184  -7.799  1.00 12.23 ? 129 ASP A OD1 1 
ATOM   1011 O OD2 . ASP A 1 128 ? -3.618  17.034  -7.338  1.00 10.48 ? 129 ASP A OD2 1 
ATOM   1012 N N   . SER A 1 129 ? -4.665  13.742  -5.360  1.00 8.38  ? 130 SER A N   1 
ATOM   1013 C CA  . SER A 1 129 ? -3.846  12.747  -4.695  1.00 6.84  ? 130 SER A CA  1 
ATOM   1014 C C   . SER A 1 129 ? -2.638  12.400  -5.548  1.00 7.16  ? 130 SER A C   1 
ATOM   1015 O O   . SER A 1 129 ? -2.755  12.237  -6.759  1.00 6.29  ? 130 SER A O   1 
ATOM   1016 C CB  . SER A 1 129 ? -4.665  11.474  -4.481  1.00 5.62  ? 130 SER A CB  1 
ATOM   1017 O OG  . SER A 1 129 ? -3.838  10.404  -4.042  1.00 7.53  ? 130 SER A OG  1 
ATOM   1018 N N   . LYS A 1 130 ? -1.482  12.264  -4.918  1.00 4.78  ? 131 LYS A N   1 
ATOM   1019 C CA  . LYS A 1 130 ? -0.297  11.860  -5.650  1.00 8.57  ? 131 LYS A CA  1 
ATOM   1020 C C   . LYS A 1 130 ? -0.427  10.379  -6.035  1.00 8.14  ? 131 LYS A C   1 
ATOM   1021 O O   . LYS A 1 130 ? 0.391   9.853   -6.781  1.00 8.27  ? 131 LYS A O   1 
ATOM   1022 C CB  . LYS A 1 130 ? 0.964   12.086  -4.814  1.00 10.91 ? 131 LYS A CB  1 
ATOM   1023 C CG  . LYS A 1 130 ? 1.387   13.540  -4.714  1.00 11.71 ? 131 LYS A CG  1 
ATOM   1024 C CD  . LYS A 1 130 ? 2.621   13.660  -3.853  1.00 20.44 ? 131 LYS A CD  1 
ATOM   1025 C CE  . LYS A 1 130 ? 3.271   15.017  -3.999  1.00 24.62 ? 131 LYS A CE  1 
ATOM   1026 N NZ  . LYS A 1 130 ? 2.334   16.117  -3.674  1.00 29.21 ? 131 LYS A NZ  1 
ATOM   1027 N N   . ALA A 1 131 ? -1.449  9.711   -5.506  1.00 6.55  ? 132 ALA A N   1 
ATOM   1028 C CA  . ALA A 1 131 ? -1.710  8.307   -5.806  1.00 7.85  ? 132 ALA A CA  1 
ATOM   1029 C C   . ALA A 1 131 ? -2.607  8.189   -7.041  1.00 8.72  ? 132 ALA A C   1 
ATOM   1030 O O   . ALA A 1 131 ? -2.793  7.093   -7.583  1.00 10.68 ? 132 ALA A O   1 
ATOM   1031 C CB  . ALA A 1 131 ? -2.376  7.632   -4.614  1.00 3.95  ? 132 ALA A CB  1 
ATOM   1032 N N   . LEU A 1 132 ? -3.153  9.316   -7.488  1.00 6.08  ? 133 LEU A N   1 
ATOM   1033 C CA  . LEU A 1 132 ? -4.040  9.353   -8.645  1.00 7.64  ? 133 LEU A CA  1 
ATOM   1034 C C   . LEU A 1 132 ? -3.263  9.187   -9.961  1.00 7.48  ? 133 LEU A C   1 
ATOM   1035 O O   . LEU A 1 132 ? -2.328  9.931   -10.243 1.00 6.77  ? 133 LEU A O   1 
ATOM   1036 C CB  . LEU A 1 132 ? -4.819  10.673  -8.634  1.00 7.95  ? 133 LEU A CB  1 
ATOM   1037 C CG  . LEU A 1 132 ? -5.994  10.920  -9.567  1.00 8.45  ? 133 LEU A CG  1 
ATOM   1038 C CD1 . LEU A 1 132 ? -7.051  9.863   -9.390  1.00 9.84  ? 133 LEU A CD1 1 
ATOM   1039 C CD2 . LEU A 1 132 ? -6.573  12.289  -9.250  1.00 11.11 ? 133 LEU A CD2 1 
ATOM   1040 N N   . ARG A 1 133 ? -3.624  8.167   -10.729 1.00 10.31 ? 134 ARG A N   1 
ATOM   1041 C CA  . ARG A 1 133 ? -2.977  7.878   -12.019 1.00 12.04 ? 134 ARG A CA  1 
ATOM   1042 C C   . ARG A 1 133 ? -3.906  8.297   -13.148 1.00 14.44 ? 134 ARG A C   1 
ATOM   1043 O O   . ARG A 1 133 ? -3.602  8.126   -14.326 1.00 14.59 ? 134 ARG A O   1 
ATOM   1044 C CB  . ARG A 1 133 ? -2.622  6.391   -12.108 1.00 11.08 ? 134 ARG A CB  1 
ATOM   1045 C CG  . ARG A 1 133 ? -1.507  5.988   -11.138 1.00 6.35  ? 134 ARG A CG  1 
ATOM   1046 C CD  . ARG A 1 133 ? -0.260  6.817   -11.433 1.00 12.69 ? 134 ARG A CD  1 
ATOM   1047 N NE  . ARG A 1 133 ? 0.806   6.669   -10.444 1.00 13.49 ? 134 ARG A NE  1 
ATOM   1048 C CZ  . ARG A 1 133 ? 1.022   7.526   -9.448  1.00 17.65 ? 134 ARG A CZ  1 
ATOM   1049 N NH1 . ARG A 1 133 ? 0.236   8.586   -9.303  1.00 15.35 ? 134 ARG A NH1 1 
ATOM   1050 N NH2 . ARG A 1 133 ? 2.049   7.352   -8.615  1.00 18.85 ? 134 ARG A NH2 1 
ATOM   1051 N N   . ASN A 1 134 ? -5.018  8.885   -12.707 1.00 18.12 ? 135 ASN A N   1 
ATOM   1052 C CA  . ASN A 1 134 ? -6.152  9.451   -13.445 1.00 21.07 ? 135 ASN A CA  1 
ATOM   1053 C C   . ASN A 1 134 ? -7.562  8.872   -13.383 1.00 17.11 ? 135 ASN A C   1 
ATOM   1054 O O   . ASN A 1 134 ? -8.494  9.595   -13.045 1.00 22.13 ? 135 ASN A O   1 
ATOM   1055 C CB  . ASN A 1 134 ? -5.816  10.015  -14.797 1.00 21.52 ? 135 ASN A CB  1 
ATOM   1056 C CG  . ASN A 1 134 ? -6.031  11.494  -14.807 1.00 22.07 ? 135 ASN A CG  1 
ATOM   1057 O OD1 . ASN A 1 134 ? -5.678  12.156  -13.835 1.00 27.63 ? 135 ASN A OD1 1 
ATOM   1058 N ND2 . ASN A 1 134 ? -6.710  12.010  -15.820 1.00 26.57 ? 135 ASN A ND2 1 
ATOM   1059 N N   . GLY A 1 135 ? -7.756  7.611   -13.726 1.00 13.50 ? 136 GLY A N   1 
ATOM   1060 C CA  . GLY A 1 135 ? -9.093  7.061   -13.571 1.00 11.29 ? 136 GLY A CA  1 
ATOM   1061 C C   . GLY A 1 135 ? -9.035  6.136   -12.362 1.00 11.25 ? 136 GLY A C   1 
ATOM   1062 O O   . GLY A 1 135 ? -10.052 5.794   -11.749 1.00 11.99 ? 136 GLY A O   1 
ATOM   1063 N N   . LYS A 1 136 ? -7.807  5.790   -11.985 1.00 8.55  ? 137 LYS A N   1 
ATOM   1064 C CA  . LYS A 1 136 ? -7.546  4.872   -10.899 1.00 10.00 ? 137 LYS A CA  1 
ATOM   1065 C C   . LYS A 1 136 ? -6.486  5.345   -9.921  1.00 10.26 ? 137 LYS A C   1 
ATOM   1066 O O   . LYS A 1 136 ? -5.720  6.270   -10.223 1.00 9.02  ? 137 LYS A O   1 
ATOM   1067 C CB  . LYS A 1 136 ? -7.098  3.529   -11.492 1.00 9.45  ? 137 LYS A CB  1 
ATOM   1068 C CG  . LYS A 1 136 ? -8.232  2.695   -12.100 1.00 12.67 ? 137 LYS A CG  1 
ATOM   1069 C CD  . LYS A 1 136 ? -7.692  1.486   -12.849 1.00 12.45 ? 137 LYS A CD  1 
ATOM   1070 C CE  . LYS A 1 136 ? -8.785  0.487   -13.183 1.00 10.77 ? 137 LYS A CE  1 
ATOM   1071 N NZ  . LYS A 1 136 ? -9.928  1.120   -13.872 1.00 15.56 ? 137 LYS A NZ  1 
ATOM   1072 N N   . PHE A 1 137 ? -6.523  4.765   -8.721  1.00 7.86  ? 138 PHE A N   1 
ATOM   1073 C CA  . PHE A 1 137 ? -5.534  5.019   -7.679  1.00 5.47  ? 138 PHE A CA  1 
ATOM   1074 C C   . PHE A 1 137 ? -4.482  3.950   -7.935  1.00 6.15  ? 138 PHE A C   1 
ATOM   1075 O O   . PHE A 1 137 ? -4.772  2.897   -8.521  1.00 4.77  ? 138 PHE A O   1 
ATOM   1076 C CB  . PHE A 1 137 ? -6.102  4.765   -6.279  1.00 7.01  ? 138 PHE A CB  1 
ATOM   1077 C CG  . PHE A 1 137 ? -6.961  5.865   -5.751  1.00 7.33  ? 138 PHE A CG  1 
ATOM   1078 C CD1 . PHE A 1 137 ? -6.461  7.156   -5.602  1.00 9.44  ? 138 PHE A CD1 1 
ATOM   1079 C CD2 . PHE A 1 137 ? -8.264  5.601   -5.342  1.00 7.89  ? 138 PHE A CD2 1 
ATOM   1080 C CE1 . PHE A 1 137 ? -7.259  8.173   -5.045  1.00 8.38  ? 138 PHE A CE1 1 
ATOM   1081 C CE2 . PHE A 1 137 ? -9.061  6.612   -4.784  1.00 7.90  ? 138 PHE A CE2 1 
ATOM   1082 C CZ  . PHE A 1 137 ? -8.555  7.894   -4.639  1.00 6.60  ? 138 PHE A CZ  1 
ATOM   1083 N N   . VAL A 1 138 ? -3.264  4.213   -7.485  1.00 5.94  ? 139 VAL A N   1 
ATOM   1084 C CA  . VAL A 1 138 ? -2.166  3.274   -7.649  1.00 6.82  ? 139 VAL A CA  1 
ATOM   1085 C C   . VAL A 1 138 ? -2.379  1.981   -6.840  1.00 6.36  ? 139 VAL A C   1 
ATOM   1086 O O   . VAL A 1 138 ? -1.763  0.945   -7.126  1.00 7.80  ? 139 VAL A O   1 
ATOM   1087 C CB  . VAL A 1 138 ? -0.835  3.951   -7.254  1.00 8.59  ? 139 VAL A CB  1 
ATOM   1088 C CG1 . VAL A 1 138 ? -0.669  4.013   -5.726  1.00 5.11  ? 139 VAL A CG1 1 
ATOM   1089 C CG2 . VAL A 1 138 ? 0.297   3.253   -7.902  1.00 12.01 ? 139 VAL A CG2 1 
ATOM   1090 N N   . GLY A 1 139 ? -3.267  2.040   -5.851  1.00 4.15  ? 140 GLY A N   1 
ATOM   1091 C CA  . GLY A 1 139 ? -3.536  0.878   -5.017  1.00 4.41  ? 140 GLY A CA  1 
ATOM   1092 C C   . GLY A 1 139 ? -4.804  1.042   -4.208  1.00 3.47  ? 140 GLY A C   1 
ATOM   1093 O O   . GLY A 1 139 ? -5.519  2.030   -4.382  1.00 2.74  ? 140 GLY A O   1 
ATOM   1094 N N   . LEU A 1 140 ? -5.070  0.114   -3.293  1.00 2.91  ? 141 LEU A N   1 
ATOM   1095 C CA  . LEU A 1 140 ? -6.296  0.165   -2.496  1.00 5.18  ? 141 LEU A CA  1 
ATOM   1096 C C   . LEU A 1 140 ? -6.390  1.336   -1.520  1.00 6.60  ? 141 LEU A C   1 
ATOM   1097 O O   . LEU A 1 140 ? -5.592  1.439   -0.583  1.00 7.16  ? 141 LEU A O   1 
ATOM   1098 C CB  . LEU A 1 140 ? -6.494  -1.140  -1.721  1.00 7.38  ? 141 LEU A CB  1 
ATOM   1099 C CG  . LEU A 1 140 ? -7.780  -1.272  -0.903  1.00 6.44  ? 141 LEU A CG  1 
ATOM   1100 C CD1 . LEU A 1 140 ? -8.964  -1.399  -1.846  1.00 6.29  ? 141 LEU A CD1 1 
ATOM   1101 C CD2 . LEU A 1 140 ? -7.687  -2.490  0.002   1.00 2.00  ? 141 LEU A CD2 1 
ATOM   1102 N N   . ALA A 1 141 ? -7.403  2.176   -1.714  1.00 2.24  ? 142 ALA A N   1 
ATOM   1103 C CA  . ALA A 1 141 ? -7.617  3.317   -0.844  1.00 4.16  ? 142 ALA A CA  1 
ATOM   1104 C C   . ALA A 1 141 ? -8.654  2.974   0.201   1.00 5.60  ? 142 ALA A C   1 
ATOM   1105 O O   . ALA A 1 141 ? -9.779  2.633   -0.133  1.00 6.18  ? 142 ALA A O   1 
ATOM   1106 C CB  . ALA A 1 141 ? -8.083  4.515   -1.653  1.00 5.43  ? 142 ALA A CB  1 
ATOM   1107 N N   . LEU A 1 142 ? -8.273  3.035   1.470   1.00 6.59  ? 143 LEU A N   1 
ATOM   1108 C CA  . LEU A 1 142 ? -9.217  2.753   2.537   1.00 5.96  ? 143 LEU A CA  1 
ATOM   1109 C C   . LEU A 1 142 ? -9.433  4.017   3.353   1.00 6.97  ? 143 LEU A C   1 
ATOM   1110 O O   . LEU A 1 142 ? -8.534  4.864   3.450   1.00 5.66  ? 143 LEU A O   1 
ATOM   1111 C CB  . LEU A 1 142 ? -8.704  1.617   3.417   1.00 6.09  ? 143 LEU A CB  1 
ATOM   1112 C CG  . LEU A 1 142 ? -8.579  0.301   2.647   1.00 8.72  ? 143 LEU A CG  1 
ATOM   1113 C CD1 . LEU A 1 142 ? -7.753  -0.702  3.451   1.00 12.14 ? 143 LEU A CD1 1 
ATOM   1114 C CD2 . LEU A 1 142 ? -9.977  -0.242  2.302   1.00 5.62  ? 143 LEU A CD2 1 
ATOM   1115 N N   . ASP A 1 143 ? -10.637 4.173   3.892   1.00 4.55  ? 144 ASP A N   1 
ATOM   1116 C CA  . ASP A 1 143 ? -10.956 5.334   4.705   1.00 6.27  ? 144 ASP A CA  1 
ATOM   1117 C C   . ASP A 1 143 ? -11.823 4.847   5.849   1.00 8.51  ? 144 ASP A C   1 
ATOM   1118 O O   . ASP A 1 143 ? -13.037 4.717   5.705   1.00 6.54  ? 144 ASP A O   1 
ATOM   1119 C CB  . ASP A 1 143 ? -11.705 6.401   3.891   1.00 7.39  ? 144 ASP A CB  1 
ATOM   1120 C CG  . ASP A 1 143 ? -11.841 7.729   4.643   1.00 9.41  ? 144 ASP A CG  1 
ATOM   1121 O OD1 . ASP A 1 143 ? -11.839 7.726   5.892   1.00 10.87 ? 144 ASP A OD1 1 
ATOM   1122 O OD2 . ASP A 1 143 ? -11.920 8.791   3.994   1.00 8.16  ? 144 ASP A OD2 1 
ATOM   1123 N N   . GLU A 1 144 ? -11.198 4.620   6.995   1.00 8.73  ? 145 GLU A N   1 
ATOM   1124 C CA  . GLU A 1 144 ? -11.913 4.130   8.164   1.00 12.10 ? 145 GLU A CA  1 
ATOM   1125 C C   . GLU A 1 144 ? -12.611 5.257   8.924   1.00 12.37 ? 145 GLU A C   1 
ATOM   1126 O O   . GLU A 1 144 ? -13.395 5.001   9.832   1.00 16.17 ? 145 GLU A O   1 
ATOM   1127 C CB  . GLU A 1 144 ? -10.957 3.391   9.106   1.00 11.58 ? 145 GLU A CB  1 
ATOM   1128 C CG  . GLU A 1 144 ? -11.575 2.155   9.771   1.00 21.80 ? 145 GLU A CG  1 
ATOM   1129 C CD  . GLU A 1 144 ? -11.755 1.005   8.804   1.00 18.32 ? 145 GLU A CD  1 
ATOM   1130 O OE1 . GLU A 1 144 ? -10.817 0.729   8.035   1.00 25.13 ? 145 GLU A OE1 1 
ATOM   1131 O OE2 . GLU A 1 144 ? -12.827 0.368   8.808   1.00 25.17 ? 145 GLU A OE2 1 
ATOM   1132 N N   . ASP A 1 145 ? -12.317 6.498   8.565   1.00 11.20 ? 146 ASP A N   1 
ATOM   1133 C CA  . ASP A 1 145 ? -12.923 7.630   9.236   1.00 9.88  ? 146 ASP A CA  1 
ATOM   1134 C C   . ASP A 1 145 ? -14.259 7.973   8.637   1.00 12.97 ? 146 ASP A C   1 
ATOM   1135 O O   . ASP A 1 145 ? -15.184 8.375   9.344   1.00 12.53 ? 146 ASP A O   1 
ATOM   1136 C CB  . ASP A 1 145 ? -12.012 8.861   9.158   1.00 16.71 ? 146 ASP A CB  1 
ATOM   1137 C CG  . ASP A 1 145 ? -10.813 8.782   10.104  1.00 11.37 ? 146 ASP A CG  1 
ATOM   1138 O OD1 . ASP A 1 145 ? -10.761 7.891   10.973  1.00 18.14 ? 146 ASP A OD1 1 
ATOM   1139 O OD2 . ASP A 1 145 ? -9.921  9.635   9.984   1.00 18.24 ? 146 ASP A OD2 1 
ATOM   1140 N N   . ASN A 1 146 ? -14.382 7.750   7.333   1.00 11.55 ? 147 ASN A N   1 
ATOM   1141 C CA  . ASN A 1 146 ? -15.609 8.089   6.634   1.00 9.22  ? 147 ASN A CA  1 
ATOM   1142 C C   . ASN A 1 146 ? -16.346 6.940   5.977   1.00 10.18 ? 147 ASN A C   1 
ATOM   1143 O O   . ASN A 1 146 ? -17.550 7.040   5.723   1.00 8.54  ? 147 ASN A O   1 
ATOM   1144 C CB  . ASN A 1 146 ? -15.301 9.136   5.571   1.00 10.57 ? 147 ASN A CB  1 
ATOM   1145 C CG  . ASN A 1 146 ? -14.751 10.396  6.153   1.00 6.22  ? 147 ASN A CG  1 
ATOM   1146 O OD1 . ASN A 1 146 ? -15.474 11.171  6.750   1.00 13.06 ? 147 ASN A OD1 1 
ATOM   1147 N ND2 . ASN A 1 146 ? -13.462 10.615  5.987   1.00 7.89  ? 147 ASN A ND2 1 
ATOM   1148 N N   . GLN A 1 147 ? -15.634 5.851   5.701   1.00 6.48  ? 148 GLN A N   1 
ATOM   1149 C CA  . GLN A 1 147 ? -16.238 4.730   5.019   1.00 6.63  ? 148 GLN A CA  1 
ATOM   1150 C C   . GLN A 1 147 ? -15.815 3.384   5.592   1.00 7.90  ? 148 GLN A C   1 
ATOM   1151 O O   . GLN A 1 147 ? -15.551 2.433   4.838   1.00 6.44  ? 148 GLN A O   1 
ATOM   1152 C CB  . GLN A 1 147 ? -15.884 4.796   3.523   1.00 9.53  ? 148 GLN A CB  1 
ATOM   1153 C CG  . GLN A 1 147 ? -16.356 6.056   2.778   1.00 6.62  ? 148 GLN A CG  1 
ATOM   1154 C CD  . GLN A 1 147 ? -15.981 6.038   1.291   1.00 10.13 ? 148 GLN A CD  1 
ATOM   1155 O OE1 . GLN A 1 147 ? -14.810 5.932   0.928   1.00 9.46  ? 148 GLN A OE1 1 
ATOM   1156 N NE2 . GLN A 1 147 ? -16.978 6.161   0.432   1.00 13.64 ? 148 GLN A NE2 1 
ATOM   1157 N N   . SER A 1 148 ? -15.832 3.277   6.916   1.00 8.07  ? 149 SER A N   1 
ATOM   1158 C CA  . SER A 1 148 ? -15.445 2.040   7.598   1.00 10.35 ? 149 SER A CA  1 
ATOM   1159 C C   . SER A 1 148 ? -16.362 0.870   7.232   1.00 9.01  ? 149 SER A C   1 
ATOM   1160 O O   . SER A 1 148 ? -15.960 -0.289  7.288   1.00 7.53  ? 149 SER A O   1 
ATOM   1161 C CB  . SER A 1 148 ? -15.426 2.252   9.120   1.00 14.06 ? 149 SER A CB  1 
ATOM   1162 O OG  . SER A 1 148 ? -16.609 2.886   9.576   1.00 17.59 ? 149 SER A OG  1 
ATOM   1163 N N   . ASP A 1 149 ? -17.587 1.187   6.825   1.00 11.21 ? 150 ASP A N   1 
ATOM   1164 C CA  . ASP A 1 149 ? -18.566 0.174   6.421   1.00 10.43 ? 150 ASP A CA  1 
ATOM   1165 C C   . ASP A 1 149 ? -18.284 -0.383  5.018   1.00 9.64  ? 150 ASP A C   1 
ATOM   1166 O O   . ASP A 1 149 ? -18.924 -1.339  4.580   1.00 6.27  ? 150 ASP A O   1 
ATOM   1167 C CB  . ASP A 1 149 ? -19.993 0.739   6.497   1.00 12.15 ? 150 ASP A CB  1 
ATOM   1168 C CG  . ASP A 1 149 ? -20.183 1.997   5.653   1.00 12.79 ? 150 ASP A CG  1 
ATOM   1169 O OD1 . ASP A 1 149 ? -19.312 2.893   5.671   1.00 15.21 ? 150 ASP A OD1 1 
ATOM   1170 O OD2 . ASP A 1 149 ? -21.230 2.105   4.988   1.00 15.54 ? 150 ASP A OD2 1 
ATOM   1171 N N   . LEU A 1 150 ? -17.328 0.209   4.308   1.00 9.53  ? 151 LEU A N   1 
ATOM   1172 C CA  . LEU A 1 150 ? -16.993 -0.288  2.976   1.00 10.35 ? 151 LEU A CA  1 
ATOM   1173 C C   . LEU A 1 150 ? -15.657 -1.047  2.950   1.00 7.65  ? 151 LEU A C   1 
ATOM   1174 O O   . LEU A 1 150 ? -15.381 -1.795  2.015   1.00 9.82  ? 151 LEU A O   1 
ATOM   1175 C CB  . LEU A 1 150 ? -16.975 0.862   1.961   1.00 5.32  ? 151 LEU A CB  1 
ATOM   1176 C CG  . LEU A 1 150 ? -18.279 1.660   1.873   1.00 8.28  ? 151 LEU A CG  1 
ATOM   1177 C CD1 . LEU A 1 150 ? -18.154 2.800   0.904   1.00 7.78  ? 151 LEU A CD1 1 
ATOM   1178 C CD2 . LEU A 1 150 ? -19.428 0.740   1.479   1.00 9.37  ? 151 LEU A CD2 1 
ATOM   1179 N N   . THR A 1 151 ? -14.877 -0.912  4.016   1.00 9.09  ? 152 THR A N   1 
ATOM   1180 C CA  . THR A 1 151 ? -13.552 -1.523  4.109   1.00 10.06 ? 152 THR A CA  1 
ATOM   1181 C C   . THR A 1 151 ? -13.395 -3.014  3.796   1.00 10.18 ? 152 THR A C   1 
ATOM   1182 O O   . THR A 1 151 ? -12.620 -3.381  2.917   1.00 9.31  ? 152 THR A O   1 
ATOM   1183 C CB  . THR A 1 151 ? -12.894 -1.170  5.468   1.00 11.05 ? 152 THR A CB  1 
ATOM   1184 O OG1 . THR A 1 151 ? -12.647 0.241   5.516   1.00 9.66  ? 152 THR A OG1 1 
ATOM   1185 C CG2 . THR A 1 151 ? -11.577 -1.921  5.663   1.00 11.83 ? 152 THR A CG2 1 
ATOM   1186 N N   . ASP A 1 152 ? -14.123 -3.873  4.499   1.00 12.41 ? 153 ASP A N   1 
ATOM   1187 C CA  . ASP A 1 152 ? -14.014 -5.309  4.269   1.00 12.94 ? 153 ASP A CA  1 
ATOM   1188 C C   . ASP A 1 152 ? -14.381 -5.772  2.849   1.00 11.15 ? 153 ASP A C   1 
ATOM   1189 O O   . ASP A 1 152 ? -13.751 -6.674  2.296   1.00 7.30  ? 153 ASP A O   1 
ATOM   1190 C CB  . ASP A 1 152 ? -14.797 -6.071  5.334   1.00 17.50 ? 153 ASP A CB  1 
ATOM   1191 C CG  . ASP A 1 152 ? -14.086 -6.058  6.690   1.00 26.97 ? 153 ASP A CG  1 
ATOM   1192 O OD1 . ASP A 1 152 ? -12.883 -6.426  6.748   1.00 30.76 ? 153 ASP A OD1 1 
ATOM   1193 O OD2 . ASP A 1 152 ? -14.722 -5.666  7.695   1.00 32.31 ? 153 ASP A OD2 1 
ATOM   1194 N N   . ASP A 1 153 ? -15.381 -5.136  2.256   1.00 10.73 ? 154 ASP A N   1 
ATOM   1195 C CA  . ASP A 1 153 ? -15.800 -5.471  0.907   1.00 10.65 ? 154 ASP A CA  1 
ATOM   1196 C C   . ASP A 1 153 ? -14.720 -5.018  -0.082  1.00 8.51  ? 154 ASP A C   1 
ATOM   1197 O O   . ASP A 1 153 ? -14.420 -5.712  -1.053  1.00 7.64  ? 154 ASP A O   1 
ATOM   1198 C CB  . ASP A 1 153 ? -17.144 -4.800  0.608   1.00 19.88 ? 154 ASP A CB  1 
ATOM   1199 C CG  . ASP A 1 153 ? -17.576 -4.976  -0.831  1.00 27.36 ? 154 ASP A CG  1 
ATOM   1200 O OD1 . ASP A 1 153 ? -17.966 -6.107  -1.197  1.00 31.85 ? 154 ASP A OD1 1 
ATOM   1201 O OD2 . ASP A 1 153 ? -17.517 -3.983  -1.593  1.00 30.53 ? 154 ASP A OD2 1 
ATOM   1202 N N   . ARG A 1 154 ? -14.123 -3.859  0.180   1.00 7.36  ? 155 ARG A N   1 
ATOM   1203 C CA  . ARG A 1 154 ? -13.069 -3.355  -0.683  1.00 7.37  ? 155 ARG A CA  1 
ATOM   1204 C C   . ARG A 1 154 ? -11.859 -4.287  -0.609  1.00 10.20 ? 155 ARG A C   1 
ATOM   1205 O O   . ARG A 1 154 ? -11.262 -4.629  -1.637  1.00 9.74  ? 155 ARG A O   1 
ATOM   1206 C CB  . ARG A 1 154 ? -12.665 -1.943  -0.275  1.00 6.79  ? 155 ARG A CB  1 
ATOM   1207 C CG  . ARG A 1 154 ? -13.722 -0.889  -0.565  1.00 6.35  ? 155 ARG A CG  1 
ATOM   1208 C CD  . ARG A 1 154 ? -13.285 0.502   -0.098  1.00 7.51  ? 155 ARG A CD  1 
ATOM   1209 N NE  . ARG A 1 154 ? -14.084 1.531   -0.755  1.00 9.62  ? 155 ARG A NE  1 
ATOM   1210 C CZ  . ARG A 1 154 ? -14.241 2.779   -0.320  1.00 11.74 ? 155 ARG A CZ  1 
ATOM   1211 N NH1 . ARG A 1 154 ? -13.653 3.189   0.802   1.00 11.93 ? 155 ARG A NH1 1 
ATOM   1212 N NH2 . ARG A 1 154 ? -14.990 3.626   -1.025  1.00 7.51  ? 155 ARG A NH2 1 
ATOM   1213 N N   . ILE A 1 155 ? -11.502 -4.704  0.603   1.00 8.02  ? 156 ILE A N   1 
ATOM   1214 C CA  . ILE A 1 155 ? -10.370 -5.600  0.790   1.00 8.30  ? 156 ILE A CA  1 
ATOM   1215 C C   . ILE A 1 155 ? -10.642 -6.922  0.076   1.00 9.74  ? 156 ILE A C   1 
ATOM   1216 O O   . ILE A 1 155 ? -9.769  -7.452  -0.617  1.00 10.98 ? 156 ILE A O   1 
ATOM   1217 C CB  . ILE A 1 155 ? -10.090 -5.881  2.291   1.00 8.29  ? 156 ILE A CB  1 
ATOM   1218 C CG1 . ILE A 1 155 ? -9.659  -4.599  3.011   1.00 7.68  ? 156 ILE A CG1 1 
ATOM   1219 C CG2 . ILE A 1 155 ? -8.977  -6.932  2.431   1.00 7.29  ? 156 ILE A CG2 1 
ATOM   1220 C CD1 . ILE A 1 155 ? -9.518  -4.762  4.516   1.00 6.80  ? 156 ILE A CD1 1 
ATOM   1221 N N   . LYS A 1 156 ? -11.860 -7.440  0.231   1.00 9.83  ? 157 LYS A N   1 
ATOM   1222 C CA  . LYS A 1 156 ? -12.255 -8.693  -0.404  1.00 11.77 ? 157 LYS A CA  1 
ATOM   1223 C C   . LYS A 1 156 ? -12.108 -8.633  -1.931  1.00 10.64 ? 157 LYS A C   1 
ATOM   1224 O O   . LYS A 1 156 ? -11.560 -9.551  -2.538  1.00 11.85 ? 157 LYS A O   1 
ATOM   1225 C CB  . LYS A 1 156 ? -13.703 -9.034  -0.040  1.00 13.92 ? 157 LYS A CB  1 
ATOM   1226 C CG  . LYS A 1 156 ? -14.155 -10.409 -0.509  1.00 21.51 ? 157 LYS A CG  1 
ATOM   1227 C CD  . LYS A 1 156 ? -15.609 -10.686 -0.136  1.00 21.32 ? 157 LYS A CD  1 
ATOM   1228 C CE  . LYS A 1 156 ? -15.849 -10.481 1.362   1.00 24.65 ? 157 LYS A CE  1 
ATOM   1229 N NZ  . LYS A 1 156 ? -14.936 -11.296 2.225   1.00 26.18 ? 157 LYS A NZ  1 
ATOM   1230 N N   . SER A 1 157 ? -12.607 -7.564  -2.549  1.00 8.72  ? 158 SER A N   1 
ATOM   1231 C CA  . SER A 1 157 ? -12.518 -7.416  -3.993  1.00 8.86  ? 158 SER A CA  1 
ATOM   1232 C C   . SER A 1 157 ? -11.076 -7.255  -4.481  1.00 7.91  ? 158 SER A C   1 
ATOM   1233 O O   . SER A 1 157 ? -10.698 -7.825  -5.508  1.00 11.29 ? 158 SER A O   1 
ATOM   1234 C CB  . SER A 1 157 ? -13.351 -6.223  -4.470  1.00 10.48 ? 158 SER A CB  1 
ATOM   1235 O OG  . SER A 1 157 ? -14.675 -6.290  -3.980  1.00 17.01 ? 158 SER A OG  1 
ATOM   1236 N N   . TRP A 1 158 ? -10.290 -6.452  -3.768  1.00 6.54  ? 159 TRP A N   1 
ATOM   1237 C CA  . TRP A 1 158 ? -8.899  -6.196  -4.126  1.00 4.29  ? 159 TRP A CA  1 
ATOM   1238 C C   . TRP A 1 158 ? -8.039  -7.457  -4.023  1.00 6.26  ? 159 TRP A C   1 
ATOM   1239 O O   . TRP A 1 158 ? -7.211  -7.721  -4.906  1.00 9.71  ? 159 TRP A O   1 
ATOM   1240 C CB  . TRP A 1 158 ? -8.332  -5.087  -3.244  1.00 2.00  ? 159 TRP A CB  1 
ATOM   1241 C CG  . TRP A 1 158 ? -7.025  -4.493  -3.730  1.00 5.30  ? 159 TRP A CG  1 
ATOM   1242 C CD1 . TRP A 1 158 ? -6.787  -3.878  -4.942  1.00 3.55  ? 159 TRP A CD1 1 
ATOM   1243 C CD2 . TRP A 1 158 ? -5.809  -4.388  -2.980  1.00 3.38  ? 159 TRP A CD2 1 
ATOM   1244 N NE1 . TRP A 1 158 ? -5.494  -3.389  -4.971  1.00 7.04  ? 159 TRP A NE1 1 
ATOM   1245 C CE2 . TRP A 1 158 ? -4.875  -3.688  -3.782  1.00 6.81  ? 159 TRP A CE2 1 
ATOM   1246 C CE3 . TRP A 1 158 ? -5.416  -4.808  -1.697  1.00 6.24  ? 159 TRP A CE3 1 
ATOM   1247 C CZ2 . TRP A 1 158 ? -3.582  -3.399  -3.339  1.00 6.21  ? 159 TRP A CZ2 1 
ATOM   1248 C CZ3 . TRP A 1 158 ? -4.128  -4.515  -1.262  1.00 5.96  ? 159 TRP A CZ3 1 
ATOM   1249 C CH2 . TRP A 1 158 ? -3.231  -3.818  -2.081  1.00 7.69  ? 159 TRP A CH2 1 
ATOM   1250 N N   . VAL A 1 159 ? -8.235  -8.257  -2.974  1.00 5.09  ? 160 VAL A N   1 
ATOM   1251 C CA  . VAL A 1 159 ? -7.443  -9.477  -2.840  1.00 5.79  ? 160 VAL A CA  1 
ATOM   1252 C C   . VAL A 1 159 ? -7.762  -10.457 -3.961  1.00 6.38  ? 160 VAL A C   1 
ATOM   1253 O O   . VAL A 1 159 ? -6.853  -11.086 -4.489  1.00 7.70  ? 160 VAL A O   1 
ATOM   1254 C CB  . VAL A 1 159 ? -7.576  -10.124 -1.442  1.00 10.61 ? 160 VAL A CB  1 
ATOM   1255 C CG1 . VAL A 1 159 ? -6.985  -11.549 -1.442  1.00 7.83  ? 160 VAL A CG1 1 
ATOM   1256 C CG2 . VAL A 1 159 ? -6.823  -9.271  -0.415  1.00 9.87  ? 160 VAL A CG2 1 
ATOM   1257 N N   . ALA A 1 160 ? -9.029  -10.544 -4.369  1.00 6.29  ? 161 ALA A N   1 
ATOM   1258 C CA  . ALA A 1 160 ? -9.411  -11.431 -5.466  1.00 7.31  ? 161 ALA A CA  1 
ATOM   1259 C C   . ALA A 1 160 ? -8.721  -10.980 -6.755  1.00 8.74  ? 161 ALA A C   1 
ATOM   1260 O O   . ALA A 1 160 ? -8.326  -11.808 -7.590  1.00 6.12  ? 161 ALA A O   1 
ATOM   1261 C CB  . ALA A 1 160 ? -10.924 -11.451 -5.643  1.00 9.34  ? 161 ALA A CB  1 
ATOM   1262 N N   . GLN A 1 161 ? -8.575  -9.663  -6.909  1.00 7.54  ? 162 GLN A N   1 
ATOM   1263 C CA  . GLN A 1 161 ? -7.898  -9.066  -8.068  1.00 7.81  ? 162 GLN A CA  1 
ATOM   1264 C C   . GLN A 1 161 ? -6.400  -9.370  -8.011  1.00 7.88  ? 162 GLN A C   1 
ATOM   1265 O O   . GLN A 1 161 ? -5.794  -9.728  -9.026  1.00 6.85  ? 162 GLN A O   1 
ATOM   1266 C CB  . GLN A 1 161 ? -8.099  -7.548  -8.078  1.00 7.91  ? 162 GLN A CB  1 
ATOM   1267 C CG  . GLN A 1 161 ? -7.318  -6.809  -9.142  1.00 11.49 ? 162 GLN A CG  1 
ATOM   1268 C CD  . GLN A 1 161 ? -7.636  -5.323  -9.153  1.00 14.49 ? 162 GLN A CD  1 
ATOM   1269 O OE1 . GLN A 1 161 ? -8.685  -4.905  -8.672  1.00 20.23 ? 162 GLN A OE1 1 
ATOM   1270 N NE2 . GLN A 1 161 ? -6.733  -4.521  -9.702  1.00 13.68 ? 162 GLN A NE2 1 
ATOM   1271 N N   . LEU A 1 162 ? -5.812  -9.224  -6.827  1.00 5.59  ? 163 LEU A N   1 
ATOM   1272 C CA  . LEU A 1 162 ? -4.393  -9.498  -6.628  1.00 6.78  ? 163 LEU A CA  1 
ATOM   1273 C C   . LEU A 1 162 ? -4.066  -10.984 -6.799  1.00 9.03  ? 163 LEU A C   1 
ATOM   1274 O O   . LEU A 1 162 ? -2.967  -11.328 -7.220  1.00 9.36  ? 163 LEU A O   1 
ATOM   1275 C CB  . LEU A 1 162 ? -3.928  -9.033  -5.246  1.00 7.61  ? 163 LEU A CB  1 
ATOM   1276 C CG  . LEU A 1 162 ? -3.766  -7.536  -4.950  1.00 9.20  ? 163 LEU A CG  1 
ATOM   1277 C CD1 . LEU A 1 162 ? -3.199  -7.359  -3.545  1.00 10.46 ? 163 LEU A CD1 1 
ATOM   1278 C CD2 . LEU A 1 162 ? -2.838  -6.890  -5.956  1.00 10.78 ? 163 LEU A CD2 1 
ATOM   1279 N N   . LYS A 1 163 ? -5.001  -11.861 -6.451  1.00 8.50  ? 164 LYS A N   1 
ATOM   1280 C CA  . LYS A 1 163 ? -4.782  -13.298 -6.600  1.00 12.13 ? 164 LYS A CA  1 
ATOM   1281 C C   . LYS A 1 163 ? -4.489  -13.598 -8.066  1.00 13.32 ? 164 LYS A C   1 
ATOM   1282 O O   . LYS A 1 163 ? -3.565  -14.339 -8.371  1.00 14.97 ? 164 LYS A O   1 
ATOM   1283 C CB  . LYS A 1 163 ? -6.012  -14.104 -6.157  1.00 12.42 ? 164 LYS A CB  1 
ATOM   1284 C CG  . LYS A 1 163 ? -6.361  -14.000 -4.681  1.00 18.46 ? 164 LYS A CG  1 
ATOM   1285 C CD  . LYS A 1 163 ? -5.815  -15.150 -3.870  1.00 23.55 ? 164 LYS A CD  1 
ATOM   1286 C CE  . LYS A 1 163 ? -6.225  -15.041 -2.390  1.00 26.35 ? 164 LYS A CE  1 
ATOM   1287 N NZ  . LYS A 1 163 ? -7.673  -15.321 -2.104  1.00 25.08 ? 164 LYS A NZ  1 
ATOM   1288 N N   . SER A 1 164 ? -5.261  -13.001 -8.974  1.00 14.75 ? 165 SER A N   1 
ATOM   1289 C CA  . SER A 1 164 ? -5.057  -13.213 -10.405 1.00 14.57 ? 165 SER A CA  1 
ATOM   1290 C C   . SER A 1 164 ? -3.780  -12.555 -10.910 1.00 14.25 ? 165 SER A C   1 
ATOM   1291 O O   . SER A 1 164 ? -2.963  -13.205 -11.569 1.00 14.57 ? 165 SER A O   1 
ATOM   1292 C CB  . SER A 1 164 ? -6.248  -12.704 -11.205 1.00 15.92 ? 165 SER A CB  1 
ATOM   1293 O OG  . SER A 1 164 ? -7.400  -13.448 -10.878 1.00 24.34 ? 165 SER A OG  1 
ATOM   1294 N N   . GLU A 1 165 ? -3.584  -11.290 -10.552 1.00 11.62 ? 166 GLU A N   1 
ATOM   1295 C CA  . GLU A 1 165 ? -2.402  -10.547 -10.975 1.00 13.74 ? 166 GLU A CA  1 
ATOM   1296 C C   . GLU A 1 165 ? -1.087  -11.119 -10.460 1.00 13.67 ? 166 GLU A C   1 
ATOM   1297 O O   . GLU A 1 165 ? -0.099  -11.141 -11.184 1.00 14.76 ? 166 GLU A O   1 
ATOM   1298 C CB  . GLU A 1 165 ? -2.537  -9.069  -10.619 1.00 11.85 ? 166 GLU A CB  1 
ATOM   1299 C CG  . GLU A 1 165 ? -3.632  -8.379  -11.406 1.00 16.60 ? 166 GLU A CG  1 
ATOM   1300 C CD  . GLU A 1 165 ? -3.511  -6.877  -11.386 1.00 20.74 ? 166 GLU A CD  1 
ATOM   1301 O OE1 . GLU A 1 165 ? -2.443  -6.360  -11.765 1.00 27.42 ? 166 GLU A OE1 1 
ATOM   1302 O OE2 . GLU A 1 165 ? -4.485  -6.202  -11.017 1.00 23.45 ? 166 GLU A OE2 1 
ATOM   1303 N N   . PHE A 1 166 ? -1.085  -11.608 -9.226  1.00 13.40 ? 167 PHE A N   1 
ATOM   1304 C CA  . PHE A 1 166 ? 0.106   -12.220 -8.629  1.00 12.15 ? 167 PHE A CA  1 
ATOM   1305 C C   . PHE A 1 166 ? 0.252   -13.675 -9.077  1.00 12.89 ? 167 PHE A C   1 
ATOM   1306 O O   . PHE A 1 166 ? 1.286   -14.307 -8.825  1.00 14.17 ? 167 PHE A O   1 
ATOM   1307 C CB  . PHE A 1 166 ? 0.022   -12.200 -7.099  1.00 10.41 ? 167 PHE A CB  1 
ATOM   1308 C CG  . PHE A 1 166 ? 0.442   -10.900 -6.463  1.00 8.41  ? 167 PHE A CG  1 
ATOM   1309 C CD1 . PHE A 1 166 ? 1.414   -10.087 -7.049  1.00 10.97 ? 167 PHE A CD1 1 
ATOM   1310 C CD2 . PHE A 1 166 ? -0.090  -10.525 -5.231  1.00 7.69  ? 167 PHE A CD2 1 
ATOM   1311 C CE1 . PHE A 1 166 ? 1.859   -8.913  -6.409  1.00 9.77  ? 167 PHE A CE1 1 
ATOM   1312 C CE2 . PHE A 1 166 ? 0.339   -9.367  -4.588  1.00 6.90  ? 167 PHE A CE2 1 
ATOM   1313 C CZ  . PHE A 1 166 ? 1.319   -8.555  -5.173  1.00 10.35 ? 167 PHE A CZ  1 
ATOM   1314 N N   . GLY A 1 167 ? -0.795  -14.218 -9.694  1.00 14.62 ? 168 GLY A N   1 
ATOM   1315 C CA  . GLY A 1 167 ? -0.758  -15.595 -10.155 1.00 14.02 ? 168 GLY A CA  1 
ATOM   1316 C C   . GLY A 1 167 ? -0.878  -16.592 -9.020  1.00 17.05 ? 168 GLY A C   1 
ATOM   1317 O O   . GLY A 1 167 ? -0.035  -17.472 -8.849  1.00 16.55 ? 168 GLY A O   1 
ATOM   1318 N N   . LEU A 1 168 ? -1.930  -16.439 -8.232  1.00 19.48 ? 169 LEU A N   1 
ATOM   1319 C CA  . LEU A 1 168 ? -2.197  -17.319 -7.103  1.00 25.05 ? 169 LEU A CA  1 
ATOM   1320 C C   . LEU A 1 168 ? -3.517  -18.053 -7.339  1.00 27.86 ? 169 LEU A C   1 
ATOM   1321 O O   . LEU A 1 168 ? -3.863  -18.262 -8.523  1.00 29.77 ? 169 LEU A O   1 
ATOM   1322 C CB  . LEU A 1 168 ? -2.261  -16.504 -5.806  1.00 26.43 ? 169 LEU A CB  1 
ATOM   1323 C CG  . LEU A 1 168 ? -0.957  -15.863 -5.326  1.00 27.75 ? 169 LEU A CG  1 
ATOM   1324 C CD1 . LEU A 1 168 ? -1.249  -14.528 -4.681  1.00 27.50 ? 169 LEU A CD1 1 
ATOM   1325 C CD2 . LEU A 1 168 ? -0.227  -16.800 -4.371  1.00 27.49 ? 169 LEU A CD2 1 
ATOM   1326 O OXT . LEU A 1 168 ? -4.194  -18.415 -6.351  1.00 32.72 ? 169 LEU A OXT 1 
HETATM 1327 S S   . SO4 B 2 .   ? -3.180  4.214   10.558  1.00 7.28  ? 700 SO4 A S   1 
HETATM 1328 O O1  . SO4 B 2 .   ? -2.667  3.013   10.076  1.00 9.61  ? 700 SO4 A O1  1 
HETATM 1329 O O2  . SO4 B 2 .   ? -3.935  3.853   11.648  1.00 7.00  ? 700 SO4 A O2  1 
HETATM 1330 O O3  . SO4 B 2 .   ? -4.063  4.773   9.617   1.00 6.44  ? 700 SO4 A O3  1 
HETATM 1331 O O4  . SO4 B 2 .   ? -2.167  5.158   10.886  1.00 7.86  ? 700 SO4 A O4  1 
HETATM 1332 O O   . HOH C 3 .   ? 2.949   -16.493 -8.521  1.00 13.99 ? 500 HOH A O   1 
HETATM 1333 O O   . HOH C 3 .   ? 8.702   -13.942 -3.149  1.00 13.31 ? 501 HOH A O   1 
HETATM 1334 O O   . HOH C 3 .   ? -5.131  -11.717 13.570  1.00 35.28 ? 502 HOH A O   1 
HETATM 1335 O O   . HOH C 3 .   ? 5.758   -0.286  -8.325  1.00 4.33  ? 503 HOH A O   1 
HETATM 1336 O O   . HOH C 3 .   ? -1.471  -1.623  -5.934  1.00 2.00  ? 504 HOH A O   1 
HETATM 1337 O O   . HOH C 3 .   ? -3.974  -3.589  -12.173 1.00 7.46  ? 505 HOH A O   1 
HETATM 1338 O O   . HOH C 3 .   ? -5.215  11.198  3.622   1.00 18.24 ? 506 HOH A O   1 
HETATM 1339 O O   . HOH C 3 .   ? -1.627  6.337   1.813   1.00 2.00  ? 507 HOH A O   1 
HETATM 1340 O O   . HOH C 3 .   ? -14.554 12.493  10.513  1.00 28.23 ? 508 HOH A O   1 
HETATM 1341 O O   . HOH C 3 .   ? 4.749   -1.416  -15.471 1.00 45.26 ? 509 HOH A O   1 
HETATM 1342 O O   . HOH C 3 .   ? -11.232 14.256  -7.684  1.00 21.17 ? 510 HOH A O   1 
HETATM 1343 O O   . HOH C 3 .   ? -13.371 15.784  0.198   1.00 23.17 ? 511 HOH A O   1 
HETATM 1344 O O   . HOH C 3 .   ? -14.805 -12.323 -3.870  1.00 21.47 ? 512 HOH A O   1 
HETATM 1345 O O   . HOH C 3 .   ? -16.015 -2.895  6.689   1.00 13.12 ? 513 HOH A O   1 
HETATM 1346 O O   . HOH C 3 .   ? -12.874 1.943   3.554   1.00 6.58  ? 514 HOH A O   1 
HETATM 1347 O O   . HOH C 3 .   ? -8.834  5.996   7.645   1.00 10.53 ? 515 HOH A O   1 
HETATM 1348 O O   . HOH C 3 .   ? -3.923  -17.481 -10.968 1.00 31.92 ? 516 HOH A O   1 
HETATM 1349 O O   . HOH C 3 .   ? -1.731  15.537  -3.641  1.00 11.87 ? 517 HOH A O   1 
HETATM 1350 O O   . HOH C 3 .   ? 4.784   0.949   12.101  1.00 7.56  ? 518 HOH A O   1 
HETATM 1351 O O   . HOH C 3 .   ? 2.649   4.183   16.303  1.00 26.90 ? 519 HOH A O   1 
HETATM 1352 O O   . HOH C 3 .   ? 19.910  -5.669  -5.723  1.00 28.08 ? 520 HOH A O   1 
HETATM 1353 O O   . HOH C 3 .   ? 16.811  3.400   -11.061 1.00 31.61 ? 521 HOH A O   1 
HETATM 1354 O O   . HOH C 3 .   ? 16.904  0.025   -10.409 1.00 18.88 ? 522 HOH A O   1 
HETATM 1355 O O   . HOH C 3 .   ? -9.156  19.189  3.537   1.00 18.99 ? 523 HOH A O   1 
HETATM 1356 O O   . HOH C 3 .   ? -3.312  -2.969  15.080  1.00 13.98 ? 524 HOH A O   1 
HETATM 1357 O O   . HOH C 3 .   ? 7.188   -10.761 -10.045 1.00 55.07 ? 525 HOH A O   1 
HETATM 1358 O O   . HOH C 3 .   ? -11.253 -1.094  -9.012  1.00 12.27 ? 526 HOH A O   1 
HETATM 1359 O O   . HOH C 3 .   ? -12.722 -3.766  9.030   1.00 29.11 ? 527 HOH A O   1 
HETATM 1360 O O   . HOH C 3 .   ? 18.117  -7.572  5.646   1.00 23.24 ? 528 HOH A O   1 
HETATM 1361 O O   . HOH C 3 .   ? -14.340 1.556   12.144  1.00 49.57 ? 529 HOH A O   1 
HETATM 1362 O O   . HOH C 3 .   ? -15.385 2.485   -11.487 1.00 46.49 ? 530 HOH A O   1 
HETATM 1363 O O   . HOH C 3 .   ? -13.629 2.076   -6.420  1.00 10.73 ? 531 HOH A O   1 
HETATM 1364 O O   . HOH C 3 .   ? -10.571 -12.738 -2.461  1.00 44.21 ? 532 HOH A O   1 
HETATM 1365 O O   . HOH C 3 .   ? -7.606  3.990   -16.379 1.00 25.42 ? 533 HOH A O   1 
HETATM 1366 O O   . HOH C 3 .   ? -1.432  -15.665 3.858   1.00 12.85 ? 534 HOH A O   1 
HETATM 1367 O O   . HOH C 3 .   ? 8.894   9.227   -4.959  1.00 13.82 ? 535 HOH A O   1 
HETATM 1368 O O   . HOH C 3 .   ? 21.818  5.342   1.490   1.00 43.56 ? 536 HOH A O   1 
HETATM 1369 O O   . HOH C 3 .   ? 11.825  -8.101  8.788   1.00 20.25 ? 537 HOH A O   1 
HETATM 1370 O O   . HOH C 3 .   ? 3.007   3.950   -14.283 1.00 13.47 ? 538 HOH A O   1 
HETATM 1371 O O   . HOH C 3 .   ? -15.449 -3.049  -3.819  1.00 38.21 ? 539 HOH A O   1 
HETATM 1372 O O   . HOH C 3 .   ? 0.837   -8.744  -13.475 1.00 39.64 ? 540 HOH A O   1 
HETATM 1373 O O   . HOH C 3 .   ? 0.659   -16.324 6.205   1.00 28.12 ? 541 HOH A O   1 
HETATM 1374 O O   . HOH C 3 .   ? 6.667   11.061  9.986   1.00 55.09 ? 542 HOH A O   1 
HETATM 1375 O O   . HOH C 3 .   ? -14.586 8.178   -10.302 1.00 29.64 ? 543 HOH A O   1 
HETATM 1376 O O   . HOH C 3 .   ? -8.724  -17.562 3.504   1.00 25.75 ? 544 HOH A O   1 
HETATM 1377 O O   . HOH C 3 .   ? -8.537  -19.420 0.592   1.00 65.59 ? 545 HOH A O   1 
HETATM 1378 O O   . HOH C 3 .   ? 13.718  -12.446 -4.810  1.00 24.69 ? 546 HOH A O   1 
HETATM 1379 O O   . HOH C 3 .   ? -6.117  -2.318  14.884  1.00 58.62 ? 547 HOH A O   1 
HETATM 1380 O O   . HOH C 3 .   ? -7.028  -6.681  -13.021 1.00 19.83 ? 548 HOH A O   1 
HETATM 1381 O O   . HOH C 3 .   ? 6.684   -7.422  11.747  1.00 21.48 ? 549 HOH A O   1 
HETATM 1382 O O   . HOH C 3 .   ? 5.282   -0.056  -13.008 1.00 19.94 ? 550 HOH A O   1 
HETATM 1383 O O   . HOH C 3 .   ? 15.131  0.116   -13.368 1.00 39.39 ? 551 HOH A O   1 
HETATM 1384 O O   . HOH C 3 .   ? 18.610  11.617  -9.300  1.00 76.99 ? 552 HOH A O   1 
HETATM 1385 O O   . HOH C 3 .   ? -3.488  20.770  0.443   1.00 41.54 ? 553 HOH A O   1 
HETATM 1386 O O   . HOH C 3 .   ? -1.611  15.382  -6.381  1.00 31.02 ? 554 HOH A O   1 
HETATM 1387 O O   . HOH C 3 .   ? -17.819 -3.894  3.882   1.00 13.19 ? 555 HOH A O   1 
HETATM 1388 O O   . HOH C 3 .   ? -7.074  5.131   9.809   1.00 45.61 ? 556 HOH A O   1 
HETATM 1389 O O   . HOH C 3 .   ? 13.791  -3.397  15.289  1.00 30.22 ? 557 HOH A O   1 
HETATM 1390 O O   . HOH C 3 .   ? -12.477 -8.552  4.320   1.00 19.73 ? 558 HOH A O   1 
HETATM 1391 O O   . HOH C 3 .   ? -17.574 8.466   -7.166  1.00 37.44 ? 559 HOH A O   1 
HETATM 1392 O O   . HOH C 3 .   ? -18.104 8.984   -10.016 1.00 75.17 ? 560 HOH A O   1 
HETATM 1393 O O   . HOH C 3 .   ? 19.900  -9.038  7.089   1.00 27.32 ? 561 HOH A O   1 
HETATM 1394 O O   . HOH C 3 .   ? -6.867  19.134  1.699   1.00 32.31 ? 562 HOH A O   1 
HETATM 1395 O O   . HOH C 3 .   ? 15.954  -7.048  9.022   1.00 47.47 ? 563 HOH A O   1 
HETATM 1396 O O   . HOH C 3 .   ? 0.132   19.417  -1.488  1.00 35.97 ? 564 HOH A O   1 
HETATM 1397 O O   . HOH C 3 .   ? 15.057  8.895   -1.280  1.00 56.36 ? 565 HOH A O   1 
HETATM 1398 O O   . HOH C 3 .   ? 9.771   12.856  -2.923  1.00 52.46 ? 566 HOH A O   1 
HETATM 1399 O O   . HOH C 3 .   ? 17.532  -11.727 5.170   1.00 44.84 ? 567 HOH A O   1 
HETATM 1400 O O   . HOH C 3 .   ? -11.392 -4.903  -9.554  1.00 59.68 ? 568 HOH A O   1 
HETATM 1401 O O   . HOH C 3 .   ? -11.900 -8.336  -8.617  1.00 39.87 ? 569 HOH A O   1 
HETATM 1402 O O   . HOH C 3 .   ? -0.354  17.921  -3.679  1.00 39.16 ? 570 HOH A O   1 
HETATM 1403 O O   . HOH C 3 .   ? 13.349  3.630   8.910   1.00 60.42 ? 571 HOH A O   1 
HETATM 1404 O O   . HOH C 3 .   ? -19.684 9.102   3.332   1.00 57.39 ? 572 HOH A O   1 
HETATM 1405 O O   . HOH C 3 .   ? -3.659  17.918  -10.661 1.00 56.41 ? 573 HOH A O   1 
HETATM 1406 O O   . HOH C 3 .   ? 6.418   14.602  -4.557  1.00 35.25 ? 574 HOH A O   1 
HETATM 1407 O O   . HOH C 3 .   ? 3.895   2.015   14.606  1.00 39.54 ? 575 HOH A O   1 
HETATM 1408 O O   . HOH C 3 .   ? 1.655   3.788   -12.069 1.00 11.48 ? 576 HOH A O   1 
HETATM 1409 O O   . HOH C 3 .   ? -6.882  13.964  -12.228 1.00 30.13 ? 577 HOH A O   1 
HETATM 1410 O O   . HOH C 3 .   ? 2.041   14.998  0.113   1.00 21.75 ? 578 HOH A O   1 
HETATM 1411 O O   . HOH C 3 .   ? -2.416  16.869  9.587   1.00 43.76 ? 579 HOH A O   1 
HETATM 1412 O O   . HOH C 3 .   ? 4.697   5.873   -11.680 1.00 18.69 ? 580 HOH A O   1 
HETATM 1413 O O   . HOH C 3 .   ? -5.701  15.487  -10.461 1.00 28.43 ? 581 HOH A O   1 
HETATM 1414 O O   . HOH C 3 .   ? -19.568 7.096   1.484   1.00 26.22 ? 582 HOH A O   1 
HETATM 1415 O O   . HOH C 3 .   ? -8.676  -14.619 -8.757  1.00 20.63 ? 583 HOH A O   1 
HETATM 1416 O O   . HOH C 3 .   ? 2.207   -1.688  -14.383 1.00 31.49 ? 584 HOH A O   1 
HETATM 1417 O O   . HOH C 3 .   ? 2.117   -1.194  15.579  1.00 23.66 ? 585 HOH A O   1 
HETATM 1418 O O   . HOH C 3 .   ? 17.494  -0.014  6.317   1.00 22.66 ? 586 HOH A O   1 
HETATM 1419 O O   . HOH C 3 .   ? 11.352  14.607  7.805   1.00 33.94 ? 587 HOH A O   1 
HETATM 1420 O O   . HOH C 3 .   ? 14.103  9.793   3.310   1.00 45.21 ? 588 HOH A O   1 
HETATM 1421 O O   . HOH C 3 .   ? -14.622 1.172   -3.708  1.00 16.11 ? 589 HOH A O   1 
# 
loop_
_pdbx_poly_seq_scheme.asym_id 
_pdbx_poly_seq_scheme.entity_id 
_pdbx_poly_seq_scheme.seq_id 
_pdbx_poly_seq_scheme.mon_id 
_pdbx_poly_seq_scheme.ndb_seq_num 
_pdbx_poly_seq_scheme.pdb_seq_num 
_pdbx_poly_seq_scheme.auth_seq_num 
_pdbx_poly_seq_scheme.pdb_mon_id 
_pdbx_poly_seq_scheme.auth_mon_id 
_pdbx_poly_seq_scheme.pdb_strand_id 
_pdbx_poly_seq_scheme.pdb_ins_code 
_pdbx_poly_seq_scheme.hetero 
A 1 1   LYS 1   2   2   LYS LYS A . n 
A 1 2   LYS 2   3   3   LYS LYS A . n 
A 1 3   ILE 3   4   4   ILE ILE A . n 
A 1 4   GLY 4   5   5   GLY GLY A . n 
A 1 5   LEU 5   6   6   LEU LEU A . n 
A 1 6   PHE 6   7   7   PHE PHE A . n 
A 1 7   TYR 7   8   8   TYR TYR A . n 
A 1 8   GLY 8   9   9   GLY GLY A . n 
A 1 9   THR 9   10  10  THR THR A . n 
A 1 10  GLN 10  11  11  GLN GLN A . n 
A 1 11  THR 11  12  12  THR THR A . n 
A 1 12  GLY 12  13  13  GLY GLY A . n 
A 1 13  LYS 13  14  14  LYS LYS A . n 
A 1 14  THR 14  15  15  THR THR A . n 
A 1 15  GLU 15  16  16  GLU GLU A . n 
A 1 16  SER 16  17  17  SER SER A . n 
A 1 17  VAL 17  18  18  VAL VAL A . n 
A 1 18  ALA 18  19  19  ALA ALA A . n 
A 1 19  GLU 19  20  20  GLU GLU A . n 
A 1 20  ILE 20  21  21  ILE ILE A . n 
A 1 21  ILE 21  22  22  ILE ILE A . n 
A 1 22  ARG 22  23  23  ARG ARG A . n 
A 1 23  ASP 23  24  24  ASP ASP A . n 
A 1 24  GLU 24  25  25  GLU GLU A . n 
A 1 25  PHE 25  26  26  PHE PHE A . n 
A 1 26  GLY 26  27  27  GLY GLY A . n 
A 1 27  ASN 27  28  28  ASN ASN A . n 
A 1 28  ASP 28  29  29  ASP ASP A . n 
A 1 29  VAL 29  30  30  VAL VAL A . n 
A 1 30  VAL 30  31  31  VAL VAL A . n 
A 1 31  THR 31  32  32  THR THR A . n 
A 1 32  LEU 32  33  33  LEU LEU A . n 
A 1 33  HIS 33  34  34  HIS HIS A . n 
A 1 34  ASP 34  35  35  ASP ASP A . n 
A 1 35  VAL 35  36  36  VAL VAL A . n 
A 1 36  SER 36  37  37  SER SER A . n 
A 1 37  GLN 37  38  38  GLN GLN A . n 
A 1 38  ALA 38  39  39  ALA ALA A . n 
A 1 39  GLU 39  40  40  GLU GLU A . n 
A 1 40  VAL 40  41  41  VAL VAL A . n 
A 1 41  THR 41  42  42  THR THR A . n 
A 1 42  ASP 42  43  43  ASP ASP A . n 
A 1 43  LEU 43  44  44  LEU LEU A . n 
A 1 44  ASN 44  45  45  ASN ASN A . n 
A 1 45  ASP 45  46  46  ASP ASP A . n 
A 1 46  TYR 46  47  47  TYR TYR A . n 
A 1 47  GLN 47  48  48  GLN GLN A . n 
A 1 48  TYR 48  49  49  TYR TYR A . n 
A 1 49  LEU 49  50  50  LEU LEU A . n 
A 1 50  ILE 50  51  51  ILE ILE A . n 
A 1 51  ILE 51  52  52  ILE ILE A . n 
A 1 52  GLY 52  53  53  GLY GLY A . n 
A 1 53  CYS 53  54  54  CYS CYS A . n 
A 1 54  PRO 54  55  55  PRO PRO A . n 
A 1 55  THR 55  56  56  THR THR A . n 
A 1 56  TRP 56  57  57  TRP TRP A . n 
A 1 57  ASN 57  58  58  ASN ASN A . n 
A 1 58  ILE 58  59  59  ILE ILE A . n 
A 1 59  GLY 59  60  60  GLY GLY A . n 
A 1 60  GLU 60  61  61  GLU GLU A . n 
A 1 61  LEU 61  62  62  LEU LEU A . n 
A 1 62  GLN 62  63  63  GLN GLN A . n 
A 1 63  SER 63  64  64  SER SER A . n 
A 1 64  ASP 64  65  65  ASP ASP A . n 
A 1 65  TRP 65  66  66  TRP TRP A . n 
A 1 66  GLU 66  67  67  GLU GLU A . n 
A 1 67  GLY 67  68  68  GLY GLY A . n 
A 1 68  LEU 68  69  69  LEU LEU A . n 
A 1 69  TYR 69  70  70  TYR TYR A . n 
A 1 70  SER 70  71  71  SER SER A . n 
A 1 71  GLU 71  72  72  GLU GLU A . n 
A 1 72  LEU 72  73  73  LEU LEU A . n 
A 1 73  ASP 73  74  74  ASP ASP A . n 
A 1 74  ASP 74  75  75  ASP ASP A . n 
A 1 75  VAL 75  76  76  VAL VAL A . n 
A 1 76  ASP 76  77  77  ASP ASP A . n 
A 1 77  PHE 77  78  78  PHE PHE A . n 
A 1 78  ASN 78  79  79  ASN ASN A . n 
A 1 79  GLY 79  80  80  GLY GLY A . n 
A 1 80  LYS 80  81  81  LYS LYS A . n 
A 1 81  LEU 81  82  82  LEU LEU A . n 
A 1 82  VAL 82  83  83  VAL VAL A . n 
A 1 83  ALA 83  84  84  ALA ALA A . n 
A 1 84  TYR 84  85  85  TYR TYR A . n 
A 1 85  PHE 85  86  86  PHE PHE A . n 
A 1 86  GLY 86  87  87  GLY GLY A . n 
A 1 87  THR 87  88  88  THR THR A . n 
A 1 88  GLY 88  89  89  GLY GLY A . n 
A 1 89  ASP 89  90  90  ASP ASP A . n 
A 1 90  GLN 90  91  91  GLN GLN A . n 
A 1 91  ILE 91  92  92  ILE ILE A . n 
A 1 92  GLY 92  93  93  GLY GLY A . n 
A 1 93  TYR 93  94  94  TYR TYR A . n 
A 1 94  ALA 94  95  95  ALA ALA A . n 
A 1 95  ASP 95  96  96  ASP ASP A . n 
A 1 96  ASN 96  97  97  ASN ASN A . n 
A 1 97  PHE 97  98  98  PHE PHE A . n 
A 1 98  GLN 98  99  99  GLN GLN A . n 
A 1 99  ASP 99  100 100 ASP ASP A . n 
A 1 100 ALA 100 101 101 ALA ALA A . n 
A 1 101 ILE 101 102 102 ILE ILE A . n 
A 1 102 GLY 102 103 103 GLY GLY A . n 
A 1 103 ILE 103 104 104 ILE ILE A . n 
A 1 104 LEU 104 105 105 LEU LEU A . n 
A 1 105 GLU 105 106 106 GLU GLU A . n 
A 1 106 GLU 106 107 107 GLU GLU A . n 
A 1 107 LYS 107 108 108 LYS LYS A . n 
A 1 108 ILE 108 109 109 ILE ILE A . n 
A 1 109 SER 109 110 110 SER SER A . n 
A 1 110 GLN 110 111 111 GLN GLN A . n 
A 1 111 ARG 111 112 112 ARG ARG A . n 
A 1 112 GLY 112 113 113 GLY GLY A . n 
A 1 113 GLY 113 114 114 GLY GLY A . n 
A 1 114 LYS 114 115 115 LYS LYS A . n 
A 1 115 THR 115 116 116 THR THR A . n 
A 1 116 VAL 116 117 117 VAL VAL A . n 
A 1 117 GLY 117 118 118 GLY GLY A . n 
A 1 118 TYR 118 119 119 TYR TYR A . n 
A 1 119 TRP 119 120 120 TRP TRP A . n 
A 1 120 SER 120 121 121 SER SER A . n 
A 1 121 THR 121 122 122 THR THR A . n 
A 1 122 ASP 122 123 123 ASP ASP A . n 
A 1 123 GLY 123 124 124 GLY GLY A . n 
A 1 124 TYR 124 125 125 TYR TYR A . n 
A 1 125 ASP 125 126 126 ASP ASP A . n 
A 1 126 PHE 126 127 127 PHE PHE A . n 
A 1 127 ASN 127 128 128 ASN ASN A . n 
A 1 128 ASP 128 129 129 ASP ASP A . n 
A 1 129 SER 129 130 130 SER SER A . n 
A 1 130 LYS 130 131 131 LYS LYS A . n 
A 1 131 ALA 131 132 132 ALA ALA A . n 
A 1 132 LEU 132 133 133 LEU LEU A . n 
A 1 133 ARG 133 134 134 ARG ARG A . n 
A 1 134 ASN 134 135 135 ASN ASN A . n 
A 1 135 GLY 135 136 136 GLY GLY A . n 
A 1 136 LYS 136 137 137 LYS LYS A . n 
A 1 137 PHE 137 138 138 PHE PHE A . n 
A 1 138 VAL 138 139 139 VAL VAL A . n 
A 1 139 GLY 139 140 140 GLY GLY A . n 
A 1 140 LEU 140 141 141 LEU LEU A . n 
A 1 141 ALA 141 142 142 ALA ALA A . n 
A 1 142 LEU 142 143 143 LEU LEU A . n 
A 1 143 ASP 143 144 144 ASP ASP A . n 
A 1 144 GLU 144 145 145 GLU GLU A . n 
A 1 145 ASP 145 146 146 ASP ASP A . n 
A 1 146 ASN 146 147 147 ASN ASN A . n 
A 1 147 GLN 147 148 148 GLN GLN A . n 
A 1 148 SER 148 149 149 SER SER A . n 
A 1 149 ASP 149 150 150 ASP ASP A . n 
A 1 150 LEU 150 151 151 LEU LEU A . n 
A 1 151 THR 151 152 152 THR THR A . n 
A 1 152 ASP 152 153 153 ASP ASP A . n 
A 1 153 ASP 153 154 154 ASP ASP A . n 
A 1 154 ARG 154 155 155 ARG ARG A . n 
A 1 155 ILE 155 156 156 ILE ILE A . n 
A 1 156 LYS 156 157 157 LYS LYS A . n 
A 1 157 SER 157 158 158 SER SER A . n 
A 1 158 TRP 158 159 159 TRP TRP A . n 
A 1 159 VAL 159 160 160 VAL VAL A . n 
A 1 160 ALA 160 161 161 ALA ALA A . n 
A 1 161 GLN 161 162 162 GLN GLN A . n 
A 1 162 LEU 162 163 163 LEU LEU A . n 
A 1 163 LYS 163 164 164 LYS LYS A . n 
A 1 164 SER 164 165 165 SER SER A . n 
A 1 165 GLU 165 166 166 GLU GLU A . n 
A 1 166 PHE 166 167 167 PHE PHE A . n 
A 1 167 GLY 167 168 168 GLY GLY A . n 
A 1 168 LEU 168 169 169 LEU LEU A . n 
# 
loop_
_pdbx_nonpoly_scheme.asym_id 
_pdbx_nonpoly_scheme.entity_id 
_pdbx_nonpoly_scheme.mon_id 
_pdbx_nonpoly_scheme.ndb_seq_num 
_pdbx_nonpoly_scheme.pdb_seq_num 
_pdbx_nonpoly_scheme.auth_seq_num 
_pdbx_nonpoly_scheme.pdb_mon_id 
_pdbx_nonpoly_scheme.auth_mon_id 
_pdbx_nonpoly_scheme.pdb_strand_id 
_pdbx_nonpoly_scheme.pdb_ins_code 
B 2 SO4 1  700 700 SO4 SO4 A . 
C 3 HOH 1  500 500 HOH HOH A . 
C 3 HOH 2  501 501 HOH HOH A . 
C 3 HOH 3  502 502 HOH HOH A . 
C 3 HOH 4  503 503 HOH HOH A . 
C 3 HOH 5  504 504 HOH HOH A . 
C 3 HOH 6  505 505 HOH HOH A . 
C 3 HOH 7  506 506 HOH HOH A . 
C 3 HOH 8  507 507 HOH HOH A . 
C 3 HOH 9  508 508 HOH HOH A . 
C 3 HOH 10 509 509 HOH HOH A . 
C 3 HOH 11 510 510 HOH HOH A . 
C 3 HOH 12 511 511 HOH HOH A . 
C 3 HOH 13 512 512 HOH HOH A . 
C 3 HOH 14 513 513 HOH HOH A . 
C 3 HOH 15 514 514 HOH HOH A . 
C 3 HOH 16 515 515 HOH HOH A . 
C 3 HOH 17 516 516 HOH HOH A . 
C 3 HOH 18 517 517 HOH HOH A . 
C 3 HOH 19 518 518 HOH HOH A . 
C 3 HOH 20 519 519 HOH HOH A . 
C 3 HOH 21 520 520 HOH HOH A . 
C 3 HOH 22 521 521 HOH HOH A . 
C 3 HOH 23 522 522 HOH HOH A . 
C 3 HOH 24 523 523 HOH HOH A . 
C 3 HOH 25 524 524 HOH HOH A . 
C 3 HOH 26 525 525 HOH HOH A . 
C 3 HOH 27 526 526 HOH HOH A . 
C 3 HOH 28 527 527 HOH HOH A . 
C 3 HOH 29 528 528 HOH HOH A . 
C 3 HOH 30 529 529 HOH HOH A . 
C 3 HOH 31 530 530 HOH HOH A . 
C 3 HOH 32 531 531 HOH HOH A . 
C 3 HOH 33 532 532 HOH HOH A . 
C 3 HOH 34 533 533 HOH HOH A . 
C 3 HOH 35 534 534 HOH HOH A . 
C 3 HOH 36 535 535 HOH HOH A . 
C 3 HOH 37 536 536 HOH HOH A . 
C 3 HOH 38 537 537 HOH HOH A . 
C 3 HOH 39 538 538 HOH HOH A . 
C 3 HOH 40 539 539 HOH HOH A . 
C 3 HOH 41 540 540 HOH HOH A . 
C 3 HOH 42 541 541 HOH HOH A . 
C 3 HOH 43 542 542 HOH HOH A . 
C 3 HOH 44 543 543 HOH HOH A . 
C 3 HOH 45 544 544 HOH HOH A . 
C 3 HOH 46 545 545 HOH HOH A . 
C 3 HOH 47 546 546 HOH HOH A . 
C 3 HOH 48 547 547 HOH HOH A . 
C 3 HOH 49 548 548 HOH HOH A . 
C 3 HOH 50 549 549 HOH HOH A . 
C 3 HOH 51 550 550 HOH HOH A . 
C 3 HOH 52 551 551 HOH HOH A . 
C 3 HOH 53 552 552 HOH HOH A . 
C 3 HOH 54 553 553 HOH HOH A . 
C 3 HOH 55 554 554 HOH HOH A . 
C 3 HOH 56 555 555 HOH HOH A . 
C 3 HOH 57 556 556 HOH HOH A . 
C 3 HOH 58 557 557 HOH HOH A . 
C 3 HOH 59 558 558 HOH HOH A . 
C 3 HOH 60 559 559 HOH HOH A . 
C 3 HOH 61 560 560 HOH HOH A . 
C 3 HOH 62 561 561 HOH HOH A . 
C 3 HOH 63 562 562 HOH HOH A . 
C 3 HOH 64 563 563 HOH HOH A . 
C 3 HOH 65 564 564 HOH HOH A . 
C 3 HOH 66 565 565 HOH HOH A . 
C 3 HOH 67 566 566 HOH HOH A . 
C 3 HOH 68 567 567 HOH HOH A . 
C 3 HOH 69 568 568 HOH HOH A . 
C 3 HOH 70 569 569 HOH HOH A . 
C 3 HOH 71 570 570 HOH HOH A . 
C 3 HOH 72 571 571 HOH HOH A . 
C 3 HOH 73 572 572 HOH HOH A . 
C 3 HOH 74 573 573 HOH HOH A . 
C 3 HOH 75 574 574 HOH HOH A . 
C 3 HOH 76 575 575 HOH HOH A . 
C 3 HOH 77 576 576 HOH HOH A . 
C 3 HOH 78 577 577 HOH HOH A . 
C 3 HOH 79 578 578 HOH HOH A . 
C 3 HOH 80 579 579 HOH HOH A . 
C 3 HOH 81 580 580 HOH HOH A . 
C 3 HOH 82 581 581 HOH HOH A . 
C 3 HOH 83 582 582 HOH HOH A . 
C 3 HOH 84 583 583 HOH HOH A . 
C 3 HOH 85 584 584 HOH HOH A . 
C 3 HOH 86 585 585 HOH HOH A . 
C 3 HOH 87 586 586 HOH HOH A . 
C 3 HOH 88 587 587 HOH HOH A . 
C 3 HOH 89 588 588 HOH HOH A . 
C 3 HOH 90 589 589 HOH HOH A . 
# 
_pdbx_struct_assembly.id                   1 
_pdbx_struct_assembly.details              author_defined_assembly 
_pdbx_struct_assembly.method_details       ? 
_pdbx_struct_assembly.oligomeric_details   monomeric 
_pdbx_struct_assembly.oligomeric_count     1 
# 
_pdbx_struct_assembly_gen.assembly_id       1 
_pdbx_struct_assembly_gen.oper_expression   1 
_pdbx_struct_assembly_gen.asym_id_list      A,B,C 
# 
_pdbx_struct_oper_list.id                   1 
_pdbx_struct_oper_list.type                 'identity operation' 
_pdbx_struct_oper_list.name                 1_555 
_pdbx_struct_oper_list.symmetry_operation   x,y,z 
_pdbx_struct_oper_list.matrix[1][1]         1.0000000000 
_pdbx_struct_oper_list.matrix[1][2]         0.0000000000 
_pdbx_struct_oper_list.matrix[1][3]         0.0000000000 
_pdbx_struct_oper_list.vector[1]            0.0000000000 
_pdbx_struct_oper_list.matrix[2][1]         0.0000000000 
_pdbx_struct_oper_list.matrix[2][2]         1.0000000000 
_pdbx_struct_oper_list.matrix[2][3]         0.0000000000 
_pdbx_struct_oper_list.vector[2]            0.0000000000 
_pdbx_struct_oper_list.matrix[3][1]         0.0000000000 
_pdbx_struct_oper_list.matrix[3][2]         0.0000000000 
_pdbx_struct_oper_list.matrix[3][3]         1.0000000000 
_pdbx_struct_oper_list.vector[3]            0.0000000000 
# 
loop_
_pdbx_audit_revision_history.ordinal 
_pdbx_audit_revision_history.data_content_type 
_pdbx_audit_revision_history.major_revision 
_pdbx_audit_revision_history.minor_revision 
_pdbx_audit_revision_history.revision_date 
1 'Structure model' 1 0 1999-05-20 
2 'Structure model' 1 1 2008-04-26 
3 'Structure model' 1 2 2011-07-13 
4 'Structure model' 1 3 2023-08-16 
# 
_pdbx_audit_revision_details.ordinal             1 
_pdbx_audit_revision_details.revision_ordinal    1 
_pdbx_audit_revision_details.data_content_type   'Structure model' 
_pdbx_audit_revision_details.provider            repository 
_pdbx_audit_revision_details.type                'Initial release' 
_pdbx_audit_revision_details.description         ? 
_pdbx_audit_revision_details.details             ? 
# 
loop_
_pdbx_audit_revision_group.ordinal 
_pdbx_audit_revision_group.revision_ordinal 
_pdbx_audit_revision_group.data_content_type 
_pdbx_audit_revision_group.group 
1 2 'Structure model' 'Version format compliance' 
2 3 'Structure model' 'Source and taxonomy'       
3 3 'Structure model' 'Version format compliance' 
4 4 'Structure model' 'Data collection'           
5 4 'Structure model' 'Database references'       
6 4 'Structure model' 'Derived calculations'      
7 4 'Structure model' 'Refinement description'    
# 
loop_
_pdbx_audit_revision_category.ordinal 
_pdbx_audit_revision_category.revision_ordinal 
_pdbx_audit_revision_category.data_content_type 
_pdbx_audit_revision_category.category 
1 4 'Structure model' chem_comp_atom                
2 4 'Structure model' chem_comp_bond                
3 4 'Structure model' database_2                    
4 4 'Structure model' pdbx_initial_refinement_model 
5 4 'Structure model' struct_site                   
# 
loop_
_pdbx_audit_revision_item.ordinal 
_pdbx_audit_revision_item.revision_ordinal 
_pdbx_audit_revision_item.data_content_type 
_pdbx_audit_revision_item.item 
1 4 'Structure model' '_database_2.pdbx_DOI'                
2 4 'Structure model' '_database_2.pdbx_database_accession' 
3 4 'Structure model' '_struct_site.pdbx_auth_asym_id'      
4 4 'Structure model' '_struct_site.pdbx_auth_comp_id'      
5 4 'Structure model' '_struct_site.pdbx_auth_seq_id'       
# 
loop_
_software.name 
_software.classification 
_software.version 
_software.citation_id 
_software.pdbx_ordinal 
AMoRE  phasing          .            ? 1 
X-PLOR refinement       3.851        ? 2 
MOSFLM 'data reduction' .            ? 3 
CCP4   'data scaling'   '(ROTAVATA)' ? 4 
# 
_pdbx_validate_rmsd_angle.id                         1 
_pdbx_validate_rmsd_angle.PDB_model_num              1 
_pdbx_validate_rmsd_angle.auth_atom_id_1             CA 
_pdbx_validate_rmsd_angle.auth_asym_id_1             A 
_pdbx_validate_rmsd_angle.auth_comp_id_1             LEU 
_pdbx_validate_rmsd_angle.auth_seq_id_1              6 
_pdbx_validate_rmsd_angle.PDB_ins_code_1             ? 
_pdbx_validate_rmsd_angle.label_alt_id_1             ? 
_pdbx_validate_rmsd_angle.auth_atom_id_2             CB 
_pdbx_validate_rmsd_angle.auth_asym_id_2             A 
_pdbx_validate_rmsd_angle.auth_comp_id_2             LEU 
_pdbx_validate_rmsd_angle.auth_seq_id_2              6 
_pdbx_validate_rmsd_angle.PDB_ins_code_2             ? 
_pdbx_validate_rmsd_angle.label_alt_id_2             ? 
_pdbx_validate_rmsd_angle.auth_atom_id_3             CG 
_pdbx_validate_rmsd_angle.auth_asym_id_3             A 
_pdbx_validate_rmsd_angle.auth_comp_id_3             LEU 
_pdbx_validate_rmsd_angle.auth_seq_id_3              6 
_pdbx_validate_rmsd_angle.PDB_ins_code_3             ? 
_pdbx_validate_rmsd_angle.label_alt_id_3             ? 
_pdbx_validate_rmsd_angle.angle_value                129.26 
_pdbx_validate_rmsd_angle.angle_target_value         115.30 
_pdbx_validate_rmsd_angle.angle_deviation            13.96 
_pdbx_validate_rmsd_angle.angle_standard_deviation   2.30 
_pdbx_validate_rmsd_angle.linker_flag                N 
# 
loop_
_pdbx_validate_torsion.id 
_pdbx_validate_torsion.PDB_model_num 
_pdbx_validate_torsion.auth_comp_id 
_pdbx_validate_torsion.auth_asym_id 
_pdbx_validate_torsion.auth_seq_id 
_pdbx_validate_torsion.PDB_ins_code 
_pdbx_validate_torsion.label_alt_id 
_pdbx_validate_torsion.phi 
_pdbx_validate_torsion.psi 
1 1 ILE A 59  ? ? -50.72  -5.78  
2 1 ASN A 97  ? ? -140.26 33.86  
3 1 ASN A 128 ? ? -99.51  -65.74 
4 1 ASN A 135 ? ? 114.30  -57.59 
# 
loop_
_chem_comp_atom.comp_id 
_chem_comp_atom.atom_id 
_chem_comp_atom.type_symbol 
_chem_comp_atom.pdbx_aromatic_flag 
_chem_comp_atom.pdbx_stereo_config 
_chem_comp_atom.pdbx_ordinal 
ALA N    N N N 1   
ALA CA   C N S 2   
ALA C    C N N 3   
ALA O    O N N 4   
ALA CB   C N N 5   
ALA OXT  O N N 6   
ALA H    H N N 7   
ALA H2   H N N 8   
ALA HA   H N N 9   
ALA HB1  H N N 10  
ALA HB2  H N N 11  
ALA HB3  H N N 12  
ALA HXT  H N N 13  
ARG N    N N N 14  
ARG CA   C N S 15  
ARG C    C N N 16  
ARG O    O N N 17  
ARG CB   C N N 18  
ARG CG   C N N 19  
ARG CD   C N N 20  
ARG NE   N N N 21  
ARG CZ   C N N 22  
ARG NH1  N N N 23  
ARG NH2  N N N 24  
ARG OXT  O N N 25  
ARG H    H N N 26  
ARG H2   H N N 27  
ARG HA   H N N 28  
ARG HB2  H N N 29  
ARG HB3  H N N 30  
ARG HG2  H N N 31  
ARG HG3  H N N 32  
ARG HD2  H N N 33  
ARG HD3  H N N 34  
ARG HE   H N N 35  
ARG HH11 H N N 36  
ARG HH12 H N N 37  
ARG HH21 H N N 38  
ARG HH22 H N N 39  
ARG HXT  H N N 40  
ASN N    N N N 41  
ASN CA   C N S 42  
ASN C    C N N 43  
ASN O    O N N 44  
ASN CB   C N N 45  
ASN CG   C N N 46  
ASN OD1  O N N 47  
ASN ND2  N N N 48  
ASN OXT  O N N 49  
ASN H    H N N 50  
ASN H2   H N N 51  
ASN HA   H N N 52  
ASN HB2  H N N 53  
ASN HB3  H N N 54  
ASN HD21 H N N 55  
ASN HD22 H N N 56  
ASN HXT  H N N 57  
ASP N    N N N 58  
ASP CA   C N S 59  
ASP C    C N N 60  
ASP O    O N N 61  
ASP CB   C N N 62  
ASP CG   C N N 63  
ASP OD1  O N N 64  
ASP OD2  O N N 65  
ASP OXT  O N N 66  
ASP H    H N N 67  
ASP H2   H N N 68  
ASP HA   H N N 69  
ASP HB2  H N N 70  
ASP HB3  H N N 71  
ASP HD2  H N N 72  
ASP HXT  H N N 73  
CYS N    N N N 74  
CYS CA   C N R 75  
CYS C    C N N 76  
CYS O    O N N 77  
CYS CB   C N N 78  
CYS SG   S N N 79  
CYS OXT  O N N 80  
CYS H    H N N 81  
CYS H2   H N N 82  
CYS HA   H N N 83  
CYS HB2  H N N 84  
CYS HB3  H N N 85  
CYS HG   H N N 86  
CYS HXT  H N N 87  
GLN N    N N N 88  
GLN CA   C N S 89  
GLN C    C N N 90  
GLN O    O N N 91  
GLN CB   C N N 92  
GLN CG   C N N 93  
GLN CD   C N N 94  
GLN OE1  O N N 95  
GLN NE2  N N N 96  
GLN OXT  O N N 97  
GLN H    H N N 98  
GLN H2   H N N 99  
GLN HA   H N N 100 
GLN HB2  H N N 101 
GLN HB3  H N N 102 
GLN HG2  H N N 103 
GLN HG3  H N N 104 
GLN HE21 H N N 105 
GLN HE22 H N N 106 
GLN HXT  H N N 107 
GLU N    N N N 108 
GLU CA   C N S 109 
GLU C    C N N 110 
GLU O    O N N 111 
GLU CB   C N N 112 
GLU CG   C N N 113 
GLU CD   C N N 114 
GLU OE1  O N N 115 
GLU OE2  O N N 116 
GLU OXT  O N N 117 
GLU H    H N N 118 
GLU H2   H N N 119 
GLU HA   H N N 120 
GLU HB2  H N N 121 
GLU HB3  H N N 122 
GLU HG2  H N N 123 
GLU HG3  H N N 124 
GLU HE2  H N N 125 
GLU HXT  H N N 126 
GLY N    N N N 127 
GLY CA   C N N 128 
GLY C    C N N 129 
GLY O    O N N 130 
GLY OXT  O N N 131 
GLY H    H N N 132 
GLY H2   H N N 133 
GLY HA2  H N N 134 
GLY HA3  H N N 135 
GLY HXT  H N N 136 
HIS N    N N N 137 
HIS CA   C N S 138 
HIS C    C N N 139 
HIS O    O N N 140 
HIS CB   C N N 141 
HIS CG   C Y N 142 
HIS ND1  N Y N 143 
HIS CD2  C Y N 144 
HIS CE1  C Y N 145 
HIS NE2  N Y N 146 
HIS OXT  O N N 147 
HIS H    H N N 148 
HIS H2   H N N 149 
HIS HA   H N N 150 
HIS HB2  H N N 151 
HIS HB3  H N N 152 
HIS HD1  H N N 153 
HIS HD2  H N N 154 
HIS HE1  H N N 155 
HIS HE2  H N N 156 
HIS HXT  H N N 157 
HOH O    O N N 158 
HOH H1   H N N 159 
HOH H2   H N N 160 
ILE N    N N N 161 
ILE CA   C N S 162 
ILE C    C N N 163 
ILE O    O N N 164 
ILE CB   C N S 165 
ILE CG1  C N N 166 
ILE CG2  C N N 167 
ILE CD1  C N N 168 
ILE OXT  O N N 169 
ILE H    H N N 170 
ILE H2   H N N 171 
ILE HA   H N N 172 
ILE HB   H N N 173 
ILE HG12 H N N 174 
ILE HG13 H N N 175 
ILE HG21 H N N 176 
ILE HG22 H N N 177 
ILE HG23 H N N 178 
ILE HD11 H N N 179 
ILE HD12 H N N 180 
ILE HD13 H N N 181 
ILE HXT  H N N 182 
LEU N    N N N 183 
LEU CA   C N S 184 
LEU C    C N N 185 
LEU O    O N N 186 
LEU CB   C N N 187 
LEU CG   C N N 188 
LEU CD1  C N N 189 
LEU CD2  C N N 190 
LEU OXT  O N N 191 
LEU H    H N N 192 
LEU H2   H N N 193 
LEU HA   H N N 194 
LEU HB2  H N N 195 
LEU HB3  H N N 196 
LEU HG   H N N 197 
LEU HD11 H N N 198 
LEU HD12 H N N 199 
LEU HD13 H N N 200 
LEU HD21 H N N 201 
LEU HD22 H N N 202 
LEU HD23 H N N 203 
LEU HXT  H N N 204 
LYS N    N N N 205 
LYS CA   C N S 206 
LYS C    C N N 207 
LYS O    O N N 208 
LYS CB   C N N 209 
LYS CG   C N N 210 
LYS CD   C N N 211 
LYS CE   C N N 212 
LYS NZ   N N N 213 
LYS OXT  O N N 214 
LYS H    H N N 215 
LYS H2   H N N 216 
LYS HA   H N N 217 
LYS HB2  H N N 218 
LYS HB3  H N N 219 
LYS HG2  H N N 220 
LYS HG3  H N N 221 
LYS HD2  H N N 222 
LYS HD3  H N N 223 
LYS HE2  H N N 224 
LYS HE3  H N N 225 
LYS HZ1  H N N 226 
LYS HZ2  H N N 227 
LYS HZ3  H N N 228 
LYS HXT  H N N 229 
PHE N    N N N 230 
PHE CA   C N S 231 
PHE C    C N N 232 
PHE O    O N N 233 
PHE CB   C N N 234 
PHE CG   C Y N 235 
PHE CD1  C Y N 236 
PHE CD2  C Y N 237 
PHE CE1  C Y N 238 
PHE CE2  C Y N 239 
PHE CZ   C Y N 240 
PHE OXT  O N N 241 
PHE H    H N N 242 
PHE H2   H N N 243 
PHE HA   H N N 244 
PHE HB2  H N N 245 
PHE HB3  H N N 246 
PHE HD1  H N N 247 
PHE HD2  H N N 248 
PHE HE1  H N N 249 
PHE HE2  H N N 250 
PHE HZ   H N N 251 
PHE HXT  H N N 252 
PRO N    N N N 253 
PRO CA   C N S 254 
PRO C    C N N 255 
PRO O    O N N 256 
PRO CB   C N N 257 
PRO CG   C N N 258 
PRO CD   C N N 259 
PRO OXT  O N N 260 
PRO H    H N N 261 
PRO HA   H N N 262 
PRO HB2  H N N 263 
PRO HB3  H N N 264 
PRO HG2  H N N 265 
PRO HG3  H N N 266 
PRO HD2  H N N 267 
PRO HD3  H N N 268 
PRO HXT  H N N 269 
SER N    N N N 270 
SER CA   C N S 271 
SER C    C N N 272 
SER O    O N N 273 
SER CB   C N N 274 
SER OG   O N N 275 
SER OXT  O N N 276 
SER H    H N N 277 
SER H2   H N N 278 
SER HA   H N N 279 
SER HB2  H N N 280 
SER HB3  H N N 281 
SER HG   H N N 282 
SER HXT  H N N 283 
SO4 S    S N N 284 
SO4 O1   O N N 285 
SO4 O2   O N N 286 
SO4 O3   O N N 287 
SO4 O4   O N N 288 
THR N    N N N 289 
THR CA   C N S 290 
THR C    C N N 291 
THR O    O N N 292 
THR CB   C N R 293 
THR OG1  O N N 294 
THR CG2  C N N 295 
THR OXT  O N N 296 
THR H    H N N 297 
THR H2   H N N 298 
THR HA   H N N 299 
THR HB   H N N 300 
THR HG1  H N N 301 
THR HG21 H N N 302 
THR HG22 H N N 303 
THR HG23 H N N 304 
THR HXT  H N N 305 
TRP N    N N N 306 
TRP CA   C N S 307 
TRP C    C N N 308 
TRP O    O N N 309 
TRP CB   C N N 310 
TRP CG   C Y N 311 
TRP CD1  C Y N 312 
TRP CD2  C Y N 313 
TRP NE1  N Y N 314 
TRP CE2  C Y N 315 
TRP CE3  C Y N 316 
TRP CZ2  C Y N 317 
TRP CZ3  C Y N 318 
TRP CH2  C Y N 319 
TRP OXT  O N N 320 
TRP H    H N N 321 
TRP H2   H N N 322 
TRP HA   H N N 323 
TRP HB2  H N N 324 
TRP HB3  H N N 325 
TRP HD1  H N N 326 
TRP HE1  H N N 327 
TRP HE3  H N N 328 
TRP HZ2  H N N 329 
TRP HZ3  H N N 330 
TRP HH2  H N N 331 
TRP HXT  H N N 332 
TYR N    N N N 333 
TYR CA   C N S 334 
TYR C    C N N 335 
TYR O    O N N 336 
TYR CB   C N N 337 
TYR CG   C Y N 338 
TYR CD1  C Y N 339 
TYR CD2  C Y N 340 
TYR CE1  C Y N 341 
TYR CE2  C Y N 342 
TYR CZ   C Y N 343 
TYR OH   O N N 344 
TYR OXT  O N N 345 
TYR H    H N N 346 
TYR H2   H N N 347 
TYR HA   H N N 348 
TYR HB2  H N N 349 
TYR HB3  H N N 350 
TYR HD1  H N N 351 
TYR HD2  H N N 352 
TYR HE1  H N N 353 
TYR HE2  H N N 354 
TYR HH   H N N 355 
TYR HXT  H N N 356 
VAL N    N N N 357 
VAL CA   C N S 358 
VAL C    C N N 359 
VAL O    O N N 360 
VAL CB   C N N 361 
VAL CG1  C N N 362 
VAL CG2  C N N 363 
VAL OXT  O N N 364 
VAL H    H N N 365 
VAL H2   H N N 366 
VAL HA   H N N 367 
VAL HB   H N N 368 
VAL HG11 H N N 369 
VAL HG12 H N N 370 
VAL HG13 H N N 371 
VAL HG21 H N N 372 
VAL HG22 H N N 373 
VAL HG23 H N N 374 
VAL HXT  H N N 375 
# 
loop_
_chem_comp_bond.comp_id 
_chem_comp_bond.atom_id_1 
_chem_comp_bond.atom_id_2 
_chem_comp_bond.value_order 
_chem_comp_bond.pdbx_aromatic_flag 
_chem_comp_bond.pdbx_stereo_config 
_chem_comp_bond.pdbx_ordinal 
ALA N   CA   sing N N 1   
ALA N   H    sing N N 2   
ALA N   H2   sing N N 3   
ALA CA  C    sing N N 4   
ALA CA  CB   sing N N 5   
ALA CA  HA   sing N N 6   
ALA C   O    doub N N 7   
ALA C   OXT  sing N N 8   
ALA CB  HB1  sing N N 9   
ALA CB  HB2  sing N N 10  
ALA CB  HB3  sing N N 11  
ALA OXT HXT  sing N N 12  
ARG N   CA   sing N N 13  
ARG N   H    sing N N 14  
ARG N   H2   sing N N 15  
ARG CA  C    sing N N 16  
ARG CA  CB   sing N N 17  
ARG CA  HA   sing N N 18  
ARG C   O    doub N N 19  
ARG C   OXT  sing N N 20  
ARG CB  CG   sing N N 21  
ARG CB  HB2  sing N N 22  
ARG CB  HB3  sing N N 23  
ARG CG  CD   sing N N 24  
ARG CG  HG2  sing N N 25  
ARG CG  HG3  sing N N 26  
ARG CD  NE   sing N N 27  
ARG CD  HD2  sing N N 28  
ARG CD  HD3  sing N N 29  
ARG NE  CZ   sing N N 30  
ARG NE  HE   sing N N 31  
ARG CZ  NH1  sing N N 32  
ARG CZ  NH2  doub N N 33  
ARG NH1 HH11 sing N N 34  
ARG NH1 HH12 sing N N 35  
ARG NH2 HH21 sing N N 36  
ARG NH2 HH22 sing N N 37  
ARG OXT HXT  sing N N 38  
ASN N   CA   sing N N 39  
ASN N   H    sing N N 40  
ASN N   H2   sing N N 41  
ASN CA  C    sing N N 42  
ASN CA  CB   sing N N 43  
ASN CA  HA   sing N N 44  
ASN C   O    doub N N 45  
ASN C   OXT  sing N N 46  
ASN CB  CG   sing N N 47  
ASN CB  HB2  sing N N 48  
ASN CB  HB3  sing N N 49  
ASN CG  OD1  doub N N 50  
ASN CG  ND2  sing N N 51  
ASN ND2 HD21 sing N N 52  
ASN ND2 HD22 sing N N 53  
ASN OXT HXT  sing N N 54  
ASP N   CA   sing N N 55  
ASP N   H    sing N N 56  
ASP N   H2   sing N N 57  
ASP CA  C    sing N N 58  
ASP CA  CB   sing N N 59  
ASP CA  HA   sing N N 60  
ASP C   O    doub N N 61  
ASP C   OXT  sing N N 62  
ASP CB  CG   sing N N 63  
ASP CB  HB2  sing N N 64  
ASP CB  HB3  sing N N 65  
ASP CG  OD1  doub N N 66  
ASP CG  OD2  sing N N 67  
ASP OD2 HD2  sing N N 68  
ASP OXT HXT  sing N N 69  
CYS N   CA   sing N N 70  
CYS N   H    sing N N 71  
CYS N   H2   sing N N 72  
CYS CA  C    sing N N 73  
CYS CA  CB   sing N N 74  
CYS CA  HA   sing N N 75  
CYS C   O    doub N N 76  
CYS C   OXT  sing N N 77  
CYS CB  SG   sing N N 78  
CYS CB  HB2  sing N N 79  
CYS CB  HB3  sing N N 80  
CYS SG  HG   sing N N 81  
CYS OXT HXT  sing N N 82  
GLN N   CA   sing N N 83  
GLN N   H    sing N N 84  
GLN N   H2   sing N N 85  
GLN CA  C    sing N N 86  
GLN CA  CB   sing N N 87  
GLN CA  HA   sing N N 88  
GLN C   O    doub N N 89  
GLN C   OXT  sing N N 90  
GLN CB  CG   sing N N 91  
GLN CB  HB2  sing N N 92  
GLN CB  HB3  sing N N 93  
GLN CG  CD   sing N N 94  
GLN CG  HG2  sing N N 95  
GLN CG  HG3  sing N N 96  
GLN CD  OE1  doub N N 97  
GLN CD  NE2  sing N N 98  
GLN NE2 HE21 sing N N 99  
GLN NE2 HE22 sing N N 100 
GLN OXT HXT  sing N N 101 
GLU N   CA   sing N N 102 
GLU N   H    sing N N 103 
GLU N   H2   sing N N 104 
GLU CA  C    sing N N 105 
GLU CA  CB   sing N N 106 
GLU CA  HA   sing N N 107 
GLU C   O    doub N N 108 
GLU C   OXT  sing N N 109 
GLU CB  CG   sing N N 110 
GLU CB  HB2  sing N N 111 
GLU CB  HB3  sing N N 112 
GLU CG  CD   sing N N 113 
GLU CG  HG2  sing N N 114 
GLU CG  HG3  sing N N 115 
GLU CD  OE1  doub N N 116 
GLU CD  OE2  sing N N 117 
GLU OE2 HE2  sing N N 118 
GLU OXT HXT  sing N N 119 
GLY N   CA   sing N N 120 
GLY N   H    sing N N 121 
GLY N   H2   sing N N 122 
GLY CA  C    sing N N 123 
GLY CA  HA2  sing N N 124 
GLY CA  HA3  sing N N 125 
GLY C   O    doub N N 126 
GLY C   OXT  sing N N 127 
GLY OXT HXT  sing N N 128 
HIS N   CA   sing N N 129 
HIS N   H    sing N N 130 
HIS N   H2   sing N N 131 
HIS CA  C    sing N N 132 
HIS CA  CB   sing N N 133 
HIS CA  HA   sing N N 134 
HIS C   O    doub N N 135 
HIS C   OXT  sing N N 136 
HIS CB  CG   sing N N 137 
HIS CB  HB2  sing N N 138 
HIS CB  HB3  sing N N 139 
HIS CG  ND1  sing Y N 140 
HIS CG  CD2  doub Y N 141 
HIS ND1 CE1  doub Y N 142 
HIS ND1 HD1  sing N N 143 
HIS CD2 NE2  sing Y N 144 
HIS CD2 HD2  sing N N 145 
HIS CE1 NE2  sing Y N 146 
HIS CE1 HE1  sing N N 147 
HIS NE2 HE2  sing N N 148 
HIS OXT HXT  sing N N 149 
HOH O   H1   sing N N 150 
HOH O   H2   sing N N 151 
ILE N   CA   sing N N 152 
ILE N   H    sing N N 153 
ILE N   H2   sing N N 154 
ILE CA  C    sing N N 155 
ILE CA  CB   sing N N 156 
ILE CA  HA   sing N N 157 
ILE C   O    doub N N 158 
ILE C   OXT  sing N N 159 
ILE CB  CG1  sing N N 160 
ILE CB  CG2  sing N N 161 
ILE CB  HB   sing N N 162 
ILE CG1 CD1  sing N N 163 
ILE CG1 HG12 sing N N 164 
ILE CG1 HG13 sing N N 165 
ILE CG2 HG21 sing N N 166 
ILE CG2 HG22 sing N N 167 
ILE CG2 HG23 sing N N 168 
ILE CD1 HD11 sing N N 169 
ILE CD1 HD12 sing N N 170 
ILE CD1 HD13 sing N N 171 
ILE OXT HXT  sing N N 172 
LEU N   CA   sing N N 173 
LEU N   H    sing N N 174 
LEU N   H2   sing N N 175 
LEU CA  C    sing N N 176 
LEU CA  CB   sing N N 177 
LEU CA  HA   sing N N 178 
LEU C   O    doub N N 179 
LEU C   OXT  sing N N 180 
LEU CB  CG   sing N N 181 
LEU CB  HB2  sing N N 182 
LEU CB  HB3  sing N N 183 
LEU CG  CD1  sing N N 184 
LEU CG  CD2  sing N N 185 
LEU CG  HG   sing N N 186 
LEU CD1 HD11 sing N N 187 
LEU CD1 HD12 sing N N 188 
LEU CD1 HD13 sing N N 189 
LEU CD2 HD21 sing N N 190 
LEU CD2 HD22 sing N N 191 
LEU CD2 HD23 sing N N 192 
LEU OXT HXT  sing N N 193 
LYS N   CA   sing N N 194 
LYS N   H    sing N N 195 
LYS N   H2   sing N N 196 
LYS CA  C    sing N N 197 
LYS CA  CB   sing N N 198 
LYS CA  HA   sing N N 199 
LYS C   O    doub N N 200 
LYS C   OXT  sing N N 201 
LYS CB  CG   sing N N 202 
LYS CB  HB2  sing N N 203 
LYS CB  HB3  sing N N 204 
LYS CG  CD   sing N N 205 
LYS CG  HG2  sing N N 206 
LYS CG  HG3  sing N N 207 
LYS CD  CE   sing N N 208 
LYS CD  HD2  sing N N 209 
LYS CD  HD3  sing N N 210 
LYS CE  NZ   sing N N 211 
LYS CE  HE2  sing N N 212 
LYS CE  HE3  sing N N 213 
LYS NZ  HZ1  sing N N 214 
LYS NZ  HZ2  sing N N 215 
LYS NZ  HZ3  sing N N 216 
LYS OXT HXT  sing N N 217 
PHE N   CA   sing N N 218 
PHE N   H    sing N N 219 
PHE N   H2   sing N N 220 
PHE CA  C    sing N N 221 
PHE CA  CB   sing N N 222 
PHE CA  HA   sing N N 223 
PHE C   O    doub N N 224 
PHE C   OXT  sing N N 225 
PHE CB  CG   sing N N 226 
PHE CB  HB2  sing N N 227 
PHE CB  HB3  sing N N 228 
PHE CG  CD1  doub Y N 229 
PHE CG  CD2  sing Y N 230 
PHE CD1 CE1  sing Y N 231 
PHE CD1 HD1  sing N N 232 
PHE CD2 CE2  doub Y N 233 
PHE CD2 HD2  sing N N 234 
PHE CE1 CZ   doub Y N 235 
PHE CE1 HE1  sing N N 236 
PHE CE2 CZ   sing Y N 237 
PHE CE2 HE2  sing N N 238 
PHE CZ  HZ   sing N N 239 
PHE OXT HXT  sing N N 240 
PRO N   CA   sing N N 241 
PRO N   CD   sing N N 242 
PRO N   H    sing N N 243 
PRO CA  C    sing N N 244 
PRO CA  CB   sing N N 245 
PRO CA  HA   sing N N 246 
PRO C   O    doub N N 247 
PRO C   OXT  sing N N 248 
PRO CB  CG   sing N N 249 
PRO CB  HB2  sing N N 250 
PRO CB  HB3  sing N N 251 
PRO CG  CD   sing N N 252 
PRO CG  HG2  sing N N 253 
PRO CG  HG3  sing N N 254 
PRO CD  HD2  sing N N 255 
PRO CD  HD3  sing N N 256 
PRO OXT HXT  sing N N 257 
SER N   CA   sing N N 258 
SER N   H    sing N N 259 
SER N   H2   sing N N 260 
SER CA  C    sing N N 261 
SER CA  CB   sing N N 262 
SER CA  HA   sing N N 263 
SER C   O    doub N N 264 
SER C   OXT  sing N N 265 
SER CB  OG   sing N N 266 
SER CB  HB2  sing N N 267 
SER CB  HB3  sing N N 268 
SER OG  HG   sing N N 269 
SER OXT HXT  sing N N 270 
SO4 S   O1   doub N N 271 
SO4 S   O2   doub N N 272 
SO4 S   O3   sing N N 273 
SO4 S   O4   sing N N 274 
THR N   CA   sing N N 275 
THR N   H    sing N N 276 
THR N   H2   sing N N 277 
THR CA  C    sing N N 278 
THR CA  CB   sing N N 279 
THR CA  HA   sing N N 280 
THR C   O    doub N N 281 
THR C   OXT  sing N N 282 
THR CB  OG1  sing N N 283 
THR CB  CG2  sing N N 284 
THR CB  HB   sing N N 285 
THR OG1 HG1  sing N N 286 
THR CG2 HG21 sing N N 287 
THR CG2 HG22 sing N N 288 
THR CG2 HG23 sing N N 289 
THR OXT HXT  sing N N 290 
TRP N   CA   sing N N 291 
TRP N   H    sing N N 292 
TRP N   H2   sing N N 293 
TRP CA  C    sing N N 294 
TRP CA  CB   sing N N 295 
TRP CA  HA   sing N N 296 
TRP C   O    doub N N 297 
TRP C   OXT  sing N N 298 
TRP CB  CG   sing N N 299 
TRP CB  HB2  sing N N 300 
TRP CB  HB3  sing N N 301 
TRP CG  CD1  doub Y N 302 
TRP CG  CD2  sing Y N 303 
TRP CD1 NE1  sing Y N 304 
TRP CD1 HD1  sing N N 305 
TRP CD2 CE2  doub Y N 306 
TRP CD2 CE3  sing Y N 307 
TRP NE1 CE2  sing Y N 308 
TRP NE1 HE1  sing N N 309 
TRP CE2 CZ2  sing Y N 310 
TRP CE3 CZ3  doub Y N 311 
TRP CE3 HE3  sing N N 312 
TRP CZ2 CH2  doub Y N 313 
TRP CZ2 HZ2  sing N N 314 
TRP CZ3 CH2  sing Y N 315 
TRP CZ3 HZ3  sing N N 316 
TRP CH2 HH2  sing N N 317 
TRP OXT HXT  sing N N 318 
TYR N   CA   sing N N 319 
TYR N   H    sing N N 320 
TYR N   H2   sing N N 321 
TYR CA  C    sing N N 322 
TYR CA  CB   sing N N 323 
TYR CA  HA   sing N N 324 
TYR C   O    doub N N 325 
TYR C   OXT  sing N N 326 
TYR CB  CG   sing N N 327 
TYR CB  HB2  sing N N 328 
TYR CB  HB3  sing N N 329 
TYR CG  CD1  doub Y N 330 
TYR CG  CD2  sing Y N 331 
TYR CD1 CE1  sing Y N 332 
TYR CD1 HD1  sing N N 333 
TYR CD2 CE2  doub Y N 334 
TYR CD2 HD2  sing N N 335 
TYR CE1 CZ   doub Y N 336 
TYR CE1 HE1  sing N N 337 
TYR CE2 CZ   sing Y N 338 
TYR CE2 HE2  sing N N 339 
TYR CZ  OH   sing N N 340 
TYR OH  HH   sing N N 341 
TYR OXT HXT  sing N N 342 
VAL N   CA   sing N N 343 
VAL N   H    sing N N 344 
VAL N   H2   sing N N 345 
VAL CA  C    sing N N 346 
VAL CA  CB   sing N N 347 
VAL CA  HA   sing N N 348 
VAL C   O    doub N N 349 
VAL C   OXT  sing N N 350 
VAL CB  CG1  sing N N 351 
VAL CB  CG2  sing N N 352 
VAL CB  HB   sing N N 353 
VAL CG1 HG11 sing N N 354 
VAL CG1 HG12 sing N N 355 
VAL CG1 HG13 sing N N 356 
VAL CG2 HG21 sing N N 357 
VAL CG2 HG22 sing N N 358 
VAL CG2 HG23 sing N N 359 
VAL OXT HXT  sing N N 360 
# 
loop_
_pdbx_entity_nonpoly.entity_id 
_pdbx_entity_nonpoly.name 
_pdbx_entity_nonpoly.comp_id 
2 'SULFATE ION' SO4 
3 water         HOH 
# 
_pdbx_initial_refinement_model.id               1 
_pdbx_initial_refinement_model.entity_id_list   ? 
_pdbx_initial_refinement_model.type             'experimental model' 
_pdbx_initial_refinement_model.source_name      PDB 
_pdbx_initial_refinement_model.accession_code   1FTG 
_pdbx_initial_refinement_model.details          'PDB ENTRY 1FTG' 
# 
